data_5GX7
#
_entry.id   5GX7
#
_cell.length_a   80.275
_cell.length_b   112.444
_cell.length_c   166.614
_cell.angle_alpha   90.00
_cell.angle_beta   90.00
_cell.angle_gamma   90.00
#
_symmetry.space_group_name_H-M   'P 21 21 21'
#
loop_
_entity.id
_entity.type
_entity.pdbx_description
1 polymer 'Extracellular solute-binding protein family 1'
2 branched '4-deoxy-alpha-L-threo-hex-4-enopyranuronic acid-(1-3)-2-acetamido-2-deoxy-6-O-sulfo-beta-D-galactopyranose'
3 non-polymer 'CALCIUM ION'
4 water water
#
_entity_poly.entity_id   1
_entity_poly.type   'polypeptide(L)'
_entity_poly.pdbx_seq_one_letter_code
;MKKEETTTGPKETTIFAMHLGKALDPNLPVFVKAEKDTNIKLVNVASQNQTDQIQAYNLMLTEGKLPDIVSYELSADLEN
LGIEGGLIPLEDLINQHAPNLKKFFEENPRYKKDAVAVDGHIYMIPNYYDYFNIKVSQGYFIRQDWLEKLGLKEPRTVDE
LYTTLKAFREKDPNGNGKKDEVPFFVRANNVRKVLTSLVDLFKASPIWYEENGMVKYGPAQKEFKHAIKELSKWYKEGLI
DEEIFTRGLESRDYLLSNNLGGATDDWIASTSSYNRNLADKIPGFNLKLVLPYELNGNAKTRHARTTYLGGWGISKDAKD
PVSLIKYFDYWYSVEGRRLWNFGIEGSEYTLVDGKPVFTDKVLKNPDGKTPLAVLREVGAQYRLGAFQDAQYELGWASES
AKAGYKYYMDNDVVLDELPILKYTKEKSKEFVSIDTAMRAVVEEKAQQWILGSGDIDKEWDAYIKRLENLGLSKAEQIQN
EAF
;
_entity_poly.pdbx_strand_id   A,B,C
#
# COMPACT_ATOMS: atom_id res chain seq x y z
N PRO A 10 39.96 -70.48 -8.04
CA PRO A 10 40.07 -69.36 -7.06
C PRO A 10 39.21 -68.12 -7.44
N LYS A 11 38.22 -68.36 -8.34
CA LYS A 11 37.67 -67.39 -9.30
C LYS A 11 37.20 -66.08 -8.66
N GLU A 12 37.81 -65.01 -9.12
CA GLU A 12 37.50 -63.64 -8.76
C GLU A 12 36.41 -63.08 -9.65
N THR A 13 35.63 -62.15 -9.14
CA THR A 13 34.65 -61.43 -9.95
C THR A 13 35.03 -59.95 -9.90
N THR A 14 35.34 -59.36 -11.05
CA THR A 14 35.70 -57.94 -11.03
C THR A 14 34.44 -57.09 -10.96
N ILE A 15 34.57 -55.94 -10.32
CA ILE A 15 33.42 -55.02 -10.23
C ILE A 15 33.96 -53.60 -10.27
N PHE A 16 33.20 -52.68 -10.88
CA PHE A 16 33.38 -51.26 -10.57
C PHE A 16 32.25 -50.83 -9.63
N ALA A 17 32.57 -50.45 -8.39
CA ALA A 17 31.55 -49.99 -7.46
C ALA A 17 32.12 -48.89 -6.56
N MET A 18 31.43 -47.75 -6.54
CA MET A 18 31.72 -46.71 -5.58
C MET A 18 30.40 -46.23 -4.99
N HIS A 19 30.45 -45.64 -3.80
CA HIS A 19 29.26 -45.03 -3.27
C HIS A 19 29.70 -44.05 -2.21
N LEU A 20 29.12 -42.85 -2.25
CA LEU A 20 29.39 -41.81 -1.25
C LEU A 20 30.88 -41.59 -1.17
N GLY A 21 31.51 -41.61 -2.34
CA GLY A 21 32.92 -41.31 -2.42
C GLY A 21 33.83 -42.44 -2.04
N LYS A 22 33.31 -43.65 -1.73
CA LYS A 22 34.19 -44.75 -1.34
C LYS A 22 34.05 -45.94 -2.30
N ALA A 23 35.20 -46.43 -2.83
CA ALA A 23 35.26 -47.70 -3.52
C ALA A 23 34.81 -48.82 -2.60
N LEU A 24 33.94 -49.70 -3.09
CA LEU A 24 33.47 -50.82 -2.28
C LEU A 24 34.66 -51.68 -1.82
N ASP A 25 34.74 -51.95 -0.51
CA ASP A 25 35.72 -52.85 0.09
C ASP A 25 35.00 -54.18 0.32
N PRO A 26 35.29 -55.23 -0.45
CA PRO A 26 34.58 -56.53 -0.23
C PRO A 26 34.96 -57.25 1.05
N ASN A 27 35.92 -56.76 1.82
CA ASN A 27 36.15 -57.35 3.14
C ASN A 27 35.27 -56.77 4.24
N LEU A 28 34.34 -55.85 3.93
CA LEU A 28 33.42 -55.37 4.97
C LEU A 28 32.48 -56.52 5.35
N PRO A 29 32.01 -56.57 6.62
CA PRO A 29 31.24 -57.74 7.09
C PRO A 29 30.12 -58.22 6.18
N VAL A 30 29.33 -57.28 5.62
CA VAL A 30 28.21 -57.63 4.77
C VAL A 30 28.68 -58.39 3.55
N PHE A 31 29.79 -57.96 2.98
CA PHE A 31 30.21 -58.62 1.75
C PHE A 31 30.99 -59.91 2.01
N VAL A 32 31.65 -60.03 3.19
CA VAL A 32 32.19 -61.32 3.62
C VAL A 32 31.06 -62.35 3.73
N LYS A 33 29.91 -61.96 4.32
CA LYS A 33 28.76 -62.88 4.37
C LYS A 33 28.20 -63.22 2.98
N ALA A 34 28.03 -62.22 2.08
CA ALA A 34 27.60 -62.56 0.73
C ALA A 34 28.62 -63.46 0.03
N GLU A 35 29.91 -63.19 0.24
CA GLU A 35 30.94 -64.07 -0.36
C GLU A 35 30.77 -65.53 0.11
N LYS A 36 30.64 -65.73 1.44
CA LYS A 36 30.44 -67.08 1.99
C LYS A 36 29.19 -67.73 1.42
N ASP A 37 28.10 -66.95 1.28
CA ASP A 37 26.81 -67.51 0.89
C ASP A 37 26.70 -67.78 -0.60
N THR A 38 27.37 -66.98 -1.46
CA THR A 38 27.23 -67.07 -2.93
C THR A 38 28.47 -67.65 -3.60
N ASN A 39 29.60 -67.68 -2.90
CA ASN A 39 30.91 -68.01 -3.47
C ASN A 39 31.42 -66.96 -4.46
N ILE A 40 30.87 -65.75 -4.46
CA ILE A 40 31.38 -64.67 -5.31
C ILE A 40 32.41 -63.86 -4.55
N LYS A 41 33.62 -63.81 -5.08
CA LYS A 41 34.69 -63.01 -4.46
C LYS A 41 34.93 -61.79 -5.36
N LEU A 42 34.43 -60.63 -4.92
CA LEU A 42 34.55 -59.39 -5.66
C LEU A 42 35.95 -58.84 -5.56
N VAL A 43 36.47 -58.35 -6.70
CA VAL A 43 37.67 -57.51 -6.76
C VAL A 43 37.29 -56.19 -7.44
N ASN A 44 37.45 -55.07 -6.71
CA ASN A 44 37.06 -53.78 -7.28
C ASN A 44 38.14 -53.30 -8.23
N VAL A 45 37.72 -52.84 -9.41
CA VAL A 45 38.66 -52.12 -10.27
C VAL A 45 38.68 -50.64 -9.99
N ALA A 46 37.78 -50.12 -9.15
CA ALA A 46 37.97 -48.79 -8.60
C ALA A 46 38.98 -48.94 -7.44
N SER A 47 40.07 -48.12 -7.42
CA SER A 47 41.02 -48.35 -6.34
C SER A 47 40.66 -47.50 -5.12
N GLN A 48 41.30 -47.81 -3.99
CA GLN A 48 40.89 -47.23 -2.69
C GLN A 48 41.17 -45.73 -2.60
N ASN A 49 42.07 -45.22 -3.43
CA ASN A 49 42.34 -43.78 -3.41
C ASN A 49 41.33 -42.98 -4.22
N GLN A 50 40.46 -43.63 -4.98
CA GLN A 50 39.52 -42.90 -5.84
C GLN A 50 38.30 -42.49 -5.05
N THR A 51 37.82 -41.26 -5.29
CA THR A 51 36.57 -40.82 -4.64
C THR A 51 35.62 -40.15 -5.57
N ASP A 52 36.07 -39.73 -6.77
CA ASP A 52 35.16 -39.10 -7.72
C ASP A 52 34.55 -40.20 -8.61
N GLN A 53 33.31 -40.58 -8.31
CA GLN A 53 32.65 -41.70 -9.00
C GLN A 53 32.47 -41.42 -10.47
N ILE A 54 32.21 -40.17 -10.85
CA ILE A 54 31.97 -39.84 -12.26
C ILE A 54 33.27 -39.94 -13.07
N GLN A 55 34.35 -39.31 -12.58
CA GLN A 55 35.61 -39.43 -13.32
C GLN A 55 36.14 -40.87 -13.30
N ALA A 56 35.92 -41.59 -12.22
CA ALA A 56 36.36 -42.98 -12.16
C ALA A 56 35.64 -43.84 -13.19
N TYR A 57 34.31 -43.70 -13.26
CA TYR A 57 33.50 -44.42 -14.23
C TYR A 57 33.92 -44.10 -15.65
N ASN A 58 34.01 -42.80 -15.96
CA ASN A 58 34.39 -42.36 -17.29
C ASN A 58 35.74 -42.96 -17.70
N LEU A 59 36.71 -42.93 -16.77
CA LEU A 59 38.01 -43.54 -17.00
C LEU A 59 37.89 -45.06 -17.22
N MET A 60 37.13 -45.73 -16.36
CA MET A 60 36.94 -47.18 -16.48
C MET A 60 36.48 -47.57 -17.86
N LEU A 61 35.60 -46.76 -18.49
CA LEU A 61 35.12 -47.07 -19.84
C LEU A 61 36.26 -47.08 -20.88
N THR A 62 37.34 -46.36 -20.65
CA THR A 62 38.44 -46.39 -21.61
C THR A 62 39.43 -47.52 -21.33
N GLU A 63 39.22 -48.32 -20.28
CA GLU A 63 39.92 -49.59 -20.13
C GLU A 63 39.83 -50.44 -21.37
N GLY A 64 40.60 -51.52 -21.38
CA GLY A 64 40.35 -52.58 -22.36
C GLY A 64 39.01 -53.25 -22.07
N LYS A 65 38.96 -53.91 -20.92
CA LYS A 65 37.80 -54.67 -20.55
C LYS A 65 36.94 -53.89 -19.57
N LEU A 66 35.64 -54.02 -19.73
CA LEU A 66 34.74 -53.72 -18.64
C LEU A 66 34.87 -54.81 -17.57
N PRO A 67 34.76 -54.46 -16.28
CA PRO A 67 34.69 -55.50 -15.24
C PRO A 67 33.42 -56.30 -15.40
N ASP A 68 33.39 -57.46 -14.70
CA ASP A 68 32.25 -58.35 -14.79
C ASP A 68 30.94 -57.63 -14.40
N ILE A 69 30.96 -56.90 -13.27
CA ILE A 69 29.78 -56.16 -12.78
C ILE A 69 30.10 -54.66 -12.85
N VAL A 70 29.16 -53.86 -13.39
CA VAL A 70 29.31 -52.39 -13.50
C VAL A 70 28.19 -51.78 -12.65
N SER A 71 28.55 -51.10 -11.55
CA SER A 71 27.61 -50.34 -10.72
C SER A 71 27.84 -48.85 -10.99
N TYR A 72 26.76 -48.05 -11.06
CA TYR A 72 26.95 -46.61 -11.27
C TYR A 72 25.74 -45.85 -10.73
N GLU A 73 25.98 -44.65 -10.20
CA GLU A 73 24.88 -43.87 -9.64
C GLU A 73 24.05 -43.20 -10.73
N LEU A 74 24.61 -42.95 -11.93
CA LEU A 74 23.92 -42.18 -12.95
C LEU A 74 23.22 -43.18 -13.88
N SER A 75 21.95 -43.42 -13.63
CA SER A 75 21.33 -44.54 -14.31
C SER A 75 21.11 -44.28 -15.79
N ALA A 76 20.90 -43.02 -16.21
CA ALA A 76 20.82 -42.77 -17.65
C ALA A 76 22.12 -43.18 -18.36
N ASP A 77 23.26 -42.95 -17.71
CA ASP A 77 24.52 -43.35 -18.30
C ASP A 77 24.65 -44.84 -18.34
N LEU A 78 24.22 -45.52 -17.25
CA LEU A 78 24.31 -46.95 -17.20
C LEU A 78 23.45 -47.60 -18.27
N GLU A 79 22.22 -47.13 -18.41
CA GLU A 79 21.36 -47.65 -19.47
C GLU A 79 21.93 -47.38 -20.85
N ASN A 80 22.51 -46.20 -21.07
CA ASN A 80 23.22 -46.00 -22.36
C ASN A 80 24.35 -47.04 -22.56
N LEU A 81 25.05 -47.43 -21.49
CA LEU A 81 26.05 -48.51 -21.67
C LEU A 81 25.37 -49.81 -22.12
N GLY A 82 24.17 -50.09 -21.61
CA GLY A 82 23.43 -51.27 -22.07
C GLY A 82 23.04 -51.15 -23.54
N ILE A 83 22.42 -50.03 -23.88
CA ILE A 83 22.01 -49.82 -25.28
C ILE A 83 23.18 -50.00 -26.23
N GLU A 84 24.37 -49.50 -25.85
CA GLU A 84 25.54 -49.61 -26.73
C GLU A 84 26.16 -51.00 -26.74
N GLY A 85 25.64 -51.94 -25.94
CA GLY A 85 26.16 -53.29 -25.89
C GLY A 85 27.20 -53.57 -24.81
N GLY A 86 27.56 -52.58 -23.97
CA GLY A 86 28.53 -52.85 -22.92
C GLY A 86 27.96 -53.68 -21.78
N LEU A 87 26.68 -53.50 -21.49
CA LEU A 87 25.95 -54.28 -20.50
C LEU A 87 25.00 -55.21 -21.26
N ILE A 88 24.85 -56.45 -20.79
CA ILE A 88 24.02 -57.41 -21.52
C ILE A 88 22.57 -57.38 -21.02
N PRO A 89 21.58 -57.74 -21.83
CA PRO A 89 20.20 -57.88 -21.33
C PRO A 89 20.11 -58.90 -20.22
N LEU A 90 19.28 -58.63 -19.20
CA LEU A 90 19.21 -59.54 -18.06
C LEU A 90 17.91 -60.36 -18.01
N GLU A 91 16.91 -60.08 -18.86
CA GLU A 91 15.58 -60.61 -18.57
C GLU A 91 15.51 -62.12 -18.71
N ASP A 92 16.23 -62.71 -19.67
CA ASP A 92 16.24 -64.18 -19.76
C ASP A 92 17.03 -64.79 -18.63
N LEU A 93 18.19 -64.22 -18.29
CA LEU A 93 18.90 -64.70 -17.11
C LEU A 93 18.04 -64.61 -15.87
N ILE A 94 17.28 -63.53 -15.72
CA ILE A 94 16.39 -63.45 -14.54
C ILE A 94 15.34 -64.57 -14.58
N ASN A 95 14.62 -64.66 -15.69
CA ASN A 95 13.54 -65.61 -15.84
C ASN A 95 14.00 -67.03 -15.58
N GLN A 96 15.29 -67.33 -15.75
CA GLN A 96 15.77 -68.69 -15.56
C GLN A 96 16.63 -68.90 -14.32
N HIS A 97 17.28 -67.85 -13.79
CA HIS A 97 18.20 -68.07 -12.68
C HIS A 97 18.05 -67.09 -11.53
N ALA A 98 17.08 -66.20 -11.56
CA ALA A 98 16.93 -65.17 -10.53
C ALA A 98 15.49 -65.19 -10.03
N PRO A 99 15.09 -66.22 -9.25
CA PRO A 99 13.68 -66.33 -8.83
C PRO A 99 13.23 -65.22 -7.89
N ASN A 100 14.12 -64.68 -7.03
CA ASN A 100 13.71 -63.60 -6.13
C ASN A 100 13.42 -62.32 -6.92
N LEU A 101 14.29 -61.99 -7.88
CA LEU A 101 14.07 -60.86 -8.75
C LEU A 101 12.82 -61.04 -9.62
N LYS A 102 12.67 -62.23 -10.21
CA LYS A 102 11.48 -62.51 -10.99
C LYS A 102 10.21 -62.24 -10.19
N LYS A 103 10.18 -62.69 -8.92
CA LYS A 103 9.04 -62.49 -8.02
C LYS A 103 8.88 -61.01 -7.68
N PHE A 104 10.00 -60.33 -7.36
CA PHE A 104 9.94 -58.89 -7.06
C PHE A 104 9.35 -58.09 -8.23
N PHE A 105 9.76 -58.40 -9.47
CA PHE A 105 9.23 -57.69 -10.62
C PHE A 105 7.76 -58.04 -10.88
N GLU A 106 7.36 -59.31 -10.70
CA GLU A 106 5.95 -59.69 -10.84
C GLU A 106 5.07 -58.96 -9.83
N GLU A 107 5.52 -58.87 -8.57
CA GLU A 107 4.80 -58.23 -7.48
C GLU A 107 4.83 -56.69 -7.53
N ASN A 108 5.72 -56.09 -8.35
CA ASN A 108 5.90 -54.63 -8.38
C ASN A 108 6.06 -54.15 -9.79
N PRO A 109 4.98 -54.14 -10.58
CA PRO A 109 5.12 -53.72 -11.99
C PRO A 109 5.65 -52.31 -12.13
N ARG A 110 5.25 -51.41 -11.25
CA ARG A 110 5.76 -50.05 -11.30
C ARG A 110 7.29 -50.04 -11.19
N TYR A 111 7.84 -50.79 -10.22
CA TYR A 111 9.30 -50.90 -10.12
C TYR A 111 9.92 -51.59 -11.33
N LYS A 112 9.20 -52.55 -11.94
CA LYS A 112 9.74 -53.23 -13.12
C LYS A 112 9.93 -52.25 -14.27
N LYS A 113 9.04 -51.27 -14.40
CA LYS A 113 9.17 -50.27 -15.47
C LYS A 113 10.39 -49.35 -15.25
N ASP A 114 10.81 -49.11 -14.01
CA ASP A 114 12.09 -48.43 -13.79
C ASP A 114 13.25 -49.20 -14.38
N ALA A 115 13.14 -50.53 -14.48
CA ALA A 115 14.24 -51.33 -14.99
C ALA A 115 14.17 -51.60 -16.49
N VAL A 116 13.01 -51.48 -17.15
CA VAL A 116 12.92 -51.91 -18.54
C VAL A 116 13.26 -50.72 -19.45
N ALA A 117 14.22 -50.91 -20.36
CA ALA A 117 14.63 -49.84 -21.27
C ALA A 117 13.61 -49.68 -22.40
N VAL A 118 13.76 -48.63 -23.23
CA VAL A 118 12.75 -48.42 -24.26
C VAL A 118 12.72 -49.60 -25.22
N ASP A 119 13.87 -50.24 -25.48
CA ASP A 119 13.88 -51.39 -26.41
C ASP A 119 13.38 -52.69 -25.75
N GLY A 120 12.85 -52.64 -24.52
CA GLY A 120 12.35 -53.82 -23.87
C GLY A 120 13.34 -54.68 -23.11
N HIS A 121 14.65 -54.40 -23.17
CA HIS A 121 15.61 -55.20 -22.38
C HIS A 121 15.78 -54.57 -20.99
N ILE A 122 16.17 -55.39 -20.06
CA ILE A 122 16.58 -54.92 -18.74
C ILE A 122 18.11 -54.92 -18.74
N TYR A 123 18.73 -53.75 -18.67
CA TYR A 123 20.18 -53.71 -18.66
C TYR A 123 20.76 -53.54 -17.26
N MET A 124 19.93 -53.23 -16.28
CA MET A 124 20.46 -52.96 -14.96
C MET A 124 19.37 -53.27 -13.94
N ILE A 125 19.79 -53.70 -12.77
CA ILE A 125 18.93 -53.76 -11.60
C ILE A 125 19.09 -52.44 -10.85
N PRO A 126 18.06 -51.62 -10.73
CA PRO A 126 18.17 -50.39 -9.94
C PRO A 126 18.42 -50.72 -8.46
N ASN A 127 18.98 -49.77 -7.77
CA ASN A 127 18.98 -49.83 -6.31
C ASN A 127 17.76 -49.09 -5.82
N TYR A 128 16.74 -49.82 -5.36
CA TYR A 128 15.43 -49.24 -5.09
C TYR A 128 15.37 -48.71 -3.68
N TYR A 129 14.77 -47.53 -3.55
CA TYR A 129 14.30 -47.07 -2.26
C TYR A 129 12.99 -47.80 -1.90
N ASP A 130 12.64 -47.78 -0.62
CA ASP A 130 11.34 -48.37 -0.24
C ASP A 130 10.27 -47.28 -0.31
N TYR A 131 10.10 -46.84 -1.55
CA TYR A 131 9.43 -45.59 -1.87
C TYR A 131 7.97 -45.57 -1.47
N PHE A 132 7.24 -46.69 -1.62
CA PHE A 132 5.82 -46.64 -1.29
C PHE A 132 5.61 -46.77 0.20
N ASN A 133 6.69 -46.87 0.98
CA ASN A 133 6.59 -46.70 2.40
C ASN A 133 7.13 -45.37 2.91
N ILE A 134 8.25 -44.86 2.40
CA ILE A 134 8.78 -43.56 2.85
C ILE A 134 9.18 -42.82 1.60
N LYS A 135 8.51 -41.69 1.32
CA LYS A 135 8.72 -40.86 0.12
C LYS A 135 9.45 -39.54 0.39
N VAL A 136 9.52 -39.07 1.62
CA VAL A 136 10.20 -37.79 1.85
C VAL A 136 11.69 -38.06 1.91
N SER A 137 12.48 -37.01 1.76
CA SER A 137 13.92 -37.17 1.92
C SER A 137 14.49 -36.05 2.80
N GLN A 138 14.84 -34.89 2.22
CA GLN A 138 15.51 -33.85 2.99
C GLN A 138 14.46 -32.89 3.57
N GLY A 139 14.80 -32.30 4.73
CA GLY A 139 13.96 -31.32 5.37
C GLY A 139 14.87 -30.22 5.87
N TYR A 140 14.25 -29.08 6.21
CA TYR A 140 14.98 -27.93 6.75
C TYR A 140 15.04 -28.04 8.27
N PHE A 141 16.21 -27.76 8.85
CA PHE A 141 16.43 -27.87 10.29
C PHE A 141 17.10 -26.61 10.78
N ILE A 142 16.79 -26.21 12.00
CA ILE A 142 17.36 -25.02 12.62
C ILE A 142 17.68 -25.30 14.08
N ARG A 143 18.67 -24.59 14.61
CA ARG A 143 19.05 -24.76 16.01
C ARG A 143 17.99 -24.00 16.84
N GLN A 144 16.94 -24.72 17.26
CA GLN A 144 15.93 -24.12 18.15
C GLN A 144 16.53 -23.58 19.48
N ASP A 145 17.55 -24.27 20.02
CA ASP A 145 18.19 -23.74 21.23
C ASP A 145 18.90 -22.41 20.97
N TRP A 146 19.47 -22.20 19.77
CA TRP A 146 20.02 -20.89 19.44
C TRP A 146 18.93 -19.82 19.27
N LEU A 147 17.83 -20.15 18.60
CA LEU A 147 16.70 -19.20 18.53
C LEU A 147 16.26 -18.76 19.93
N GLU A 148 16.09 -19.73 20.83
CA GLU A 148 15.67 -19.43 22.20
C GLU A 148 16.71 -18.59 22.94
N LYS A 149 18.00 -18.95 22.83
CA LYS A 149 19.03 -18.17 23.51
C LYS A 149 19.04 -16.71 23.03
N LEU A 150 18.78 -16.47 21.74
CA LEU A 150 18.78 -15.12 21.19
C LEU A 150 17.39 -14.45 21.24
N GLY A 151 16.37 -15.13 21.77
CA GLY A 151 15.03 -14.58 21.91
C GLY A 151 14.25 -14.43 20.62
N LEU A 152 14.51 -15.28 19.61
CA LEU A 152 14.00 -15.11 18.25
C LEU A 152 12.91 -16.13 17.95
N LYS A 153 11.94 -15.76 17.11
CA LYS A 153 10.97 -16.75 16.63
C LYS A 153 11.54 -17.58 15.50
N GLU A 154 10.90 -18.73 15.25
CA GLU A 154 11.27 -19.55 14.11
C GLU A 154 11.05 -18.70 12.87
N PRO A 155 12.08 -18.52 11.98
CA PRO A 155 11.84 -17.80 10.72
C PRO A 155 10.92 -18.61 9.85
N ARG A 156 10.00 -17.94 9.16
CA ARG A 156 9.05 -18.65 8.31
C ARG A 156 9.16 -18.32 6.82
N THR A 157 9.91 -17.28 6.45
CA THR A 157 10.17 -16.94 5.05
C THR A 157 11.67 -16.91 4.80
N VAL A 158 12.04 -16.84 3.52
CA VAL A 158 13.45 -16.81 3.14
C VAL A 158 14.11 -15.54 3.68
N ASP A 159 13.39 -14.42 3.67
CA ASP A 159 13.98 -13.18 4.22
C ASP A 159 14.14 -13.25 5.76
N GLU A 160 13.18 -13.86 6.47
CA GLU A 160 13.37 -14.03 7.92
C GLU A 160 14.52 -14.99 8.20
N LEU A 161 14.66 -16.02 7.38
CA LEU A 161 15.82 -16.90 7.54
C LEU A 161 17.13 -16.11 7.39
N TYR A 162 17.21 -15.24 6.35
CA TYR A 162 18.39 -14.38 6.19
C TYR A 162 18.71 -13.63 7.48
N THR A 163 17.70 -12.95 8.03
CA THR A 163 17.94 -12.16 9.24
C THR A 163 18.36 -13.05 10.41
N THR A 164 17.78 -14.25 10.48
CA THR A 164 18.11 -15.17 11.57
C THR A 164 19.57 -15.65 11.45
N LEU A 165 19.97 -16.02 10.24
CA LEU A 165 21.34 -16.48 9.99
C LEU A 165 22.35 -15.37 10.30
N LYS A 166 22.03 -14.12 9.96
CA LYS A 166 22.88 -12.99 10.32
C LYS A 166 23.07 -12.90 11.84
N ALA A 167 21.97 -13.06 12.60
CA ALA A 167 22.03 -13.02 14.05
C ALA A 167 22.84 -14.18 14.62
N PHE A 168 22.71 -15.39 14.04
CA PHE A 168 23.60 -16.51 14.40
C PHE A 168 25.06 -16.16 14.15
N ARG A 169 25.33 -15.49 13.02
CA ARG A 169 26.70 -15.15 12.68
C ARG A 169 27.24 -14.07 13.61
N GLU A 170 26.42 -13.09 13.96
CA GLU A 170 26.93 -11.91 14.64
C GLU A 170 26.81 -11.97 16.15
N LYS A 171 25.96 -12.84 16.72
CA LYS A 171 25.62 -12.72 18.12
C LYS A 171 26.00 -13.91 18.98
N ASP A 172 26.98 -14.72 18.55
CA ASP A 172 27.64 -15.70 19.42
C ASP A 172 26.63 -16.61 20.14
N PRO A 173 25.70 -17.23 19.40
CA PRO A 173 24.70 -18.07 20.08
C PRO A 173 25.33 -19.28 20.75
N ASN A 174 26.48 -19.77 20.32
CA ASN A 174 27.07 -20.86 21.09
C ASN A 174 27.79 -20.33 22.34
N GLY A 175 27.81 -19.02 22.59
CA GLY A 175 28.20 -18.52 23.92
C GLY A 175 29.68 -18.56 24.22
N ASN A 176 30.56 -18.76 23.25
CA ASN A 176 31.97 -18.96 23.59
C ASN A 176 32.82 -17.71 23.38
N GLY A 177 32.20 -16.56 23.13
CA GLY A 177 32.98 -15.35 22.91
C GLY A 177 33.81 -15.33 21.64
N LYS A 178 33.60 -16.29 20.71
CA LYS A 178 34.33 -16.30 19.44
C LYS A 178 33.34 -16.12 18.29
N LYS A 179 33.78 -15.45 17.22
CA LYS A 179 32.92 -15.30 16.04
C LYS A 179 33.15 -16.52 15.15
N ASP A 180 32.66 -17.67 15.65
CA ASP A 180 32.95 -18.92 14.97
C ASP A 180 31.74 -19.58 14.31
N GLU A 181 30.57 -18.99 14.44
CA GLU A 181 29.37 -19.65 13.95
C GLU A 181 29.33 -19.84 12.43
N VAL A 182 28.83 -20.99 12.03
CA VAL A 182 28.58 -21.28 10.62
C VAL A 182 27.07 -21.37 10.47
N PRO A 183 26.36 -20.27 10.11
CA PRO A 183 24.91 -20.29 10.34
C PRO A 183 24.18 -21.39 9.57
N PHE A 184 24.45 -21.53 8.26
CA PHE A 184 23.80 -22.51 7.41
C PHE A 184 24.89 -23.33 6.71
N PHE A 185 24.73 -24.64 6.70
CA PHE A 185 25.72 -25.55 6.11
C PHE A 185 24.98 -26.66 5.37
N VAL A 186 25.70 -27.42 4.56
CA VAL A 186 25.12 -28.56 3.83
C VAL A 186 26.04 -29.76 4.00
N ARG A 187 25.64 -30.86 3.40
CA ARG A 187 26.40 -32.09 3.43
C ARG A 187 26.24 -32.75 2.06
N ALA A 188 27.37 -32.97 1.37
CA ALA A 188 27.32 -33.37 -0.03
C ALA A 188 28.72 -33.82 -0.43
N ASN A 189 28.78 -34.64 -1.46
CA ASN A 189 30.10 -35.02 -1.90
C ASN A 189 30.41 -34.60 -3.32
N ASN A 190 29.55 -33.77 -3.96
CA ASN A 190 29.92 -33.13 -5.21
C ASN A 190 29.16 -31.81 -5.37
N VAL A 191 29.51 -31.07 -6.43
CA VAL A 191 28.91 -29.75 -6.62
C VAL A 191 27.39 -29.83 -6.80
N ARG A 192 26.90 -30.77 -7.59
CA ARG A 192 25.45 -30.79 -7.78
C ARG A 192 24.74 -30.98 -6.45
N LYS A 193 25.25 -31.87 -5.61
CA LYS A 193 24.58 -32.10 -4.33
C LYS A 193 24.77 -30.93 -3.37
N VAL A 194 25.89 -30.20 -3.49
CA VAL A 194 25.97 -28.95 -2.76
C VAL A 194 24.86 -28.01 -3.22
N LEU A 195 24.71 -27.84 -4.54
CA LEU A 195 23.69 -26.93 -5.02
C LEU A 195 22.26 -27.41 -4.65
N THR A 196 22.05 -28.72 -4.68
CA THR A 196 20.77 -29.34 -4.30
C THR A 196 20.29 -28.83 -2.93
N SER A 197 21.21 -28.75 -1.97
CA SER A 197 20.84 -28.34 -0.61
C SER A 197 20.94 -26.85 -0.38
N LEU A 198 21.26 -26.05 -1.40
CA LEU A 198 21.27 -24.59 -1.28
C LEU A 198 20.17 -23.93 -2.10
N VAL A 199 19.90 -24.38 -3.34
CA VAL A 199 19.02 -23.58 -4.19
C VAL A 199 17.55 -23.89 -3.92
N ASP A 200 17.25 -25.03 -3.29
CA ASP A 200 15.85 -25.34 -3.00
C ASP A 200 15.27 -24.33 -2.00
N LEU A 201 16.11 -23.75 -1.14
CA LEU A 201 15.65 -22.68 -0.27
C LEU A 201 14.88 -21.61 -1.05
N PHE A 202 15.35 -21.34 -2.28
CA PHE A 202 14.82 -20.27 -3.11
C PHE A 202 13.85 -20.78 -4.17
N LYS A 203 13.35 -21.98 -4.00
CA LYS A 203 12.37 -22.56 -4.91
C LYS A 203 13.00 -22.76 -6.27
N ALA A 204 14.30 -23.02 -6.30
CA ALA A 204 14.96 -23.35 -7.58
C ALA A 204 15.37 -24.78 -7.60
N SER A 205 15.92 -25.24 -8.73
CA SER A 205 16.43 -26.62 -8.87
C SER A 205 17.69 -26.66 -9.75
N PRO A 206 18.65 -27.53 -9.44
CA PRO A 206 19.80 -27.71 -10.32
C PRO A 206 19.61 -28.80 -11.38
N ILE A 207 18.41 -29.40 -11.48
CA ILE A 207 18.18 -30.47 -12.43
C ILE A 207 16.92 -30.20 -13.28
N TRP A 208 16.40 -31.23 -13.94
CA TRP A 208 15.14 -31.11 -14.67
C TRP A 208 13.94 -31.27 -13.73
N TYR A 209 12.83 -30.59 -14.03
CA TYR A 209 11.61 -30.69 -13.20
C TYR A 209 10.37 -30.53 -14.09
N GLU A 210 9.21 -30.96 -13.53
CA GLU A 210 7.92 -30.92 -14.22
C GLU A 210 7.17 -29.66 -13.82
N GLU A 211 6.64 -28.98 -14.82
CA GLU A 211 5.74 -27.84 -14.66
C GLU A 211 4.57 -28.05 -15.61
N ASN A 212 3.43 -28.39 -15.04
CA ASN A 212 2.17 -28.53 -15.76
C ASN A 212 2.34 -29.38 -17.02
N GLY A 213 2.82 -30.60 -16.80
CA GLY A 213 2.98 -31.63 -17.80
C GLY A 213 4.09 -31.41 -18.80
N MET A 214 4.96 -30.39 -18.57
CA MET A 214 6.14 -30.08 -19.39
C MET A 214 7.41 -30.23 -18.56
N VAL A 215 8.55 -30.53 -19.20
CA VAL A 215 9.80 -30.75 -18.49
C VAL A 215 10.71 -29.57 -18.82
N LYS A 216 11.33 -28.95 -17.77
CA LYS A 216 12.08 -27.70 -17.86
C LYS A 216 13.41 -27.88 -17.14
N TYR A 217 14.47 -27.19 -17.62
CA TYR A 217 15.76 -27.29 -16.95
C TYR A 217 15.89 -26.18 -15.89
N GLY A 218 15.93 -26.58 -14.61
CA GLY A 218 16.08 -25.72 -13.44
C GLY A 218 17.12 -24.61 -13.57
N PRO A 219 18.36 -24.96 -13.94
CA PRO A 219 19.41 -23.92 -14.02
C PRO A 219 19.18 -22.90 -15.09
N ALA A 220 18.25 -23.11 -16.05
CA ALA A 220 18.00 -22.08 -17.06
C ALA A 220 16.85 -21.15 -16.68
N GLN A 221 16.33 -21.26 -15.45
CA GLN A 221 15.18 -20.48 -14.96
C GLN A 221 15.63 -19.25 -14.15
N LYS A 222 14.79 -18.20 -14.18
CA LYS A 222 15.06 -16.97 -13.41
C LYS A 222 15.06 -17.19 -11.90
N GLU A 223 14.31 -18.18 -11.41
CA GLU A 223 14.42 -18.47 -9.98
C GLU A 223 15.79 -19.05 -9.61
N PHE A 224 16.46 -19.76 -10.54
CA PHE A 224 17.83 -20.21 -10.28
C PHE A 224 18.79 -19.03 -10.23
N LYS A 225 18.61 -18.05 -11.11
CA LYS A 225 19.49 -16.86 -11.05
C LYS A 225 19.33 -16.12 -9.72
N HIS A 226 18.07 -15.97 -9.24
CA HIS A 226 17.83 -15.34 -7.96
C HIS A 226 18.46 -16.14 -6.81
N ALA A 227 18.31 -17.45 -6.82
CA ALA A 227 18.91 -18.29 -5.78
C ALA A 227 20.43 -18.08 -5.72
N ILE A 228 21.09 -18.15 -6.88
CA ILE A 228 22.53 -17.97 -6.92
C ILE A 228 22.91 -16.58 -6.44
N LYS A 229 22.19 -15.55 -6.93
CA LYS A 229 22.57 -14.19 -6.54
C LYS A 229 22.41 -14.01 -5.03
N GLU A 230 21.35 -14.59 -4.45
CA GLU A 230 21.18 -14.51 -3.01
C GLU A 230 22.28 -15.26 -2.27
N LEU A 231 22.57 -16.48 -2.73
CA LEU A 231 23.61 -17.30 -2.10
C LEU A 231 24.95 -16.54 -2.13
N SER A 232 25.22 -15.83 -3.23
CA SER A 232 26.48 -15.10 -3.34
C SER A 232 26.54 -14.03 -2.27
N LYS A 233 25.41 -13.33 -2.04
CA LYS A 233 25.37 -12.32 -0.96
C LYS A 233 25.46 -13.00 0.40
N TRP A 234 24.78 -14.12 0.59
CA TRP A 234 24.88 -14.81 1.88
C TRP A 234 26.29 -15.34 2.11
N TYR A 235 26.92 -15.85 1.06
CA TYR A 235 28.31 -16.28 1.16
C TYR A 235 29.22 -15.12 1.59
N LYS A 236 29.10 -13.96 0.93
CA LYS A 236 29.99 -12.86 1.31
C LYS A 236 29.82 -12.49 2.78
N GLU A 237 28.59 -12.56 3.32
CA GLU A 237 28.38 -12.13 4.70
C GLU A 237 28.66 -13.27 5.70
N GLY A 238 29.20 -14.40 5.27
CA GLY A 238 29.47 -15.51 6.22
C GLY A 238 28.25 -16.24 6.77
N LEU A 239 27.11 -16.14 6.08
CA LEU A 239 25.89 -16.82 6.54
C LEU A 239 25.79 -18.27 6.08
N ILE A 240 26.40 -18.61 4.94
CA ILE A 240 26.56 -20.00 4.54
C ILE A 240 28.04 -20.33 4.68
N ASP A 241 28.33 -21.55 5.11
CA ASP A 241 29.68 -22.04 5.31
C ASP A 241 30.62 -21.60 4.18
N GLU A 242 31.74 -20.92 4.52
CA GLU A 242 32.68 -20.57 3.46
C GLU A 242 33.24 -21.80 2.74
N GLU A 243 33.19 -22.98 3.38
CA GLU A 243 33.70 -24.20 2.76
C GLU A 243 32.60 -25.07 2.18
N ILE A 244 31.45 -24.48 1.81
CA ILE A 244 30.31 -25.28 1.30
C ILE A 244 30.76 -26.30 0.26
N PHE A 245 31.61 -25.89 -0.68
CA PHE A 245 31.88 -26.80 -1.79
C PHE A 245 33.00 -27.77 -1.50
N THR A 246 33.83 -27.52 -0.46
CA THR A 246 34.95 -28.43 -0.23
C THR A 246 34.88 -29.25 1.05
N ARG A 247 33.96 -28.93 1.96
CA ARG A 247 34.00 -29.61 3.27
C ARG A 247 33.70 -31.11 3.16
N GLY A 248 32.90 -31.56 2.19
CA GLY A 248 32.69 -32.98 2.02
C GLY A 248 31.72 -33.58 3.03
N LEU A 249 31.66 -34.93 3.05
CA LEU A 249 30.53 -35.60 3.72
C LEU A 249 30.59 -35.56 5.24
N GLU A 250 31.72 -35.16 5.83
CA GLU A 250 31.83 -35.00 7.26
C GLU A 250 31.43 -33.62 7.76
N SER A 251 31.03 -32.72 6.86
CA SER A 251 30.60 -31.39 7.25
C SER A 251 29.64 -31.38 8.43
N ARG A 252 28.55 -32.14 8.32
CA ARG A 252 27.50 -32.11 9.34
C ARG A 252 28.02 -32.61 10.67
N ASP A 253 28.74 -33.75 10.66
CA ASP A 253 29.29 -34.29 11.91
C ASP A 253 30.19 -33.28 12.55
N TYR A 254 31.11 -32.69 11.75
CA TYR A 254 32.05 -31.69 12.27
C TYR A 254 31.32 -30.43 12.75
N LEU A 255 30.42 -29.87 11.95
CA LEU A 255 29.86 -28.57 12.34
C LEU A 255 28.93 -28.72 13.52
N LEU A 256 28.17 -29.81 13.56
CA LEU A 256 27.26 -29.95 14.68
C LEU A 256 28.01 -30.32 15.94
N SER A 257 28.94 -31.28 15.85
CA SER A 257 29.57 -31.77 17.08
C SER A 257 30.49 -30.72 17.69
N ASN A 258 31.00 -29.76 16.89
CA ASN A 258 31.74 -28.65 17.47
C ASN A 258 30.86 -27.48 17.81
N ASN A 259 29.54 -27.65 17.78
CA ASN A 259 28.62 -26.55 18.10
C ASN A 259 28.86 -25.28 17.26
N LEU A 260 29.13 -25.44 15.96
CA LEU A 260 29.30 -24.30 15.03
C LEU A 260 28.12 -24.09 14.09
N GLY A 261 27.39 -25.16 13.76
CA GLY A 261 26.34 -25.10 12.71
C GLY A 261 24.96 -24.71 13.26
N GLY A 262 24.28 -23.84 12.53
CA GLY A 262 22.99 -23.32 13.00
C GLY A 262 21.79 -23.83 12.26
N ALA A 263 21.98 -24.33 11.03
CA ALA A 263 20.80 -24.64 10.24
C ALA A 263 21.26 -25.43 9.03
N THR A 264 20.36 -26.24 8.46
CA THR A 264 20.81 -27.00 7.28
C THR A 264 19.59 -27.49 6.53
N ASP A 265 19.82 -28.15 5.41
CA ASP A 265 18.79 -28.80 4.60
C ASP A 265 19.37 -30.19 4.30
N ASP A 266 18.76 -31.24 4.89
CA ASP A 266 19.39 -32.55 4.80
C ASP A 266 18.38 -33.68 5.11
N TRP A 267 18.80 -34.93 4.87
CA TRP A 267 17.90 -36.08 5.05
C TRP A 267 17.32 -36.09 6.47
N ILE A 268 16.04 -36.38 6.56
CA ILE A 268 15.35 -36.13 7.81
C ILE A 268 15.79 -37.11 8.91
N ALA A 269 15.81 -38.42 8.61
CA ALA A 269 16.08 -39.35 9.71
C ALA A 269 17.50 -39.14 10.28
N SER A 270 18.51 -39.11 9.43
CA SER A 270 19.86 -38.99 10.00
C SER A 270 20.12 -37.60 10.60
N THR A 271 19.54 -36.55 10.05
CA THR A 271 19.75 -35.23 10.67
C THR A 271 19.03 -35.13 12.03
N SER A 272 17.87 -35.78 12.16
CA SER A 272 17.14 -35.86 13.43
C SER A 272 17.88 -36.68 14.50
N SER A 273 18.84 -37.53 14.11
CA SER A 273 19.59 -38.35 15.07
C SER A 273 20.54 -37.53 15.94
N TYR A 274 20.86 -36.30 15.55
CA TYR A 274 21.85 -35.54 16.33
C TYR A 274 21.33 -35.06 17.70
N ASN A 275 20.04 -34.83 17.89
CA ASN A 275 19.62 -34.41 19.25
C ASN A 275 20.07 -35.41 20.32
N ARG A 276 19.78 -36.69 20.09
CA ARG A 276 20.21 -37.72 21.05
C ARG A 276 21.71 -37.87 21.03
N ASN A 277 22.30 -37.78 19.86
CA ASN A 277 23.70 -38.07 19.75
C ASN A 277 24.55 -37.02 20.47
N LEU A 278 24.16 -35.75 20.42
CA LEU A 278 24.91 -34.69 21.06
C LEU A 278 24.32 -34.24 22.38
N ALA A 279 23.37 -35.00 22.96
CA ALA A 279 22.63 -34.50 24.11
C ALA A 279 23.54 -34.18 25.29
N ASP A 280 24.60 -34.95 25.50
CA ASP A 280 25.50 -34.71 26.63
C ASP A 280 26.60 -33.73 26.26
N LYS A 281 27.11 -33.84 25.05
CA LYS A 281 28.23 -33.02 24.63
C LYS A 281 27.86 -31.53 24.52
N ILE A 282 26.65 -31.25 24.04
CA ILE A 282 26.14 -29.88 23.95
C ILE A 282 24.80 -29.76 24.66
N PRO A 283 24.79 -29.42 25.97
CA PRO A 283 23.51 -29.39 26.71
C PRO A 283 22.50 -28.44 26.05
N GLY A 284 21.29 -28.94 25.87
CA GLY A 284 20.25 -28.16 25.27
C GLY A 284 20.24 -28.18 23.74
N PHE A 285 21.20 -28.85 23.11
CA PHE A 285 21.24 -28.96 21.64
C PHE A 285 19.86 -29.35 21.11
N ASN A 286 19.33 -28.57 20.16
CA ASN A 286 18.00 -28.94 19.63
C ASN A 286 17.98 -28.53 18.15
N LEU A 287 18.35 -29.47 17.27
CA LEU A 287 18.32 -29.20 15.84
C LEU A 287 16.99 -29.71 15.35
N LYS A 288 16.09 -28.79 14.99
CA LYS A 288 14.66 -29.08 14.88
C LYS A 288 14.17 -28.88 13.45
N LEU A 289 13.34 -29.82 12.97
CA LEU A 289 12.75 -29.76 11.63
C LEU A 289 11.74 -28.62 11.57
N VAL A 290 11.77 -27.84 10.48
CA VAL A 290 10.77 -26.82 10.20
C VAL A 290 10.27 -27.06 8.78
N LEU A 291 9.03 -26.63 8.55
CA LEU A 291 8.54 -26.69 7.18
C LEU A 291 9.37 -25.77 6.26
N PRO A 292 9.47 -26.10 4.99
CA PRO A 292 10.29 -25.25 4.08
C PRO A 292 9.90 -23.79 4.24
N TYR A 293 10.90 -22.92 4.31
CA TYR A 293 10.62 -21.49 4.41
C TYR A 293 9.85 -21.02 3.18
N GLU A 294 8.88 -20.11 3.42
CA GLU A 294 8.03 -19.63 2.33
C GLU A 294 8.77 -18.56 1.54
N LEU A 295 8.56 -18.56 0.23
CA LEU A 295 9.08 -17.50 -0.61
C LEU A 295 7.84 -16.88 -1.25
N ASN A 296 7.45 -15.67 -0.80
CA ASN A 296 6.25 -15.02 -1.34
C ASN A 296 5.08 -16.01 -1.41
N GLY A 297 4.85 -16.72 -0.29
CA GLY A 297 3.73 -17.63 -0.15
C GLY A 297 3.97 -19.02 -0.73
N ASN A 298 5.09 -19.25 -1.41
CA ASN A 298 5.38 -20.57 -1.96
C ASN A 298 5.96 -21.43 -0.83
N ALA A 299 5.21 -22.45 -0.42
CA ALA A 299 5.59 -23.26 0.75
C ALA A 299 6.29 -24.56 0.38
N LYS A 300 6.53 -24.82 -0.93
CA LYS A 300 6.91 -26.13 -1.45
C LYS A 300 8.41 -26.37 -1.43
N THR A 301 8.77 -27.64 -1.30
CA THR A 301 10.13 -28.09 -1.53
C THR A 301 10.15 -29.15 -2.63
N ARG A 302 11.24 -29.21 -3.39
CA ARG A 302 11.40 -30.28 -4.35
C ARG A 302 12.25 -31.43 -3.80
N HIS A 303 12.59 -31.43 -2.52
CA HIS A 303 13.24 -32.60 -1.92
C HIS A 303 12.21 -33.72 -1.74
N ALA A 304 12.33 -34.78 -2.57
CA ALA A 304 11.54 -36.00 -2.44
C ALA A 304 12.41 -37.20 -2.80
N ARG A 305 12.11 -38.35 -2.22
CA ARG A 305 12.85 -39.54 -2.59
C ARG A 305 12.46 -39.93 -4.02
N THR A 306 13.42 -40.41 -4.82
CA THR A 306 13.06 -41.05 -6.08
C THR A 306 12.70 -42.49 -5.81
N THR A 307 12.19 -43.22 -6.84
CA THR A 307 11.90 -44.63 -6.61
C THR A 307 13.17 -45.47 -6.51
N TYR A 308 14.23 -45.03 -7.19
CA TYR A 308 15.50 -45.75 -7.13
C TYR A 308 16.62 -44.73 -7.35
N LEU A 309 17.85 -45.18 -7.11
CA LEU A 309 19.09 -44.39 -7.38
C LEU A 309 20.09 -45.36 -7.98
N GLY A 310 20.51 -45.09 -9.26
CA GLY A 310 21.63 -45.88 -9.81
C GLY A 310 21.23 -47.33 -9.98
N GLY A 311 22.23 -48.20 -10.16
CA GLY A 311 21.94 -49.61 -10.40
C GLY A 311 23.21 -50.36 -10.77
N TRP A 312 23.05 -51.63 -11.13
CA TRP A 312 24.24 -52.32 -11.64
C TRP A 312 23.81 -53.34 -12.67
N GLY A 313 24.75 -53.66 -13.57
CA GLY A 313 24.53 -54.55 -14.67
C GLY A 313 25.77 -55.44 -14.86
N ILE A 314 25.63 -56.38 -15.79
CA ILE A 314 26.64 -57.39 -16.07
C ILE A 314 27.23 -57.06 -17.41
N SER A 315 28.57 -57.01 -17.47
CA SER A 315 29.14 -56.42 -18.66
C SER A 315 29.23 -57.48 -19.75
N LYS A 316 29.35 -57.00 -20.98
CA LYS A 316 29.58 -57.89 -22.11
C LYS A 316 30.84 -58.71 -21.95
N ASP A 317 31.77 -58.31 -21.09
CA ASP A 317 33.01 -59.06 -21.00
C ASP A 317 33.01 -60.12 -19.89
N ALA A 318 31.93 -60.22 -19.07
CA ALA A 318 31.90 -61.22 -17.98
C ALA A 318 31.94 -62.65 -18.55
N LYS A 319 32.86 -63.44 -18.04
CA LYS A 319 32.94 -64.83 -18.49
C LYS A 319 31.70 -65.63 -18.06
N ASP A 320 31.13 -65.35 -16.87
CA ASP A 320 30.12 -66.22 -16.29
C ASP A 320 28.87 -65.46 -15.88
N PRO A 321 28.06 -65.00 -16.82
CA PRO A 321 26.88 -64.23 -16.43
C PRO A 321 25.89 -64.99 -15.59
N VAL A 322 25.81 -66.31 -15.67
CA VAL A 322 24.82 -67.01 -14.82
C VAL A 322 25.18 -66.91 -13.34
N SER A 323 26.43 -67.15 -12.95
CA SER A 323 26.72 -67.00 -11.52
C SER A 323 26.54 -65.55 -11.04
N LEU A 324 26.70 -64.54 -11.95
CA LEU A 324 26.52 -63.12 -11.59
C LEU A 324 25.05 -62.77 -11.39
N ILE A 325 24.14 -63.29 -12.23
CA ILE A 325 22.74 -62.98 -11.99
C ILE A 325 22.30 -63.64 -10.70
N LYS A 326 22.89 -64.78 -10.32
CA LYS A 326 22.56 -65.37 -9.01
C LYS A 326 23.05 -64.46 -7.89
N TYR A 327 24.20 -63.79 -8.10
CA TYR A 327 24.65 -62.82 -7.11
C TYR A 327 23.66 -61.66 -7.00
N PHE A 328 23.21 -61.10 -8.14
CA PHE A 328 22.18 -60.05 -8.12
C PHE A 328 20.93 -60.50 -7.35
N ASP A 329 20.57 -61.77 -7.51
CA ASP A 329 19.33 -62.30 -6.93
C ASP A 329 19.45 -62.49 -5.44
N TYR A 330 20.66 -62.74 -4.95
CA TYR A 330 20.83 -63.05 -3.53
C TYR A 330 20.30 -61.91 -2.67
N TRP A 331 20.40 -60.69 -3.18
CA TRP A 331 20.06 -59.49 -2.43
C TRP A 331 18.56 -59.30 -2.32
N TYR A 332 17.79 -60.12 -3.07
CA TYR A 332 16.33 -60.11 -3.05
C TYR A 332 15.66 -61.28 -2.32
N SER A 333 16.41 -62.22 -1.75
CA SER A 333 15.85 -63.18 -0.81
C SER A 333 15.54 -62.50 0.51
N VAL A 334 14.67 -63.12 1.30
CA VAL A 334 14.36 -62.53 2.61
C VAL A 334 15.66 -62.25 3.37
N GLU A 335 16.60 -63.21 3.35
CA GLU A 335 17.85 -63.07 4.13
C GLU A 335 18.83 -62.07 3.48
N GLY A 336 19.00 -62.12 2.15
CA GLY A 336 19.94 -61.21 1.52
C GLY A 336 19.48 -59.76 1.62
N ARG A 337 18.17 -59.53 1.48
CA ARG A 337 17.68 -58.15 1.62
C ARG A 337 17.83 -57.69 3.08
N ARG A 338 17.60 -58.61 4.05
CA ARG A 338 17.87 -58.25 5.45
C ARG A 338 19.36 -57.96 5.68
N LEU A 339 20.26 -58.79 5.14
CA LEU A 339 21.69 -58.48 5.26
C LEU A 339 22.03 -57.08 4.73
N TRP A 340 21.61 -56.77 3.50
CA TRP A 340 21.95 -55.49 2.89
C TRP A 340 21.45 -54.33 3.72
N ASN A 341 20.26 -54.45 4.29
CA ASN A 341 19.61 -53.33 4.98
C ASN A 341 20.09 -53.16 6.42
N PHE A 342 20.35 -54.27 7.14
CA PHE A 342 20.50 -54.22 8.58
C PHE A 342 21.90 -54.62 9.03
N GLY A 343 22.72 -55.23 8.15
CA GLY A 343 24.04 -55.67 8.57
C GLY A 343 24.00 -57.09 9.17
N ILE A 344 24.81 -57.40 10.19
CA ILE A 344 25.05 -58.80 10.61
C ILE A 344 24.29 -59.12 11.90
N GLU A 345 23.60 -60.25 11.88
CA GLU A 345 22.90 -60.67 13.09
C GLU A 345 23.90 -60.93 14.24
N GLY A 346 23.51 -60.49 15.45
CA GLY A 346 24.41 -60.54 16.59
C GLY A 346 25.47 -59.45 16.62
N SER A 347 25.54 -58.56 15.64
CA SER A 347 26.48 -57.43 15.68
C SER A 347 25.71 -56.14 15.53
N GLU A 348 24.98 -55.98 14.43
CA GLU A 348 24.18 -54.79 14.23
C GLU A 348 22.76 -54.94 14.75
N TYR A 349 22.20 -56.16 14.79
CA TYR A 349 20.81 -56.35 15.21
C TYR A 349 20.67 -57.75 15.80
N THR A 350 19.55 -57.99 16.48
CA THR A 350 19.17 -59.35 16.84
C THR A 350 17.73 -59.56 16.44
N LEU A 351 17.34 -60.80 16.28
CA LEU A 351 15.93 -61.07 15.99
C LEU A 351 15.12 -61.10 17.29
N VAL A 352 14.09 -60.27 17.35
CA VAL A 352 13.08 -60.26 18.41
C VAL A 352 11.77 -60.52 17.69
N ASP A 353 11.19 -61.72 17.91
CA ASP A 353 9.95 -62.17 17.30
C ASP A 353 10.04 -62.25 15.78
N GLY A 354 11.19 -62.72 15.29
CA GLY A 354 11.40 -62.83 13.86
C GLY A 354 11.75 -61.53 13.15
N LYS A 355 11.88 -60.41 13.86
CA LYS A 355 12.13 -59.14 13.19
C LYS A 355 13.34 -58.45 13.83
N PRO A 356 14.13 -57.72 13.03
CA PRO A 356 15.39 -57.18 13.57
C PRO A 356 15.14 -55.98 14.47
N VAL A 357 15.86 -55.95 15.58
CA VAL A 357 15.96 -54.80 16.47
C VAL A 357 17.45 -54.45 16.57
N PHE A 358 17.83 -53.21 16.23
CA PHE A 358 19.24 -52.87 16.26
C PHE A 358 19.80 -52.94 17.67
N THR A 359 21.10 -53.17 17.77
CA THR A 359 21.82 -53.22 19.03
C THR A 359 22.26 -51.81 19.40
N ASP A 360 22.83 -51.66 20.60
CA ASP A 360 23.40 -50.35 20.99
C ASP A 360 24.57 -49.93 20.11
N LYS A 361 25.26 -50.88 19.45
CA LYS A 361 26.36 -50.53 18.57
C LYS A 361 25.89 -49.58 17.46
N VAL A 362 24.68 -49.79 16.99
CA VAL A 362 24.07 -48.95 15.97
C VAL A 362 23.32 -47.79 16.61
N LEU A 363 22.52 -48.04 17.67
CA LEU A 363 21.58 -47.03 18.17
C LEU A 363 22.22 -46.00 19.08
N LYS A 364 23.30 -46.37 19.79
CA LYS A 364 23.94 -45.48 20.79
C LYS A 364 25.45 -45.56 20.59
N ASN A 365 25.89 -45.10 19.43
CA ASN A 365 27.31 -45.14 19.10
C ASN A 365 28.08 -44.28 20.08
N PRO A 366 29.05 -44.86 20.78
CA PRO A 366 29.90 -44.11 21.72
C PRO A 366 30.52 -42.80 21.19
N ASP A 367 30.82 -42.67 19.89
CA ASP A 367 31.61 -41.54 19.43
C ASP A 367 30.86 -40.59 18.52
N GLY A 368 29.54 -40.57 18.65
CA GLY A 368 28.73 -39.57 18.03
C GLY A 368 28.27 -39.90 16.62
N LYS A 369 28.39 -41.16 16.18
CA LYS A 369 28.06 -41.50 14.81
C LYS A 369 26.55 -41.69 14.67
N THR A 370 26.04 -41.31 13.49
CA THR A 370 24.68 -41.57 13.11
C THR A 370 24.47 -43.11 13.15
N PRO A 371 23.28 -43.58 13.45
CA PRO A 371 23.05 -45.03 13.26
C PRO A 371 23.36 -45.42 11.81
N LEU A 372 22.96 -44.59 10.85
CA LEU A 372 23.24 -44.89 9.45
C LEU A 372 24.74 -44.94 9.19
N ALA A 373 25.49 -44.02 9.79
CA ALA A 373 26.94 -44.04 9.61
C ALA A 373 27.54 -45.37 10.10
N VAL A 374 27.05 -45.89 11.24
CA VAL A 374 27.56 -47.16 11.75
C VAL A 374 27.21 -48.29 10.79
N LEU A 375 25.96 -48.31 10.32
CA LEU A 375 25.53 -49.32 9.38
C LEU A 375 26.37 -49.28 8.10
N ARG A 376 26.69 -48.07 7.59
CA ARG A 376 27.49 -48.04 6.38
C ARG A 376 28.89 -48.55 6.64
N GLU A 377 29.42 -48.37 7.87
CA GLU A 377 30.75 -48.88 8.18
C GLU A 377 30.83 -50.41 8.13
N VAL A 378 29.72 -51.14 8.27
CA VAL A 378 29.78 -52.59 8.11
C VAL A 378 29.39 -53.01 6.71
N GLY A 379 29.07 -52.05 5.82
CA GLY A 379 28.70 -52.40 4.48
C GLY A 379 27.21 -52.45 4.26
N ALA A 380 26.37 -52.14 5.26
CA ALA A 380 24.93 -52.11 5.03
C ALA A 380 24.61 -50.87 4.23
N GLN A 381 23.48 -50.88 3.53
CA GLN A 381 23.01 -49.70 2.77
C GLN A 381 23.98 -49.27 1.63
N TYR A 382 24.86 -50.16 1.15
CA TYR A 382 25.82 -49.78 0.11
C TYR A 382 25.07 -49.84 -1.22
N ARG A 383 24.87 -48.70 -1.84
CA ARG A 383 24.11 -48.59 -3.07
C ARG A 383 24.69 -49.46 -4.16
N LEU A 384 23.88 -50.41 -4.65
CA LEU A 384 24.32 -51.26 -5.74
C LEU A 384 23.13 -51.44 -6.65
N GLY A 385 22.43 -52.58 -6.52
CA GLY A 385 21.14 -52.83 -7.17
C GLY A 385 20.23 -53.58 -6.24
N ALA A 386 20.13 -53.11 -4.99
CA ALA A 386 19.37 -53.79 -3.94
C ALA A 386 18.04 -53.10 -3.70
N PHE A 387 17.27 -53.63 -2.73
CA PHE A 387 15.91 -53.15 -2.50
C PHE A 387 15.86 -52.68 -1.05
N GLN A 388 15.79 -51.38 -0.84
CA GLN A 388 15.79 -50.89 0.52
C GLN A 388 14.50 -51.37 1.23
N ASP A 389 14.59 -51.57 2.53
CA ASP A 389 13.45 -51.94 3.36
C ASP A 389 13.20 -50.82 4.37
N ALA A 390 12.06 -50.11 4.25
CA ALA A 390 11.77 -49.05 5.22
C ALA A 390 11.89 -49.50 6.69
N GLN A 391 11.64 -50.78 7.01
CA GLN A 391 11.80 -51.16 8.41
C GLN A 391 13.21 -50.91 8.92
N TYR A 392 14.21 -50.91 8.05
CA TYR A 392 15.54 -50.65 8.59
C TYR A 392 15.61 -49.21 9.06
N GLU A 393 15.04 -48.30 8.28
CA GLU A 393 15.06 -46.88 8.64
C GLU A 393 14.20 -46.62 9.87
N LEU A 394 12.99 -47.19 9.91
CA LEU A 394 12.16 -47.09 11.12
C LEU A 394 12.84 -47.69 12.36
N GLY A 395 13.79 -48.64 12.18
CA GLY A 395 14.40 -49.29 13.33
C GLY A 395 15.41 -48.44 14.08
N TRP A 396 15.96 -47.41 13.42
CA TRP A 396 16.84 -46.47 14.10
C TRP A 396 16.33 -45.02 14.08
N ALA A 397 15.35 -44.69 13.26
CA ALA A 397 14.80 -43.33 13.25
C ALA A 397 14.25 -42.89 14.62
N SER A 398 14.54 -41.66 15.02
CA SER A 398 13.99 -41.17 16.29
C SER A 398 12.49 -40.96 16.17
N GLU A 399 11.84 -40.79 17.32
CA GLU A 399 10.44 -40.36 17.27
C GLU A 399 10.30 -39.01 16.59
N SER A 400 11.29 -38.11 16.79
CA SER A 400 11.18 -36.83 16.07
C SER A 400 11.35 -36.99 14.56
N ALA A 401 12.18 -37.93 14.11
CA ALA A 401 12.25 -38.25 12.67
C ALA A 401 10.90 -38.75 12.13
N LYS A 402 10.27 -39.70 12.86
CA LYS A 402 8.99 -40.26 12.38
C LYS A 402 7.90 -39.17 12.37
N ALA A 403 7.84 -38.37 13.41
CA ALA A 403 6.92 -37.24 13.39
C ALA A 403 7.26 -36.28 12.26
N GLY A 404 8.55 -36.15 11.95
CA GLY A 404 8.97 -35.28 10.85
C GLY A 404 8.44 -35.71 9.50
N TYR A 405 8.53 -37.00 9.17
CA TYR A 405 7.97 -37.48 7.90
C TYR A 405 6.50 -37.07 7.79
N LYS A 406 5.74 -37.36 8.85
CA LYS A 406 4.29 -37.11 8.88
C LYS A 406 4.01 -35.60 8.80
N TYR A 407 4.86 -34.80 9.42
CA TYR A 407 4.76 -33.34 9.36
C TYR A 407 4.84 -32.85 7.92
N TYR A 408 5.82 -33.35 7.16
CA TYR A 408 5.98 -32.89 5.77
C TYR A 408 4.86 -33.45 4.89
N MET A 409 4.44 -34.72 5.13
CA MET A 409 3.32 -35.27 4.36
C MET A 409 2.01 -34.56 4.69
N ASP A 410 1.70 -34.41 5.98
CA ASP A 410 0.42 -33.81 6.38
C ASP A 410 0.28 -32.42 5.83
N ASN A 411 1.41 -31.73 5.61
CA ASN A 411 1.28 -30.34 5.19
C ASN A 411 1.39 -30.18 3.68
N ASP A 412 1.58 -31.26 2.95
CA ASP A 412 1.61 -31.22 1.51
C ASP A 412 2.66 -30.21 0.98
N VAL A 413 3.87 -30.18 1.58
CA VAL A 413 4.93 -29.28 1.12
C VAL A 413 5.84 -29.94 0.07
N VAL A 414 5.74 -31.26 -0.12
CA VAL A 414 6.69 -31.96 -0.99
C VAL A 414 6.16 -32.07 -2.41
N LEU A 415 6.96 -31.63 -3.38
CA LEU A 415 6.64 -31.88 -4.78
C LEU A 415 7.34 -33.16 -5.20
N ASP A 416 6.61 -34.06 -5.84
CA ASP A 416 7.18 -35.32 -6.29
C ASP A 416 8.32 -35.09 -7.27
N GLU A 417 9.34 -35.92 -7.16
CA GLU A 417 10.46 -35.86 -8.07
C GLU A 417 10.05 -36.23 -9.49
N LEU A 418 10.74 -35.67 -10.46
CA LEU A 418 10.50 -36.05 -11.83
C LEU A 418 11.05 -37.47 -12.04
N PRO A 419 10.30 -38.39 -12.68
CA PRO A 419 10.92 -39.71 -12.99
C PRO A 419 12.16 -39.48 -13.86
N ILE A 420 13.18 -40.35 -13.74
CA ILE A 420 14.24 -40.28 -14.76
C ILE A 420 13.71 -40.99 -15.99
N LEU A 421 13.68 -40.28 -17.10
CA LEU A 421 12.97 -40.73 -18.28
C LEU A 421 13.91 -41.58 -19.10
N LYS A 422 13.30 -42.44 -19.95
CA LYS A 422 14.02 -43.39 -20.82
C LYS A 422 13.80 -43.03 -22.29
N TYR A 423 14.85 -43.17 -23.12
CA TYR A 423 14.76 -42.72 -24.50
C TYR A 423 15.24 -43.82 -25.44
N THR A 424 14.79 -43.76 -26.68
CA THR A 424 15.34 -44.57 -27.77
C THR A 424 16.86 -44.49 -27.92
N LYS A 425 17.50 -45.49 -28.54
CA LYS A 425 18.95 -45.40 -28.78
C LYS A 425 19.50 -44.01 -29.11
N GLU A 426 19.16 -43.41 -30.26
CA GLU A 426 19.94 -42.22 -30.66
C GLU A 426 19.67 -41.03 -29.74
N LYS A 427 18.41 -40.88 -29.30
CA LYS A 427 18.05 -39.76 -28.43
C LYS A 427 18.69 -39.91 -27.06
N SER A 428 18.81 -41.16 -26.60
CA SER A 428 19.39 -41.38 -25.28
C SER A 428 20.87 -40.97 -25.26
N LYS A 429 21.63 -41.37 -26.26
CA LYS A 429 23.01 -40.94 -26.36
C LYS A 429 23.10 -39.42 -26.46
N GLU A 430 22.24 -38.81 -27.27
CA GLU A 430 22.29 -37.38 -27.43
C GLU A 430 21.86 -36.65 -26.15
N PHE A 431 20.77 -37.10 -25.48
CA PHE A 431 20.36 -36.47 -24.22
C PHE A 431 21.46 -36.48 -23.16
N VAL A 432 22.07 -37.65 -22.91
CA VAL A 432 23.09 -37.73 -21.86
C VAL A 432 24.29 -36.84 -22.17
N SER A 433 24.64 -36.75 -23.47
CA SER A 433 25.72 -35.88 -23.93
C SER A 433 25.42 -34.40 -23.66
N ILE A 434 24.22 -33.94 -24.03
CA ILE A 434 23.85 -32.55 -23.78
C ILE A 434 23.71 -32.29 -22.28
N ASP A 435 23.01 -33.19 -21.58
CA ASP A 435 22.75 -33.05 -20.15
C ASP A 435 24.06 -32.96 -19.37
N THR A 436 25.05 -33.80 -19.72
CA THR A 436 26.34 -33.80 -19.02
C THR A 436 27.15 -32.54 -19.32
N ALA A 437 27.16 -32.11 -20.58
CA ALA A 437 27.86 -30.88 -20.95
C ALA A 437 27.25 -29.66 -20.28
N MET A 438 25.90 -29.58 -20.17
CA MET A 438 25.26 -28.46 -19.50
C MET A 438 25.53 -28.52 -18.02
N ARG A 439 25.53 -29.73 -17.46
CA ARG A 439 25.80 -29.84 -16.04
C ARG A 439 27.17 -29.20 -15.71
N ALA A 440 28.19 -29.43 -16.57
CA ALA A 440 29.52 -28.85 -16.33
C ALA A 440 29.48 -27.34 -16.34
N VAL A 441 28.70 -26.77 -17.27
CA VAL A 441 28.62 -25.33 -17.34
C VAL A 441 27.93 -24.78 -16.10
N VAL A 442 26.81 -25.40 -15.70
CA VAL A 442 26.09 -24.95 -14.50
C VAL A 442 26.99 -24.99 -13.29
N GLU A 443 27.74 -26.09 -13.12
CA GLU A 443 28.56 -26.21 -11.91
C GLU A 443 29.74 -25.23 -11.93
N GLU A 444 30.29 -24.95 -13.10
CA GLU A 444 31.37 -23.96 -13.18
C GLU A 444 30.87 -22.56 -12.80
N LYS A 445 29.78 -22.12 -13.42
CA LYS A 445 29.32 -20.77 -13.21
C LYS A 445 28.69 -20.58 -11.84
N ALA A 446 27.90 -21.58 -11.36
CA ALA A 446 27.28 -21.45 -10.05
C ALA A 446 28.34 -21.26 -8.98
N GLN A 447 29.46 -21.99 -9.11
CA GLN A 447 30.55 -21.80 -8.15
C GLN A 447 31.16 -20.41 -8.23
N GLN A 448 31.51 -19.95 -9.43
CA GLN A 448 32.17 -18.64 -9.55
C GLN A 448 31.27 -17.53 -9.05
N TRP A 449 29.96 -17.63 -9.35
CA TRP A 449 29.03 -16.60 -8.91
C TRP A 449 28.88 -16.62 -7.41
N ILE A 450 28.76 -17.80 -6.80
CA ILE A 450 28.58 -17.84 -5.34
C ILE A 450 29.86 -17.42 -4.63
N LEU A 451 31.02 -17.83 -5.16
CA LEU A 451 32.29 -17.54 -4.51
C LEU A 451 32.79 -16.13 -4.81
N GLY A 452 32.18 -15.44 -5.76
CA GLY A 452 32.50 -14.05 -6.00
C GLY A 452 33.49 -13.77 -7.09
N SER A 453 33.85 -14.75 -7.92
CA SER A 453 34.81 -14.49 -8.98
C SER A 453 34.16 -14.13 -10.29
N GLY A 454 32.84 -14.24 -10.41
CA GLY A 454 32.18 -13.77 -11.62
C GLY A 454 30.91 -13.07 -11.20
N ASP A 455 30.37 -12.22 -12.06
CA ASP A 455 29.18 -11.43 -11.70
C ASP A 455 27.95 -11.96 -12.44
N ILE A 456 26.97 -12.51 -11.69
CA ILE A 456 25.88 -13.22 -12.36
C ILE A 456 25.03 -12.25 -13.18
N ASP A 457 24.86 -11.00 -12.70
CA ASP A 457 24.04 -10.03 -13.45
C ASP A 457 24.65 -9.75 -14.81
N LYS A 458 25.97 -9.65 -14.83
CA LYS A 458 26.69 -9.41 -16.09
C LYS A 458 26.74 -10.65 -16.99
N GLU A 459 26.81 -11.86 -16.42
CA GLU A 459 27.11 -13.04 -17.23
C GLU A 459 25.91 -13.96 -17.49
N TRP A 460 24.76 -13.72 -16.88
CA TRP A 460 23.64 -14.69 -16.95
C TRP A 460 23.22 -14.92 -18.40
N ASP A 461 22.98 -13.86 -19.13
CA ASP A 461 22.55 -14.03 -20.52
C ASP A 461 23.57 -14.83 -21.34
N ALA A 462 24.88 -14.56 -21.17
CA ALA A 462 25.89 -15.35 -21.90
C ALA A 462 25.87 -16.83 -21.46
N TYR A 463 25.71 -17.06 -20.17
CA TYR A 463 25.51 -18.41 -19.67
C TYR A 463 24.33 -19.11 -20.35
N ILE A 464 23.16 -18.43 -20.44
CA ILE A 464 22.00 -19.03 -21.12
C ILE A 464 22.35 -19.38 -22.57
N LYS A 465 22.97 -18.44 -23.30
CA LYS A 465 23.35 -18.74 -24.70
C LYS A 465 24.29 -19.94 -24.77
N ARG A 466 25.17 -20.08 -23.79
CA ARG A 466 26.08 -21.23 -23.76
C ARG A 466 25.30 -22.55 -23.63
N LEU A 467 24.36 -22.63 -22.67
CA LEU A 467 23.54 -23.83 -22.56
C LEU A 467 22.76 -24.08 -23.83
N GLU A 468 22.15 -23.04 -24.38
CA GLU A 468 21.39 -23.20 -25.62
C GLU A 468 22.30 -23.72 -26.72
N ASN A 469 23.52 -23.11 -26.89
CA ASN A 469 24.42 -23.57 -27.95
C ASN A 469 24.86 -25.04 -27.73
N LEU A 470 24.98 -25.48 -26.49
CA LEU A 470 25.19 -26.92 -26.20
C LEU A 470 24.02 -27.83 -26.53
N GLY A 471 22.83 -27.30 -26.78
CA GLY A 471 21.72 -28.19 -27.07
C GLY A 471 20.53 -28.17 -26.12
N LEU A 472 20.40 -27.10 -25.34
CA LEU A 472 19.34 -27.07 -24.33
C LEU A 472 17.97 -27.37 -24.97
N SER A 473 17.64 -26.69 -26.09
CA SER A 473 16.37 -26.89 -26.80
C SER A 473 16.17 -28.34 -27.21
N LYS A 474 17.22 -28.96 -27.74
CA LYS A 474 17.13 -30.36 -28.19
C LYS A 474 16.86 -31.32 -27.03
N ALA A 475 17.62 -31.16 -25.93
CA ALA A 475 17.40 -31.99 -24.74
C ALA A 475 15.99 -31.82 -24.19
N GLU A 476 15.52 -30.59 -24.18
CA GLU A 476 14.18 -30.28 -23.72
C GLU A 476 13.11 -30.96 -24.58
N GLN A 477 13.32 -30.97 -25.88
CA GLN A 477 12.41 -31.68 -26.75
C GLN A 477 12.43 -33.18 -26.45
N ILE A 478 13.63 -33.74 -26.26
CA ILE A 478 13.74 -35.16 -25.93
C ILE A 478 13.03 -35.47 -24.62
N GLN A 479 13.21 -34.61 -23.62
CA GLN A 479 12.60 -34.86 -22.31
C GLN A 479 11.09 -34.83 -22.44
N ASN A 480 10.58 -33.93 -23.27
CA ASN A 480 9.13 -33.81 -23.37
C ASN A 480 8.51 -34.91 -24.24
N GLU A 481 9.26 -35.53 -25.17
CA GLU A 481 8.75 -36.71 -25.91
C GLU A 481 8.68 -37.91 -25.00
N ALA A 482 9.76 -38.15 -24.24
CA ALA A 482 9.84 -39.23 -23.28
C ALA A 482 8.89 -39.05 -22.10
N PHE A 483 8.29 -37.88 -21.95
CA PHE A 483 7.37 -37.67 -20.83
C PHE A 483 5.97 -38.03 -21.25
N PRO B 10 9.29 3.15 35.57
CA PRO B 10 9.38 2.88 34.11
C PRO B 10 8.67 1.54 33.74
N LYS B 11 7.37 1.64 33.42
CA LYS B 11 6.47 0.49 33.46
C LYS B 11 6.64 -0.34 32.19
N GLU B 12 7.02 -1.65 32.33
CA GLU B 12 7.15 -2.49 31.14
C GLU B 12 5.78 -2.77 30.54
N THR B 13 5.64 -2.49 29.25
CA THR B 13 4.38 -2.63 28.50
C THR B 13 4.64 -3.44 27.25
N THR B 14 3.93 -4.56 27.08
CA THR B 14 4.11 -5.40 25.91
C THR B 14 3.32 -4.86 24.72
N ILE B 15 3.91 -4.96 23.55
CA ILE B 15 3.25 -4.48 22.34
C ILE B 15 3.58 -5.49 21.26
N PHE B 16 2.65 -5.70 20.33
CA PHE B 16 2.97 -6.28 19.01
C PHE B 16 3.04 -5.15 18.02
N ALA B 17 4.23 -4.89 17.45
CA ALA B 17 4.30 -3.79 16.49
C ALA B 17 5.31 -4.07 15.38
N MET B 18 4.82 -3.98 14.15
CA MET B 18 5.70 -4.05 12.99
C MET B 18 5.32 -2.96 12.01
N HIS B 19 6.28 -2.55 11.15
CA HIS B 19 5.95 -1.65 10.05
C HIS B 19 7.07 -1.77 9.00
N LEU B 20 6.66 -1.88 7.72
CA LEU B 20 7.61 -1.96 6.62
C LEU B 20 8.61 -3.09 6.85
N GLY B 21 8.09 -4.21 7.36
CA GLY B 21 8.94 -5.37 7.55
C GLY B 21 9.86 -5.37 8.76
N LYS B 22 9.78 -4.36 9.62
CA LYS B 22 10.69 -4.26 10.77
C LYS B 22 9.89 -4.27 12.06
N ALA B 23 10.23 -5.18 12.98
CA ALA B 23 9.69 -5.06 14.32
C ALA B 23 10.17 -3.78 14.99
N LEU B 24 9.24 -3.09 15.67
CA LEU B 24 9.57 -1.83 16.35
C LEU B 24 10.68 -2.08 17.35
N ASP B 25 11.75 -1.25 17.29
CA ASP B 25 12.86 -1.28 18.26
C ASP B 25 12.75 -0.09 19.20
N PRO B 26 12.42 -0.30 20.48
CA PRO B 26 12.20 0.84 21.39
C PRO B 26 13.48 1.59 21.76
N ASN B 27 14.64 1.13 21.35
CA ASN B 27 15.84 1.93 21.54
C ASN B 27 16.08 2.94 20.41
N LEU B 28 15.21 2.99 19.40
CA LEU B 28 15.38 4.03 18.38
C LEU B 28 15.15 5.39 19.04
N PRO B 29 15.86 6.43 18.59
CA PRO B 29 15.73 7.73 19.30
C PRO B 29 14.28 8.16 19.58
N VAL B 30 13.35 8.03 18.63
CA VAL B 30 11.99 8.52 18.88
C VAL B 30 11.37 7.81 20.09
N PHE B 31 11.62 6.52 20.27
CA PHE B 31 11.00 5.78 21.39
C PHE B 31 11.78 5.90 22.69
N VAL B 32 13.10 6.15 22.63
CA VAL B 32 13.85 6.54 23.82
C VAL B 32 13.23 7.79 24.45
N LYS B 33 12.96 8.79 23.62
CA LYS B 33 12.31 10.01 24.07
C LYS B 33 10.88 9.74 24.53
N ALA B 34 10.11 8.91 23.81
CA ALA B 34 8.74 8.65 24.23
C ALA B 34 8.71 7.97 25.59
N GLU B 35 9.57 6.97 25.79
CA GLU B 35 9.68 6.31 27.10
C GLU B 35 10.05 7.31 28.21
N LYS B 36 11.02 8.20 27.93
CA LYS B 36 11.39 9.23 28.91
C LYS B 36 10.22 10.13 29.23
N ASP B 37 9.43 10.54 28.23
CA ASP B 37 8.33 11.45 28.53
C ASP B 37 7.14 10.77 29.20
N THR B 38 6.85 9.51 28.87
CA THR B 38 5.63 8.88 29.36
C THR B 38 5.84 7.87 30.47
N ASN B 39 7.05 7.38 30.68
CA ASN B 39 7.30 6.25 31.56
C ASN B 39 6.70 4.95 31.06
N ILE B 40 6.27 4.89 29.81
CA ILE B 40 5.84 3.62 29.22
C ILE B 40 7.07 3.03 28.53
N LYS B 41 7.49 1.84 28.99
CA LYS B 41 8.65 1.18 28.43
C LYS B 41 8.13 0.03 27.55
N LEU B 42 8.14 0.20 26.23
CA LEU B 42 7.61 -0.84 25.34
C LEU B 42 8.57 -2.00 25.24
N VAL B 43 8.02 -3.21 25.33
CA VAL B 43 8.74 -4.44 24.95
C VAL B 43 7.93 -5.14 23.88
N ASN B 44 8.54 -5.34 22.71
CA ASN B 44 7.87 -5.98 21.57
C ASN B 44 7.82 -7.51 21.73
N VAL B 45 6.66 -8.10 21.45
CA VAL B 45 6.56 -9.56 21.32
C VAL B 45 6.83 -10.04 19.89
N ALA B 46 6.89 -9.13 18.92
CA ALA B 46 7.45 -9.45 17.62
C ALA B 46 8.96 -9.38 17.77
N SER B 47 9.67 -10.42 17.38
CA SER B 47 11.11 -10.38 17.60
C SER B 47 11.82 -9.80 16.36
N GLN B 48 13.10 -9.44 16.54
CA GLN B 48 13.80 -8.65 15.54
C GLN B 48 14.00 -9.39 14.22
N ASN B 49 13.92 -10.71 14.20
CA ASN B 49 14.11 -11.45 12.96
C ASN B 49 12.83 -11.62 12.16
N GLN B 50 11.67 -11.21 12.68
CA GLN B 50 10.43 -11.36 11.92
C GLN B 50 10.27 -10.18 10.96
N THR B 51 9.79 -10.47 9.74
CA THR B 51 9.59 -9.38 8.79
C THR B 51 8.29 -9.51 8.02
N ASP B 52 7.62 -10.66 8.08
CA ASP B 52 6.29 -10.83 7.51
C ASP B 52 5.27 -10.48 8.60
N GLN B 53 4.70 -9.27 8.53
CA GLN B 53 3.80 -8.77 9.58
C GLN B 53 2.54 -9.62 9.68
N ILE B 54 2.03 -10.13 8.56
CA ILE B 54 0.78 -10.87 8.60
C ILE B 54 0.97 -12.21 9.29
N GLN B 55 2.02 -12.97 8.92
CA GLN B 55 2.28 -14.24 9.62
C GLN B 55 2.64 -13.98 11.08
N ALA B 56 3.40 -12.92 11.36
CA ALA B 56 3.73 -12.61 12.75
C ALA B 56 2.49 -12.28 13.57
N TYR B 57 1.58 -11.50 13.00
CA TYR B 57 0.34 -11.19 13.69
C TYR B 57 -0.44 -12.47 13.99
N ASN B 58 -0.65 -13.30 12.98
CA ASN B 58 -1.42 -14.53 13.21
C ASN B 58 -0.81 -15.40 14.29
N LEU B 59 0.53 -15.53 14.28
CA LEU B 59 1.22 -16.28 15.33
C LEU B 59 0.98 -15.65 16.70
N MET B 60 1.14 -14.32 16.79
CA MET B 60 0.91 -13.60 18.05
C MET B 60 -0.48 -13.92 18.62
N LEU B 61 -1.48 -14.02 17.77
CA LEU B 61 -2.84 -14.30 18.27
C LEU B 61 -2.96 -15.68 18.94
N THR B 62 -2.14 -16.66 18.54
CA THR B 62 -2.25 -18.01 19.10
C THR B 62 -1.70 -18.10 20.49
N GLU B 63 -0.99 -17.06 20.97
CA GLU B 63 -0.44 -17.09 22.33
C GLU B 63 -1.53 -17.08 23.41
N GLY B 64 -2.70 -16.57 23.13
CA GLY B 64 -3.70 -16.68 24.17
C GLY B 64 -3.76 -15.38 24.95
N LYS B 65 -2.84 -15.16 25.90
CA LYS B 65 -2.70 -13.82 26.46
C LYS B 65 -2.07 -12.87 25.42
N LEU B 66 -2.78 -11.91 25.08
CA LEU B 66 -2.44 -10.88 24.13
C LEU B 66 -1.51 -9.84 24.76
N PRO B 67 -0.63 -9.22 23.96
CA PRO B 67 0.15 -8.10 24.51
C PRO B 67 -0.76 -6.95 24.94
N ASP B 68 -0.21 -6.08 25.77
CA ASP B 68 -0.98 -4.94 26.26
C ASP B 68 -1.54 -4.11 25.12
N ILE B 69 -0.70 -3.81 24.12
CA ILE B 69 -1.04 -3.04 22.91
C ILE B 69 -0.85 -3.92 21.68
N VAL B 70 -1.83 -3.90 20.78
CA VAL B 70 -1.80 -4.63 19.52
C VAL B 70 -1.83 -3.57 18.43
N SER B 71 -0.75 -3.45 17.67
CA SER B 71 -0.67 -2.62 16.46
C SER B 71 -0.70 -3.51 15.24
N TYR B 72 -1.44 -3.09 14.19
CA TYR B 72 -1.49 -3.91 12.97
C TYR B 72 -1.82 -3.05 11.76
N GLU B 73 -1.22 -3.38 10.63
CA GLU B 73 -1.54 -2.64 9.41
C GLU B 73 -2.93 -2.99 8.80
N LEU B 74 -3.50 -4.15 9.09
CA LEU B 74 -4.77 -4.55 8.48
C LEU B 74 -5.90 -4.22 9.46
N SER B 75 -6.48 -3.04 9.28
CA SER B 75 -7.40 -2.48 10.28
C SER B 75 -8.68 -3.30 10.37
N ALA B 76 -9.12 -3.88 9.24
CA ALA B 76 -10.30 -4.73 9.30
C ALA B 76 -10.09 -5.92 10.25
N ASP B 77 -8.90 -6.54 10.22
CA ASP B 77 -8.67 -7.65 11.14
C ASP B 77 -8.57 -7.13 12.57
N LEU B 78 -7.99 -5.93 12.74
CA LEU B 78 -7.87 -5.37 14.08
C LEU B 78 -9.26 -5.13 14.68
N GLU B 79 -10.18 -4.58 13.88
CA GLU B 79 -11.54 -4.42 14.35
C GLU B 79 -12.21 -5.76 14.65
N ASN B 80 -11.93 -6.79 13.84
CA ASN B 80 -12.45 -8.12 14.14
C ASN B 80 -11.99 -8.61 15.51
N LEU B 81 -10.73 -8.35 15.88
CA LEU B 81 -10.22 -8.69 17.20
C LEU B 81 -10.97 -7.93 18.29
N GLY B 82 -11.32 -6.66 18.04
CA GLY B 82 -12.13 -5.91 18.98
C GLY B 82 -13.51 -6.54 19.19
N ILE B 83 -14.22 -6.80 18.08
CA ILE B 83 -15.56 -7.38 18.10
C ILE B 83 -15.57 -8.69 18.87
N GLU B 84 -14.53 -9.52 18.69
CA GLU B 84 -14.44 -10.78 19.42
C GLU B 84 -13.94 -10.64 20.84
N GLY B 85 -13.71 -9.44 21.34
CA GLY B 85 -13.33 -9.25 22.73
C GLY B 85 -11.84 -9.23 22.96
N GLY B 86 -11.01 -9.36 21.92
CA GLY B 86 -9.57 -9.31 22.15
C GLY B 86 -9.07 -7.92 22.45
N LEU B 87 -9.67 -6.90 21.83
CA LEU B 87 -9.42 -5.48 22.07
C LEU B 87 -10.61 -4.88 22.80
N ILE B 88 -10.37 -3.93 23.70
CA ILE B 88 -11.42 -3.31 24.53
C ILE B 88 -12.00 -2.08 23.85
N PRO B 89 -13.27 -1.73 24.09
CA PRO B 89 -13.81 -0.47 23.60
C PRO B 89 -13.05 0.69 24.19
N LEU B 90 -12.75 1.71 23.38
CA LEU B 90 -11.95 2.82 23.86
C LEU B 90 -12.72 4.13 24.06
N GLU B 91 -13.96 4.24 23.58
CA GLU B 91 -14.62 5.55 23.49
C GLU B 91 -14.82 6.17 24.85
N ASP B 92 -15.11 5.35 25.87
CA ASP B 92 -15.20 5.90 27.23
C ASP B 92 -13.84 6.24 27.78
N LEU B 93 -12.83 5.39 27.55
CA LEU B 93 -11.49 5.77 28.01
C LEU B 93 -11.05 7.10 27.36
N ILE B 94 -11.38 7.30 26.07
CA ILE B 94 -10.99 8.54 25.40
C ILE B 94 -11.70 9.74 26.03
N ASN B 95 -13.04 9.65 26.15
CA ASN B 95 -13.82 10.77 26.71
C ASN B 95 -13.37 11.13 28.12
N GLN B 96 -12.84 10.17 28.86
CA GLN B 96 -12.45 10.44 30.25
C GLN B 96 -11.00 10.84 30.42
N HIS B 97 -10.09 10.25 29.64
CA HIS B 97 -8.67 10.37 29.93
C HIS B 97 -7.79 10.76 28.73
N ALA B 98 -8.36 11.01 27.57
CA ALA B 98 -7.56 11.30 26.37
C ALA B 98 -8.06 12.59 25.77
N PRO B 99 -7.75 13.73 26.40
CA PRO B 99 -8.27 15.01 25.89
C PRO B 99 -7.77 15.35 24.51
N ASN B 100 -6.52 14.99 24.17
CA ASN B 100 -6.02 15.34 22.83
C ASN B 100 -6.77 14.58 21.74
N LEU B 101 -7.00 13.27 21.94
CA LEU B 101 -7.77 12.50 20.97
C LEU B 101 -9.22 12.99 20.88
N LYS B 102 -9.84 13.28 22.03
CA LYS B 102 -11.23 13.79 22.00
C LYS B 102 -11.32 15.05 21.14
N LYS B 103 -10.39 15.99 21.33
CA LYS B 103 -10.33 17.21 20.52
C LYS B 103 -10.06 16.93 19.03
N PHE B 104 -9.10 16.02 18.74
CA PHE B 104 -8.82 15.63 17.35
C PHE B 104 -10.06 15.05 16.67
N PHE B 105 -10.83 14.23 17.40
CA PHE B 105 -12.03 13.63 16.86
C PHE B 105 -13.12 14.66 16.63
N GLU B 106 -13.30 15.57 17.60
CA GLU B 106 -14.25 16.66 17.39
C GLU B 106 -13.86 17.54 16.22
N GLU B 107 -12.58 17.88 16.10
CA GLU B 107 -12.15 18.73 14.99
C GLU B 107 -12.17 18.01 13.65
N ASN B 108 -12.28 16.67 13.65
CA ASN B 108 -12.24 15.87 12.42
C ASN B 108 -13.29 14.80 12.50
N PRO B 109 -14.57 15.18 12.34
CA PRO B 109 -15.65 14.19 12.50
C PRO B 109 -15.55 13.05 11.50
N ARG B 110 -14.93 13.25 10.36
CA ARG B 110 -14.76 12.16 9.41
C ARG B 110 -13.68 11.13 9.88
N TYR B 111 -12.60 11.63 10.50
CA TYR B 111 -11.62 10.71 11.11
C TYR B 111 -12.23 9.94 12.26
N LYS B 112 -13.22 10.53 12.95
CA LYS B 112 -13.89 9.79 14.02
C LYS B 112 -14.68 8.61 13.45
N LYS B 113 -15.40 8.81 12.33
CA LYS B 113 -16.04 7.69 11.65
C LYS B 113 -15.02 6.60 11.31
N ASP B 114 -13.81 6.97 10.88
CA ASP B 114 -12.80 5.95 10.58
C ASP B 114 -12.48 5.04 11.77
N ALA B 115 -12.53 5.56 13.01
CA ALA B 115 -12.18 4.79 14.20
C ALA B 115 -13.35 4.02 14.81
N VAL B 116 -14.57 4.38 14.45
CA VAL B 116 -15.76 3.81 15.08
C VAL B 116 -16.17 2.59 14.28
N ALA B 117 -16.35 1.45 14.98
CA ALA B 117 -16.86 0.22 14.38
C ALA B 117 -18.37 0.26 14.28
N VAL B 118 -18.91 -0.75 13.59
CA VAL B 118 -20.33 -0.75 13.26
C VAL B 118 -21.23 -0.83 14.50
N ASP B 119 -20.76 -1.46 15.59
CA ASP B 119 -21.56 -1.53 16.81
C ASP B 119 -21.42 -0.26 17.63
N GLY B 120 -20.71 0.75 17.07
CA GLY B 120 -20.50 2.00 17.75
C GLY B 120 -19.34 2.06 18.73
N HIS B 121 -18.59 0.97 18.92
CA HIS B 121 -17.40 1.04 19.77
C HIS B 121 -16.17 1.46 18.94
N ILE B 122 -15.20 2.09 19.61
CA ILE B 122 -13.90 2.38 19.00
C ILE B 122 -12.95 1.33 19.53
N TYR B 123 -12.47 0.47 18.61
CA TYR B 123 -11.55 -0.60 18.99
C TYR B 123 -10.11 -0.30 18.69
N MET B 124 -9.80 0.79 17.96
CA MET B 124 -8.43 1.11 17.62
C MET B 124 -8.36 2.59 17.31
N ILE B 125 -7.22 3.19 17.56
CA ILE B 125 -6.90 4.49 16.98
C ILE B 125 -6.15 4.21 15.68
N PRO B 126 -6.70 4.58 14.50
CA PRO B 126 -5.93 4.44 13.23
C PRO B 126 -4.70 5.30 13.19
N ASN B 127 -3.80 4.97 12.26
CA ASN B 127 -2.69 5.82 11.93
C ASN B 127 -3.11 6.69 10.77
N TYR B 128 -3.38 7.97 11.05
CA TYR B 128 -4.00 8.85 10.07
C TYR B 128 -2.93 9.50 9.21
N TYR B 129 -3.20 9.55 7.90
CA TYR B 129 -2.49 10.45 7.02
C TYR B 129 -3.00 11.89 7.23
N ASP B 130 -2.27 12.88 6.73
CA ASP B 130 -2.83 14.24 6.85
C ASP B 130 -3.64 14.53 5.60
N TYR B 131 -4.71 13.76 5.47
CA TYR B 131 -5.39 13.62 4.19
C TYR B 131 -5.94 14.96 3.72
N PHE B 132 -6.41 15.78 4.65
CA PHE B 132 -6.99 17.03 4.19
C PHE B 132 -5.94 18.07 3.79
N ASN B 133 -4.64 17.80 3.94
CA ASN B 133 -3.62 18.66 3.34
C ASN B 133 -2.90 18.06 2.13
N ILE B 134 -2.65 16.74 2.12
CA ILE B 134 -2.09 16.08 0.94
C ILE B 134 -2.87 14.79 0.71
N LYS B 135 -3.48 14.66 -0.47
CA LYS B 135 -4.34 13.49 -0.78
C LYS B 135 -3.86 12.66 -1.97
N VAL B 136 -2.75 13.07 -2.64
CA VAL B 136 -2.17 12.17 -3.64
C VAL B 136 -1.21 11.21 -2.95
N SER B 137 -0.89 10.10 -3.61
CA SER B 137 0.12 9.19 -3.10
C SER B 137 1.09 8.85 -4.24
N GLN B 138 0.81 7.79 -5.02
CA GLN B 138 1.76 7.36 -6.04
C GLN B 138 1.50 8.07 -7.38
N GLY B 139 2.58 8.19 -8.15
CA GLY B 139 2.55 8.78 -9.47
C GLY B 139 3.51 8.04 -10.38
N TYR B 140 3.34 8.24 -11.70
CA TYR B 140 4.24 7.59 -12.64
C TYR B 140 5.43 8.48 -12.96
N PHE B 141 6.62 7.84 -13.05
CA PHE B 141 7.86 8.55 -13.33
C PHE B 141 8.62 7.85 -14.43
N ILE B 142 9.30 8.65 -15.26
CA ILE B 142 10.10 8.11 -16.35
C ILE B 142 11.39 8.93 -16.44
N ARG B 143 12.46 8.28 -16.88
CA ARG B 143 13.78 8.93 -17.05
C ARG B 143 13.73 9.80 -18.29
N GLN B 144 13.41 11.07 -18.09
CA GLN B 144 13.37 12.03 -19.18
C GLN B 144 14.70 12.15 -19.90
N ASP B 145 15.79 12.09 -19.15
CA ASP B 145 17.10 12.13 -19.78
C ASP B 145 17.33 10.94 -20.69
N TRP B 146 16.74 9.76 -20.41
CA TRP B 146 16.91 8.66 -21.34
C TRP B 146 16.06 8.89 -22.59
N LEU B 147 14.84 9.43 -22.40
CA LEU B 147 13.99 9.75 -23.54
C LEU B 147 14.73 10.62 -24.53
N GLU B 148 15.38 11.63 -23.99
CA GLU B 148 16.10 12.62 -24.79
C GLU B 148 17.31 11.99 -25.46
N LYS B 149 18.06 11.16 -24.72
CA LYS B 149 19.21 10.47 -25.30
C LYS B 149 18.79 9.60 -26.47
N LEU B 150 17.61 8.99 -26.38
CA LEU B 150 17.20 8.07 -27.42
C LEU B 150 16.35 8.72 -28.51
N GLY B 151 16.13 10.04 -28.46
CA GLY B 151 15.34 10.70 -29.49
C GLY B 151 13.84 10.42 -29.47
N LEU B 152 13.30 10.09 -28.28
CA LEU B 152 11.95 9.62 -28.06
C LEU B 152 11.10 10.67 -27.35
N LYS B 153 9.79 10.74 -27.67
CA LYS B 153 8.86 11.59 -26.94
C LYS B 153 8.32 10.84 -25.72
N GLU B 154 7.84 11.60 -24.75
CA GLU B 154 7.23 11.01 -23.58
C GLU B 154 6.06 10.14 -24.05
N PRO B 155 6.07 8.82 -23.74
CA PRO B 155 4.91 7.98 -24.11
C PRO B 155 3.65 8.45 -23.37
N ARG B 156 2.52 8.45 -24.09
CA ARG B 156 1.25 8.84 -23.46
C ARG B 156 0.18 7.71 -23.36
N THR B 157 0.37 6.58 -23.99
CA THR B 157 -0.51 5.43 -23.84
C THR B 157 0.30 4.23 -23.32
N VAL B 158 -0.43 3.19 -22.86
CA VAL B 158 0.24 1.97 -22.38
C VAL B 158 1.04 1.31 -23.51
N ASP B 159 0.50 1.30 -24.75
CA ASP B 159 1.26 0.72 -25.85
C ASP B 159 2.50 1.55 -26.16
N GLU B 160 2.43 2.89 -26.02
CA GLU B 160 3.64 3.69 -26.24
C GLU B 160 4.68 3.47 -25.14
N LEU B 161 4.22 3.25 -23.90
CA LEU B 161 5.14 2.92 -22.84
C LEU B 161 5.84 1.61 -23.15
N TYR B 162 5.07 0.60 -23.58
CA TYR B 162 5.65 -0.69 -23.97
C TYR B 162 6.81 -0.46 -24.93
N THR B 163 6.57 0.30 -25.98
CA THR B 163 7.60 0.49 -26.98
C THR B 163 8.81 1.25 -26.39
N THR B 164 8.55 2.19 -25.52
CA THR B 164 9.60 2.97 -24.87
C THR B 164 10.45 2.10 -23.93
N LEU B 165 9.80 1.28 -23.12
CA LEU B 165 10.51 0.34 -22.24
C LEU B 165 11.37 -0.64 -23.06
N LYS B 166 10.83 -1.13 -24.18
CA LYS B 166 11.65 -1.96 -25.08
C LYS B 166 12.90 -1.21 -25.55
N ALA B 167 12.77 0.09 -25.94
CA ALA B 167 13.99 0.83 -26.30
C ALA B 167 14.92 1.02 -25.10
N PHE B 168 14.38 1.28 -23.90
CA PHE B 168 15.29 1.34 -22.72
C PHE B 168 16.07 0.04 -22.54
N ARG B 169 15.40 -1.10 -22.76
CA ARG B 169 16.02 -2.40 -22.56
C ARG B 169 17.09 -2.68 -23.62
N GLU B 170 16.80 -2.32 -24.87
CA GLU B 170 17.57 -2.79 -25.99
C GLU B 170 18.59 -1.79 -26.50
N LYS B 171 18.46 -0.50 -26.20
CA LYS B 171 19.30 0.50 -26.87
C LYS B 171 20.25 1.20 -25.90
N ASP B 172 20.55 0.60 -24.76
CA ASP B 172 21.63 1.04 -23.89
C ASP B 172 21.62 2.54 -23.51
N PRO B 173 20.52 3.04 -22.98
CA PRO B 173 20.50 4.50 -22.64
C PRO B 173 21.47 4.90 -21.53
N ASN B 174 21.90 3.97 -20.65
CA ASN B 174 22.90 4.42 -19.69
C ASN B 174 24.31 4.39 -20.26
N GLY B 175 24.49 4.03 -21.52
CA GLY B 175 25.75 4.31 -22.22
C GLY B 175 26.96 3.45 -21.84
N ASN B 176 26.76 2.32 -21.18
CA ASN B 176 27.89 1.51 -20.75
C ASN B 176 28.14 0.28 -21.63
N GLY B 177 27.47 0.13 -22.76
CA GLY B 177 27.74 -1.05 -23.57
C GLY B 177 27.29 -2.40 -23.00
N LYS B 178 26.46 -2.41 -21.96
CA LYS B 178 25.87 -3.61 -21.40
C LYS B 178 24.33 -3.53 -21.44
N LYS B 179 23.70 -4.69 -21.57
CA LYS B 179 22.25 -4.82 -21.49
C LYS B 179 21.85 -5.07 -20.04
N ASP B 180 21.99 -4.02 -19.24
CA ASP B 180 21.71 -4.09 -17.83
C ASP B 180 20.49 -3.24 -17.45
N GLU B 181 19.92 -2.49 -18.39
CA GLU B 181 18.82 -1.62 -18.07
C GLU B 181 17.62 -2.43 -17.57
N VAL B 182 16.95 -1.87 -16.56
CA VAL B 182 15.73 -2.42 -15.93
C VAL B 182 14.65 -1.39 -16.23
N PRO B 183 13.87 -1.51 -17.33
CA PRO B 183 13.11 -0.33 -17.78
C PRO B 183 12.08 0.14 -16.75
N PHE B 184 11.28 -0.78 -16.21
CA PHE B 184 10.24 -0.46 -15.24
C PHE B 184 10.43 -1.32 -14.01
N PHE B 185 10.33 -0.70 -12.83
CA PHE B 185 10.57 -1.34 -11.54
C PHE B 185 9.56 -0.79 -10.54
N VAL B 186 9.46 -1.48 -9.39
CA VAL B 186 8.55 -1.10 -8.32
C VAL B 186 9.31 -1.12 -6.99
N ARG B 187 8.63 -0.70 -5.93
CA ARG B 187 9.19 -0.75 -4.60
C ARG B 187 8.08 -1.20 -3.67
N ALA B 188 8.25 -2.32 -2.99
CA ALA B 188 7.10 -2.86 -2.24
C ALA B 188 7.67 -3.94 -1.31
N ASN B 189 6.96 -4.27 -0.24
CA ASN B 189 7.48 -5.33 0.62
C ASN B 189 6.56 -6.54 0.73
N ASN B 190 5.51 -6.64 -0.07
CA ASN B 190 4.81 -7.92 -0.14
C ASN B 190 4.20 -8.02 -1.54
N VAL B 191 3.65 -9.20 -1.84
CA VAL B 191 3.14 -9.46 -3.20
C VAL B 191 2.04 -8.47 -3.55
N ARG B 192 1.14 -8.19 -2.61
CA ARG B 192 0.06 -7.27 -2.94
C ARG B 192 0.59 -5.91 -3.36
N LYS B 193 1.62 -5.40 -2.66
CA LYS B 193 2.09 -4.06 -2.97
C LYS B 193 2.87 -4.05 -4.28
N VAL B 194 3.48 -5.18 -4.67
CA VAL B 194 4.05 -5.28 -6.02
C VAL B 194 2.94 -5.20 -7.06
N LEU B 195 1.85 -5.98 -6.87
CA LEU B 195 0.77 -5.92 -7.85
C LEU B 195 0.17 -4.52 -7.91
N THR B 196 0.09 -3.85 -6.77
CA THR B 196 -0.44 -2.47 -6.71
C THR B 196 0.25 -1.52 -7.69
N SER B 197 1.57 -1.60 -7.77
CA SER B 197 2.36 -0.70 -8.63
C SER B 197 2.55 -1.21 -10.04
N LEU B 198 2.01 -2.39 -10.37
CA LEU B 198 2.06 -2.90 -11.73
C LEU B 198 0.72 -2.89 -12.46
N VAL B 199 -0.40 -3.26 -11.79
CA VAL B 199 -1.64 -3.43 -12.54
C VAL B 199 -2.38 -2.08 -12.72
N ASP B 200 -2.05 -1.05 -11.95
CA ASP B 200 -2.72 0.22 -12.18
C ASP B 200 -2.39 0.76 -13.57
N LEU B 201 -1.22 0.39 -14.12
CA LEU B 201 -0.83 0.81 -15.46
C LEU B 201 -1.92 0.50 -16.47
N PHE B 202 -2.58 -0.66 -16.29
CA PHE B 202 -3.59 -1.21 -17.17
C PHE B 202 -5.01 -0.96 -16.66
N LYS B 203 -5.17 -0.07 -15.68
CA LYS B 203 -6.47 0.35 -15.20
C LYS B 203 -7.19 -0.80 -14.49
N ALA B 204 -6.41 -1.69 -13.87
CA ALA B 204 -6.87 -2.82 -13.09
C ALA B 204 -6.54 -2.56 -11.63
N SER B 205 -7.06 -3.43 -10.76
CA SER B 205 -6.79 -3.25 -9.35
C SER B 205 -6.62 -4.63 -8.68
N PRO B 206 -5.74 -4.75 -7.71
CA PRO B 206 -5.65 -6.02 -6.97
C PRO B 206 -6.62 -6.09 -5.79
N ILE B 207 -7.47 -5.08 -5.60
CA ILE B 207 -8.34 -5.07 -4.40
C ILE B 207 -9.77 -4.74 -4.78
N TRP B 208 -10.61 -4.37 -3.80
CA TRP B 208 -11.95 -3.97 -4.16
C TRP B 208 -11.95 -2.52 -4.62
N TYR B 209 -12.83 -2.19 -5.55
CA TYR B 209 -12.93 -0.82 -6.06
C TYR B 209 -14.38 -0.57 -6.46
N GLU B 210 -14.72 0.72 -6.61
CA GLU B 210 -16.06 1.13 -7.00
C GLU B 210 -16.06 1.71 -8.42
N GLU B 211 -17.05 1.34 -9.23
CA GLU B 211 -17.27 1.97 -10.53
C GLU B 211 -18.77 1.94 -10.79
N ASN B 212 -19.42 3.12 -10.79
CA ASN B 212 -20.89 3.29 -10.84
C ASN B 212 -21.62 2.72 -9.63
N GLY B 213 -21.22 3.11 -8.42
CA GLY B 213 -21.93 2.63 -7.24
C GLY B 213 -21.81 1.13 -6.97
N MET B 214 -21.32 0.34 -7.96
CA MET B 214 -21.08 -1.11 -7.84
C MET B 214 -19.66 -1.38 -7.35
N VAL B 215 -19.53 -2.13 -6.27
CA VAL B 215 -18.22 -2.54 -5.74
C VAL B 215 -17.87 -3.91 -6.30
N LYS B 216 -16.65 -4.02 -6.84
CA LYS B 216 -16.24 -5.21 -7.56
C LYS B 216 -14.88 -5.61 -7.05
N TYR B 217 -14.54 -6.90 -7.17
CA TYR B 217 -13.23 -7.40 -6.76
C TYR B 217 -12.30 -7.33 -7.98
N GLY B 218 -11.33 -6.39 -7.94
CA GLY B 218 -10.38 -6.17 -9.02
C GLY B 218 -9.83 -7.42 -9.70
N PRO B 219 -9.31 -8.38 -8.90
CA PRO B 219 -8.68 -9.58 -9.49
C PRO B 219 -9.60 -10.54 -10.25
N ALA B 220 -10.92 -10.40 -10.15
CA ALA B 220 -11.84 -11.24 -10.92
C ALA B 220 -12.32 -10.60 -12.21
N GLN B 221 -11.80 -9.42 -12.57
CA GLN B 221 -12.23 -8.66 -13.75
C GLN B 221 -11.35 -8.93 -14.97
N LYS B 222 -11.96 -8.83 -16.15
CA LYS B 222 -11.20 -9.07 -17.37
C LYS B 222 -10.07 -8.07 -17.54
N GLU B 223 -10.21 -6.85 -16.98
CA GLU B 223 -9.12 -5.90 -17.13
C GLU B 223 -7.90 -6.35 -16.32
N PHE B 224 -8.13 -7.09 -15.21
CA PHE B 224 -7.03 -7.70 -14.47
C PHE B 224 -6.36 -8.82 -15.27
N LYS B 225 -7.16 -9.68 -15.93
CA LYS B 225 -6.59 -10.72 -16.77
C LYS B 225 -5.70 -10.09 -17.84
N HIS B 226 -6.14 -8.97 -18.46
CA HIS B 226 -5.32 -8.30 -19.45
C HIS B 226 -4.04 -7.74 -18.84
N ALA B 227 -4.14 -7.09 -17.65
CA ALA B 227 -2.94 -6.55 -17.01
C ALA B 227 -1.91 -7.65 -16.77
N ILE B 228 -2.34 -8.78 -16.18
CA ILE B 228 -1.43 -9.87 -15.89
C ILE B 228 -0.84 -10.42 -17.17
N LYS B 229 -1.68 -10.61 -18.19
CA LYS B 229 -1.19 -11.18 -19.43
C LYS B 229 -0.13 -10.28 -20.09
N GLU B 230 -0.36 -8.94 -20.11
CA GLU B 230 0.63 -8.01 -20.63
C GLU B 230 1.90 -8.00 -19.76
N LEU B 231 1.74 -7.91 -18.44
CA LEU B 231 2.89 -7.94 -17.56
C LEU B 231 3.71 -9.22 -17.78
N SER B 232 3.04 -10.35 -18.08
CA SER B 232 3.77 -11.57 -18.31
C SER B 232 4.63 -11.45 -19.55
N LYS B 233 4.07 -10.83 -20.63
CA LYS B 233 4.86 -10.59 -21.86
C LYS B 233 5.97 -9.60 -21.62
N TRP B 234 5.71 -8.52 -20.85
CA TRP B 234 6.80 -7.56 -20.57
C TRP B 234 7.88 -8.20 -19.69
N TYR B 235 7.48 -9.04 -18.75
CA TYR B 235 8.46 -9.75 -17.92
C TYR B 235 9.37 -10.61 -18.81
N LYS B 236 8.78 -11.36 -19.74
CA LYS B 236 9.57 -12.22 -20.61
C LYS B 236 10.56 -11.39 -21.42
N GLU B 237 10.16 -10.20 -21.85
CA GLU B 237 11.00 -9.39 -22.72
C GLU B 237 11.95 -8.54 -21.94
N GLY B 238 12.02 -8.72 -20.63
CA GLY B 238 12.94 -7.93 -19.84
C GLY B 238 12.56 -6.46 -19.62
N LEU B 239 11.31 -6.07 -19.80
CA LEU B 239 10.90 -4.68 -19.63
C LEU B 239 10.51 -4.36 -18.17
N ILE B 240 10.03 -5.34 -17.40
CA ILE B 240 9.82 -5.13 -15.98
C ILE B 240 10.88 -5.96 -15.24
N ASP B 241 11.40 -5.40 -14.16
CA ASP B 241 12.44 -5.96 -13.31
C ASP B 241 12.21 -7.46 -13.09
N GLU B 242 13.22 -8.28 -13.43
CA GLU B 242 13.02 -9.71 -13.24
C GLU B 242 12.82 -10.02 -11.77
N GLU B 243 13.28 -9.15 -10.87
CA GLU B 243 13.15 -9.36 -9.43
C GLU B 243 12.00 -8.57 -8.81
N ILE B 244 10.97 -8.21 -9.59
CA ILE B 244 9.86 -7.40 -9.02
C ILE B 244 9.39 -7.96 -7.69
N PHE B 245 9.26 -9.28 -7.59
CA PHE B 245 8.61 -9.83 -6.39
C PHE B 245 9.59 -10.05 -5.25
N THR B 246 10.90 -10.00 -5.50
CA THR B 246 11.87 -10.28 -4.46
C THR B 246 12.81 -9.11 -4.11
N ARG B 247 12.90 -8.07 -4.94
CA ARG B 247 13.95 -7.08 -4.67
C ARG B 247 13.69 -6.33 -3.35
N GLY B 248 12.44 -6.16 -2.91
CA GLY B 248 12.23 -5.54 -1.60
C GLY B 248 12.40 -4.02 -1.63
N LEU B 249 12.40 -3.44 -0.45
CA LEU B 249 12.19 -2.00 -0.32
C LEU B 249 13.40 -1.15 -0.72
N GLU B 250 14.57 -1.76 -0.92
CA GLU B 250 15.72 -1.04 -1.47
C GLU B 250 15.79 -1.08 -3.00
N SER B 251 14.81 -1.67 -3.67
CA SER B 251 14.76 -1.71 -5.12
C SER B 251 15.04 -0.35 -5.75
N ARG B 252 14.26 0.65 -5.35
CA ARG B 252 14.34 1.96 -6.00
C ARG B 252 15.72 2.57 -5.80
N ASP B 253 16.23 2.54 -4.57
CA ASP B 253 17.52 3.13 -4.30
C ASP B 253 18.62 2.45 -5.09
N TYR B 254 18.61 1.11 -5.09
CA TYR B 254 19.60 0.36 -5.85
C TYR B 254 19.51 0.66 -7.34
N LEU B 255 18.31 0.60 -7.91
CA LEU B 255 18.20 0.64 -9.38
C LEU B 255 18.47 2.04 -9.91
N LEU B 256 18.08 3.06 -9.16
CA LEU B 256 18.36 4.43 -9.59
C LEU B 256 19.82 4.81 -9.36
N SER B 257 20.36 4.48 -8.19
CA SER B 257 21.71 4.94 -7.89
C SER B 257 22.74 4.26 -8.81
N ASN B 258 22.44 3.08 -9.32
CA ASN B 258 23.30 2.39 -10.27
C ASN B 258 22.91 2.67 -11.73
N ASN B 259 22.05 3.64 -11.97
CA ASN B 259 21.68 4.06 -13.30
C ASN B 259 21.13 2.89 -14.11
N LEU B 260 20.31 2.05 -13.46
CA LEU B 260 19.67 0.93 -14.17
C LEU B 260 18.19 1.15 -14.46
N GLY B 261 17.48 1.88 -13.61
CA GLY B 261 16.01 1.94 -13.67
C GLY B 261 15.54 3.08 -14.56
N GLY B 262 14.55 2.79 -15.41
CA GLY B 262 14.08 3.79 -16.34
C GLY B 262 12.71 4.39 -16.04
N ALA B 263 11.89 3.72 -15.23
CA ALA B 263 10.52 4.15 -15.01
C ALA B 263 9.95 3.41 -13.79
N THR B 264 8.97 4.03 -13.15
CA THR B 264 8.35 3.42 -11.98
C THR B 264 7.00 4.09 -11.71
N ASP B 265 6.33 3.56 -10.69
CA ASP B 265 5.07 4.03 -10.13
C ASP B 265 5.25 3.95 -8.60
N ASP B 266 5.36 5.11 -7.95
CA ASP B 266 5.78 5.20 -6.56
C ASP B 266 5.38 6.55 -5.95
N TRP B 267 5.50 6.63 -4.63
CA TRP B 267 5.08 7.85 -3.91
C TRP B 267 5.78 9.09 -4.45
N ILE B 268 5.01 10.18 -4.60
CA ILE B 268 5.50 11.34 -5.37
C ILE B 268 6.67 12.03 -4.69
N ALA B 269 6.59 12.25 -3.38
CA ALA B 269 7.62 13.07 -2.72
C ALA B 269 8.99 12.40 -2.65
N SER B 270 9.07 11.16 -2.13
CA SER B 270 10.35 10.46 -2.02
C SER B 270 10.91 10.09 -3.40
N THR B 271 10.05 9.72 -4.35
CA THR B 271 10.56 9.41 -5.70
C THR B 271 11.14 10.68 -6.35
N SER B 272 10.54 11.83 -6.09
CA SER B 272 11.07 13.12 -6.54
C SER B 272 12.39 13.53 -5.86
N SER B 273 12.77 12.85 -4.77
CA SER B 273 14.02 13.20 -4.09
C SER B 273 15.24 12.93 -4.95
N TYR B 274 15.13 12.01 -5.91
CA TYR B 274 16.34 11.49 -6.51
C TYR B 274 17.04 12.48 -7.45
N ASN B 275 16.34 13.42 -8.09
CA ASN B 275 17.03 14.30 -9.04
C ASN B 275 18.15 15.07 -8.33
N ARG B 276 17.85 15.63 -7.15
CA ARG B 276 18.90 16.32 -6.39
C ARG B 276 19.97 15.39 -5.87
N ASN B 277 19.53 14.31 -5.23
CA ASN B 277 20.41 13.29 -4.65
C ASN B 277 21.44 12.78 -5.66
N LEU B 278 21.02 12.46 -6.87
CA LEU B 278 21.92 11.85 -7.85
C LEU B 278 22.47 12.83 -8.88
N ALA B 279 22.32 14.13 -8.69
CA ALA B 279 22.71 15.07 -9.75
C ALA B 279 24.22 14.98 -10.09
N ASP B 280 25.07 14.71 -9.11
CA ASP B 280 26.51 14.61 -9.43
C ASP B 280 26.93 13.22 -9.87
N LYS B 281 26.38 12.18 -9.23
CA LYS B 281 26.68 10.80 -9.58
C LYS B 281 26.19 10.45 -10.97
N ILE B 282 25.03 10.93 -11.37
CA ILE B 282 24.55 10.64 -12.72
C ILE B 282 24.27 11.96 -13.44
N PRO B 283 25.24 12.49 -14.17
CA PRO B 283 25.04 13.80 -14.82
C PRO B 283 23.79 13.80 -15.70
N GLY B 284 22.91 14.78 -15.48
CA GLY B 284 21.71 14.81 -16.30
C GLY B 284 20.52 13.99 -15.79
N PHE B 285 20.66 13.25 -14.68
CA PHE B 285 19.58 12.39 -14.15
C PHE B 285 18.29 13.17 -14.05
N ASN B 286 17.23 12.68 -14.67
CA ASN B 286 15.96 13.41 -14.62
C ASN B 286 14.84 12.37 -14.57
N LEU B 287 14.46 11.93 -13.36
CA LEU B 287 13.33 11.02 -13.19
C LEU B 287 12.09 11.88 -12.99
N LYS B 288 11.23 11.94 -14.00
CA LYS B 288 10.24 13.01 -14.10
C LYS B 288 8.82 12.45 -13.97
N LEU B 289 7.98 13.15 -13.21
CA LEU B 289 6.59 12.75 -13.05
C LEU B 289 5.82 12.92 -14.36
N VAL B 290 5.02 11.91 -14.72
CA VAL B 290 4.13 12.05 -15.87
C VAL B 290 2.72 11.64 -15.44
N LEU B 291 1.72 12.17 -16.15
CA LEU B 291 0.34 11.81 -15.87
C LEU B 291 0.14 10.33 -16.24
N PRO B 292 -0.77 9.62 -15.58
CA PRO B 292 -0.94 8.17 -15.86
C PRO B 292 -1.08 7.94 -17.35
N TYR B 293 -0.39 6.91 -17.86
CA TYR B 293 -0.51 6.56 -19.28
C TYR B 293 -1.98 6.22 -19.59
N GLU B 294 -2.47 6.62 -20.76
CA GLU B 294 -3.86 6.37 -21.12
C GLU B 294 -4.00 4.97 -21.67
N LEU B 295 -5.16 4.34 -21.41
CA LEU B 295 -5.53 3.09 -22.06
C LEU B 295 -6.89 3.31 -22.68
N ASN B 296 -6.93 3.34 -24.02
CA ASN B 296 -8.18 3.52 -24.77
C ASN B 296 -9.02 4.66 -24.22
N GLY B 297 -8.38 5.79 -24.03
CA GLY B 297 -9.02 6.98 -23.53
C GLY B 297 -9.13 7.10 -22.02
N ASN B 298 -8.80 6.05 -21.22
CA ASN B 298 -8.92 6.13 -19.75
C ASN B 298 -7.63 6.73 -19.18
N ALA B 299 -7.71 7.91 -18.62
CA ALA B 299 -6.56 8.66 -18.17
C ALA B 299 -6.31 8.55 -16.68
N LYS B 300 -7.12 7.77 -15.95
CA LYS B 300 -7.18 7.77 -14.49
C LYS B 300 -6.18 6.82 -13.85
N THR B 301 -5.79 7.13 -12.62
CA THR B 301 -5.10 6.19 -11.75
C THR B 301 -5.97 5.96 -10.52
N ARG B 302 -5.92 4.76 -9.95
CA ARG B 302 -6.57 4.51 -8.67
C ARG B 302 -5.62 4.73 -7.50
N HIS B 303 -4.42 5.29 -7.73
CA HIS B 303 -3.53 5.62 -6.61
C HIS B 303 -3.99 6.91 -5.93
N ALA B 304 -4.51 6.81 -4.72
CA ALA B 304 -4.87 7.96 -3.89
C ALA B 304 -4.47 7.66 -2.46
N ARG B 305 -4.07 8.67 -1.71
CA ARG B 305 -3.84 8.49 -0.29
C ARG B 305 -5.16 8.21 0.40
N THR B 306 -5.17 7.26 1.35
CA THR B 306 -6.32 7.01 2.23
C THR B 306 -6.30 7.95 3.43
N THR B 307 -7.41 8.01 4.16
CA THR B 307 -7.37 8.82 5.37
C THR B 307 -6.51 8.18 6.46
N TYR B 308 -6.39 6.85 6.47
CA TYR B 308 -5.55 6.17 7.45
C TYR B 308 -4.98 4.87 6.86
N LEU B 309 -4.02 4.28 7.59
CA LEU B 309 -3.52 2.94 7.30
C LEU B 309 -3.31 2.27 8.64
N GLY B 310 -4.00 1.13 8.89
CA GLY B 310 -3.71 0.36 10.10
C GLY B 310 -4.11 1.14 11.35
N GLY B 311 -3.66 0.65 12.51
CA GLY B 311 -4.00 1.30 13.76
C GLY B 311 -3.51 0.48 14.94
N TRP B 312 -3.92 0.91 16.14
CA TRP B 312 -3.59 0.12 17.32
C TRP B 312 -4.64 0.28 18.41
N GLY B 313 -4.74 -0.80 19.23
CA GLY B 313 -5.76 -0.92 20.24
C GLY B 313 -5.15 -1.48 21.52
N ILE B 314 -6.00 -1.59 22.54
CA ILE B 314 -5.56 -2.06 23.86
C ILE B 314 -6.20 -3.40 24.12
N SER B 315 -5.40 -4.39 24.50
CA SER B 315 -5.97 -5.73 24.55
C SER B 315 -6.70 -5.96 25.88
N LYS B 316 -7.58 -6.95 25.85
CA LYS B 316 -8.30 -7.40 27.04
C LYS B 316 -7.40 -7.82 28.18
N ASP B 317 -6.11 -8.08 27.92
CA ASP B 317 -5.21 -8.55 28.94
C ASP B 317 -4.38 -7.46 29.56
N ALA B 318 -4.49 -6.23 29.04
CA ALA B 318 -3.76 -5.12 29.63
C ALA B 318 -4.32 -4.84 31.02
N LYS B 319 -3.45 -4.72 32.00
CA LYS B 319 -3.88 -4.54 33.38
C LYS B 319 -4.25 -3.10 33.70
N ASP B 320 -3.70 -2.12 32.99
CA ASP B 320 -3.94 -0.70 33.27
C ASP B 320 -4.39 0.02 32.01
N PRO B 321 -5.61 -0.23 31.56
CA PRO B 321 -6.05 0.42 30.32
C PRO B 321 -6.15 1.96 30.41
N VAL B 322 -6.33 2.56 31.59
CA VAL B 322 -6.36 4.02 31.70
C VAL B 322 -4.97 4.60 31.43
N SER B 323 -3.94 4.01 32.03
CA SER B 323 -2.59 4.44 31.74
C SER B 323 -2.23 4.25 30.27
N LEU B 324 -2.80 3.22 29.61
CA LEU B 324 -2.48 3.07 28.17
C LEU B 324 -3.21 4.07 27.26
N ILE B 325 -4.47 4.40 27.57
CA ILE B 325 -5.15 5.42 26.73
C ILE B 325 -4.44 6.75 26.88
N LYS B 326 -3.81 7.00 28.03
CA LYS B 326 -2.99 8.19 28.20
C LYS B 326 -1.73 8.14 27.35
N TYR B 327 -1.14 6.94 27.22
CA TYR B 327 -0.02 6.79 26.29
C TYR B 327 -0.47 7.05 24.84
N PHE B 328 -1.58 6.45 24.41
CA PHE B 328 -2.13 6.81 23.09
C PHE B 328 -2.32 8.32 22.98
N ASP B 329 -2.73 8.96 24.09
CA ASP B 329 -3.02 10.39 23.97
C ASP B 329 -1.77 11.23 23.89
N TYR B 330 -0.66 10.78 24.47
CA TYR B 330 0.59 11.52 24.35
C TYR B 330 0.98 11.77 22.92
N TRP B 331 0.66 10.84 22.02
CA TRP B 331 1.04 10.96 20.63
C TRP B 331 0.23 12.01 19.89
N TYR B 332 -0.83 12.50 20.52
CA TYR B 332 -1.65 13.57 19.99
C TYR B 332 -1.43 14.90 20.73
N SER B 333 -0.53 14.95 21.70
CA SER B 333 -0.11 16.25 22.18
C SER B 333 0.79 16.93 21.12
N VAL B 334 0.85 18.26 21.19
CA VAL B 334 1.67 18.98 20.22
C VAL B 334 3.07 18.38 20.16
N GLU B 335 3.72 18.23 21.32
CA GLU B 335 5.07 17.70 21.33
C GLU B 335 5.10 16.22 20.93
N GLY B 336 4.04 15.46 21.22
CA GLY B 336 4.12 14.04 20.90
C GLY B 336 3.94 13.79 19.41
N ARG B 337 3.03 14.55 18.80
CA ARG B 337 2.80 14.41 17.38
C ARG B 337 4.01 14.92 16.60
N ARG B 338 4.63 16.01 17.11
CA ARG B 338 5.86 16.51 16.47
C ARG B 338 6.96 15.49 16.54
N LEU B 339 7.13 14.84 17.71
CA LEU B 339 8.13 13.77 17.84
C LEU B 339 7.87 12.65 16.83
N TRP B 340 6.64 12.18 16.76
CA TRP B 340 6.32 11.08 15.85
C TRP B 340 6.65 11.45 14.40
N ASN B 341 6.32 12.68 14.01
CA ASN B 341 6.45 13.06 12.63
C ASN B 341 7.86 13.43 12.24
N PHE B 342 8.61 14.11 13.14
CA PHE B 342 9.84 14.82 12.79
C PHE B 342 11.12 14.29 13.43
N GLY B 343 11.04 13.39 14.42
CA GLY B 343 12.24 12.90 15.07
C GLY B 343 12.63 13.72 16.28
N ILE B 344 13.94 13.92 16.49
CA ILE B 344 14.46 14.50 17.75
C ILE B 344 14.94 15.92 17.47
N GLU B 345 14.48 16.85 18.28
CA GLU B 345 14.98 18.23 18.19
C GLU B 345 16.50 18.31 18.45
N GLY B 346 17.19 19.16 17.68
CA GLY B 346 18.64 19.23 17.70
C GLY B 346 19.34 18.10 16.97
N SER B 347 18.62 17.14 16.41
CA SER B 347 19.25 16.09 15.61
C SER B 347 18.61 16.03 14.21
N GLU B 348 17.29 15.79 14.14
CA GLU B 348 16.63 15.75 12.85
C GLU B 348 16.09 17.12 12.44
N TYR B 349 15.73 17.93 13.43
CA TYR B 349 15.16 19.23 13.12
C TYR B 349 15.51 20.21 14.23
N THR B 350 15.36 21.50 13.93
CA THR B 350 15.41 22.57 14.93
C THR B 350 14.10 23.36 14.87
N LEU B 351 13.77 24.09 15.97
CA LEU B 351 12.60 24.95 15.96
C LEU B 351 13.05 26.36 15.50
N VAL B 352 12.46 26.83 14.42
CA VAL B 352 12.84 28.11 13.83
C VAL B 352 11.53 28.85 13.70
N ASP B 353 11.41 29.97 14.44
CA ASP B 353 10.13 30.70 14.50
C ASP B 353 9.03 29.75 14.98
N GLY B 354 9.38 28.87 15.91
CA GLY B 354 8.41 27.96 16.49
C GLY B 354 8.02 26.73 15.67
N LYS B 355 8.62 26.50 14.50
CA LYS B 355 8.21 25.43 13.60
C LYS B 355 9.41 24.56 13.28
N PRO B 356 9.22 23.26 13.07
CA PRO B 356 10.38 22.40 12.81
C PRO B 356 10.93 22.64 11.41
N VAL B 357 12.26 22.71 11.35
CA VAL B 357 13.02 22.80 10.11
C VAL B 357 14.03 21.65 10.13
N PHE B 358 14.02 20.80 9.10
CA PHE B 358 14.91 19.62 9.13
C PHE B 358 16.36 20.07 9.03
N THR B 359 17.27 19.31 9.62
CA THR B 359 18.70 19.62 9.59
C THR B 359 19.32 18.99 8.34
N ASP B 360 20.64 19.22 8.12
CA ASP B 360 21.32 18.56 6.98
C ASP B 360 21.36 17.04 7.14
N LYS B 361 21.34 16.51 8.36
CA LYS B 361 21.34 15.05 8.52
C LYS B 361 20.17 14.42 7.76
N VAL B 362 19.05 15.15 7.73
CA VAL B 362 17.84 14.70 7.06
C VAL B 362 17.82 15.17 5.60
N LEU B 363 18.15 16.42 5.33
CA LEU B 363 17.95 16.99 3.99
C LEU B 363 19.10 16.66 3.03
N LYS B 364 20.35 16.60 3.52
CA LYS B 364 21.54 16.48 2.65
C LYS B 364 22.43 15.38 3.23
N ASN B 365 21.89 14.19 3.24
CA ASN B 365 22.46 13.10 4.01
C ASN B 365 23.83 12.79 3.44
N PRO B 366 24.91 12.97 4.22
CA PRO B 366 26.25 12.74 3.68
C PRO B 366 26.33 11.43 2.95
N ASP B 367 25.67 10.43 3.51
CA ASP B 367 25.81 9.07 3.03
C ASP B 367 24.92 8.72 1.83
N GLY B 368 24.09 9.64 1.35
CA GLY B 368 23.27 9.38 0.17
C GLY B 368 21.87 8.84 0.35
N LYS B 369 21.24 8.91 1.55
CA LYS B 369 19.90 8.39 1.79
C LYS B 369 18.80 9.44 1.54
N THR B 370 17.60 8.95 1.24
CA THR B 370 16.38 9.75 1.13
C THR B 370 16.06 10.46 2.46
N PRO B 371 15.45 11.66 2.45
CA PRO B 371 15.07 12.29 3.74
C PRO B 371 14.15 11.43 4.57
N LEU B 372 13.12 10.82 3.95
CA LEU B 372 12.22 9.93 4.68
C LEU B 372 12.95 8.69 5.20
N ALA B 373 13.89 8.14 4.42
CA ALA B 373 14.65 6.99 4.90
C ALA B 373 15.42 7.34 6.18
N VAL B 374 15.98 8.57 6.23
CA VAL B 374 16.70 9.01 7.41
C VAL B 374 15.76 9.13 8.58
N LEU B 375 14.59 9.78 8.35
CA LEU B 375 13.59 9.88 9.39
C LEU B 375 13.17 8.50 9.89
N ARG B 376 12.96 7.53 9.00
CA ARG B 376 12.53 6.22 9.52
C ARG B 376 13.63 5.58 10.37
N GLU B 377 14.91 5.81 10.04
CA GLU B 377 16.00 5.22 10.82
C GLU B 377 16.06 5.72 12.28
N VAL B 378 15.49 6.89 12.60
CA VAL B 378 15.45 7.34 13.98
C VAL B 378 14.11 7.01 14.65
N GLY B 379 13.20 6.36 13.94
CA GLY B 379 11.93 5.93 14.49
C GLY B 379 10.78 6.85 14.17
N ALA B 380 11.00 7.93 13.39
CA ALA B 380 9.88 8.78 12.95
C ALA B 380 9.07 8.07 11.88
N GLN B 381 7.80 8.48 11.76
CA GLN B 381 6.91 7.95 10.73
C GLN B 381 6.63 6.43 10.91
N TYR B 382 6.81 5.91 12.12
CA TYR B 382 6.58 4.48 12.41
C TYR B 382 5.08 4.31 12.67
N ARG B 383 4.42 3.61 11.73
CA ARG B 383 2.97 3.45 11.72
C ARG B 383 2.54 2.76 13.01
N LEU B 384 1.70 3.45 13.78
CA LEU B 384 1.15 2.94 15.03
C LEU B 384 -0.33 3.32 14.97
N GLY B 385 -0.72 4.36 15.73
CA GLY B 385 -2.05 4.98 15.65
C GLY B 385 -1.93 6.48 15.84
N ALA B 386 -0.97 7.08 15.11
CA ALA B 386 -0.69 8.50 15.29
C ALA B 386 -1.27 9.29 14.10
N PHE B 387 -1.06 10.61 14.13
CA PHE B 387 -1.64 11.56 13.20
C PHE B 387 -0.47 12.22 12.45
N GLN B 388 -0.30 11.82 11.19
CA GLN B 388 0.73 12.41 10.38
C GLN B 388 0.47 13.92 10.24
N ASP B 389 1.54 14.70 10.15
CA ASP B 389 1.47 16.16 9.96
C ASP B 389 2.08 16.46 8.60
N ALA B 390 1.25 16.91 7.64
CA ALA B 390 1.74 17.24 6.27
C ALA B 390 2.90 18.21 6.28
N GLN B 391 3.03 19.02 7.33
CA GLN B 391 4.17 19.93 7.45
C GLN B 391 5.48 19.15 7.53
N TYR B 392 5.45 17.87 7.94
CA TYR B 392 6.68 17.10 7.94
C TYR B 392 7.08 16.76 6.50
N GLU B 393 6.09 16.40 5.67
CA GLU B 393 6.33 16.04 4.29
C GLU B 393 6.77 17.26 3.46
N LEU B 394 6.09 18.39 3.63
CA LEU B 394 6.49 19.65 2.99
C LEU B 394 7.88 20.09 3.40
N GLY B 395 8.31 19.67 4.60
CA GLY B 395 9.61 20.12 5.09
C GLY B 395 10.78 19.48 4.38
N TRP B 396 10.58 18.32 3.74
CA TRP B 396 11.67 17.76 2.94
C TRP B 396 11.37 17.61 1.45
N ALA B 397 10.09 17.63 1.07
CA ALA B 397 9.72 17.46 -0.33
C ALA B 397 10.34 18.54 -1.20
N SER B 398 10.85 18.14 -2.36
CA SER B 398 11.45 19.11 -3.25
C SER B 398 10.38 20.01 -3.83
N GLU B 399 10.83 21.10 -4.46
CA GLU B 399 9.92 21.94 -5.22
C GLU B 399 9.28 21.12 -6.35
N SER B 400 10.03 20.25 -6.99
CA SER B 400 9.39 19.46 -8.04
C SER B 400 8.34 18.50 -7.48
N ALA B 401 8.56 17.95 -6.29
CA ALA B 401 7.54 17.13 -5.61
C ALA B 401 6.25 17.93 -5.37
N LYS B 402 6.40 19.15 -4.84
CA LYS B 402 5.22 19.96 -4.55
C LYS B 402 4.47 20.31 -5.83
N ALA B 403 5.21 20.66 -6.89
CA ALA B 403 4.57 20.84 -8.18
C ALA B 403 3.93 19.55 -8.69
N GLY B 404 4.55 18.41 -8.40
CA GLY B 404 3.94 17.12 -8.77
C GLY B 404 2.58 16.87 -8.13
N TYR B 405 2.45 17.14 -6.83
CA TYR B 405 1.13 17.07 -6.20
C TYR B 405 0.12 17.88 -7.00
N LYS B 406 0.46 19.13 -7.26
CA LYS B 406 -0.44 20.00 -7.97
C LYS B 406 -0.67 19.50 -9.39
N TYR B 407 0.33 18.88 -10.03
CA TYR B 407 0.11 18.35 -11.38
C TYR B 407 -1.00 17.31 -11.39
N TYR B 408 -0.95 16.35 -10.45
CA TYR B 408 -1.97 15.30 -10.45
C TYR B 408 -3.31 15.88 -10.05
N MET B 409 -3.34 16.86 -9.14
CA MET B 409 -4.60 17.48 -8.72
C MET B 409 -5.25 18.26 -9.88
N ASP B 410 -4.47 19.13 -10.54
CA ASP B 410 -4.99 19.98 -11.64
C ASP B 410 -5.54 19.17 -12.82
N ASN B 411 -5.00 17.97 -13.07
CA ASN B 411 -5.43 17.21 -14.25
C ASN B 411 -6.55 16.18 -13.95
N ASP B 412 -6.99 16.10 -12.71
CA ASP B 412 -8.14 15.26 -12.34
C ASP B 412 -7.94 13.78 -12.72
N VAL B 413 -6.72 13.28 -12.57
CA VAL B 413 -6.39 11.91 -12.97
C VAL B 413 -6.57 10.90 -11.81
N VAL B 414 -6.73 11.37 -10.57
CA VAL B 414 -6.82 10.51 -9.37
C VAL B 414 -8.27 10.16 -9.05
N LEU B 415 -8.55 8.87 -8.91
CA LEU B 415 -9.84 8.39 -8.41
C LEU B 415 -9.72 8.10 -6.91
N ASP B 416 -10.73 8.53 -6.15
CA ASP B 416 -10.71 8.33 -4.70
C ASP B 416 -10.67 6.86 -4.38
N GLU B 417 -9.94 6.50 -3.33
CA GLU B 417 -9.94 5.13 -2.84
C GLU B 417 -11.31 4.75 -2.30
N LEU B 418 -11.61 3.46 -2.35
CA LEU B 418 -12.82 2.94 -1.76
C LEU B 418 -12.69 2.93 -0.22
N PRO B 419 -13.71 3.38 0.52
CA PRO B 419 -13.66 3.28 2.02
C PRO B 419 -13.45 1.85 2.57
N ILE B 420 -12.54 1.71 3.56
CA ILE B 420 -12.57 0.52 4.43
C ILE B 420 -13.96 0.58 5.07
N LEU B 421 -14.89 -0.22 4.53
CA LEU B 421 -16.30 -0.30 4.94
C LEU B 421 -16.45 -1.17 6.18
N LYS B 422 -17.51 -0.90 6.95
CA LYS B 422 -17.76 -1.57 8.22
C LYS B 422 -19.09 -2.33 8.20
N TYR B 423 -19.04 -3.58 8.69
CA TYR B 423 -20.13 -4.51 8.51
C TYR B 423 -20.62 -4.94 9.88
N THR B 424 -21.87 -5.36 9.92
CA THR B 424 -22.41 -6.00 11.12
C THR B 424 -21.46 -7.12 11.58
N LYS B 425 -21.42 -7.39 12.88
CA LYS B 425 -20.63 -8.53 13.37
C LYS B 425 -20.47 -9.80 12.55
N GLU B 426 -21.58 -10.36 11.99
CA GLU B 426 -21.52 -11.63 11.26
C GLU B 426 -20.82 -11.45 9.91
N LYS B 427 -21.25 -10.44 9.18
CA LYS B 427 -20.68 -10.13 7.89
C LYS B 427 -19.20 -9.77 7.98
N SER B 428 -18.79 -9.03 9.03
CA SER B 428 -17.39 -8.63 9.21
C SER B 428 -16.48 -9.86 9.41
N LYS B 429 -16.90 -10.80 10.24
CA LYS B 429 -16.19 -12.08 10.29
C LYS B 429 -16.09 -12.71 8.90
N GLU B 430 -17.23 -12.82 8.18
CA GLU B 430 -17.32 -13.61 6.97
C GLU B 430 -16.68 -12.91 5.76
N PHE B 431 -16.94 -11.61 5.56
CA PHE B 431 -16.21 -10.87 4.52
C PHE B 431 -14.69 -11.00 4.69
N VAL B 432 -14.18 -10.79 5.91
CA VAL B 432 -12.74 -10.85 6.13
C VAL B 432 -12.19 -12.27 5.90
N SER B 433 -12.98 -13.31 6.22
CA SER B 433 -12.56 -14.66 5.86
C SER B 433 -12.50 -14.84 4.33
N ILE B 434 -13.51 -14.39 3.59
CA ILE B 434 -13.51 -14.59 2.12
C ILE B 434 -12.43 -13.75 1.46
N ASP B 435 -12.36 -12.48 1.85
CA ASP B 435 -11.38 -11.55 1.32
C ASP B 435 -9.95 -12.05 1.52
N THR B 436 -9.65 -12.57 2.72
CA THR B 436 -8.30 -13.07 2.99
C THR B 436 -8.01 -14.40 2.24
N ALA B 437 -8.98 -15.30 2.16
CA ALA B 437 -8.74 -16.52 1.38
C ALA B 437 -8.51 -16.22 -0.12
N MET B 438 -9.29 -15.30 -0.69
CA MET B 438 -9.12 -14.92 -2.11
C MET B 438 -7.79 -14.24 -2.34
N ARG B 439 -7.34 -13.40 -1.41
CA ARG B 439 -6.06 -12.75 -1.58
C ARG B 439 -4.94 -13.76 -1.81
N ALA B 440 -4.91 -14.86 -1.06
CA ALA B 440 -3.86 -15.86 -1.25
C ALA B 440 -3.91 -16.49 -2.64
N VAL B 441 -5.11 -16.74 -3.16
CA VAL B 441 -5.23 -17.35 -4.47
C VAL B 441 -4.71 -16.38 -5.54
N VAL B 442 -5.13 -15.13 -5.42
CA VAL B 442 -4.75 -14.09 -6.40
C VAL B 442 -3.23 -13.94 -6.43
N GLU B 443 -2.61 -13.86 -5.25
CA GLU B 443 -1.15 -13.67 -5.15
C GLU B 443 -0.39 -14.91 -5.63
N GLU B 444 -0.92 -16.12 -5.36
CA GLU B 444 -0.32 -17.33 -5.89
C GLU B 444 -0.36 -17.35 -7.43
N LYS B 445 -1.54 -17.11 -8.03
CA LYS B 445 -1.65 -17.21 -9.49
C LYS B 445 -1.02 -16.00 -10.21
N ALA B 446 -1.14 -14.79 -9.66
CA ALA B 446 -0.55 -13.63 -10.34
C ALA B 446 0.95 -13.84 -10.51
N GLN B 447 1.60 -14.40 -9.47
CA GLN B 447 3.03 -14.67 -9.58
C GLN B 447 3.32 -15.70 -10.66
N GLN B 448 2.60 -16.83 -10.63
CA GLN B 448 2.86 -17.88 -11.63
C GLN B 448 2.64 -17.36 -13.04
N TRP B 449 1.59 -16.56 -13.24
CA TRP B 449 1.30 -16.07 -14.58
C TRP B 449 2.36 -15.08 -15.06
N ILE B 450 2.79 -14.17 -14.18
CA ILE B 450 3.74 -13.16 -14.60
C ILE B 450 5.10 -13.77 -14.82
N LEU B 451 5.50 -14.67 -13.94
CA LEU B 451 6.79 -15.30 -13.99
C LEU B 451 6.85 -16.41 -15.01
N GLY B 452 5.72 -16.86 -15.57
CA GLY B 452 5.75 -17.82 -16.66
C GLY B 452 5.60 -19.29 -16.29
N SER B 453 5.28 -19.61 -15.03
CA SER B 453 5.12 -21.02 -14.69
C SER B 453 3.71 -21.53 -14.90
N GLY B 454 2.75 -20.66 -15.20
CA GLY B 454 1.41 -21.10 -15.55
C GLY B 454 0.95 -20.17 -16.65
N ASP B 455 -0.08 -20.58 -17.41
CA ASP B 455 -0.54 -19.81 -18.57
C ASP B 455 -1.91 -19.20 -18.24
N ILE B 456 -1.97 -17.88 -18.19
CA ILE B 456 -3.21 -17.29 -17.67
C ILE B 456 -4.39 -17.65 -18.57
N ASP B 457 -4.18 -17.78 -19.87
CA ASP B 457 -5.32 -18.07 -20.73
C ASP B 457 -5.88 -19.46 -20.43
N LYS B 458 -5.01 -20.44 -20.20
CA LYS B 458 -5.47 -21.79 -19.88
C LYS B 458 -6.13 -21.84 -18.50
N GLU B 459 -5.65 -21.04 -17.55
CA GLU B 459 -5.98 -21.26 -16.14
C GLU B 459 -7.02 -20.29 -15.60
N TRP B 460 -7.38 -19.25 -16.36
CA TRP B 460 -8.25 -18.18 -15.83
C TRP B 460 -9.61 -18.69 -15.36
N ASP B 461 -10.28 -19.48 -16.21
CA ASP B 461 -11.62 -19.96 -15.84
C ASP B 461 -11.55 -20.77 -14.55
N ALA B 462 -10.55 -21.63 -14.40
CA ALA B 462 -10.46 -22.39 -13.15
C ALA B 462 -10.14 -21.48 -11.97
N TYR B 463 -9.27 -20.50 -12.18
CA TYR B 463 -9.03 -19.51 -11.13
C TYR B 463 -10.32 -18.82 -10.67
N ILE B 464 -11.12 -18.32 -11.61
CA ILE B 464 -12.38 -17.64 -11.25
C ILE B 464 -13.30 -18.61 -10.48
N LYS B 465 -13.41 -19.83 -10.98
CA LYS B 465 -14.21 -20.85 -10.29
C LYS B 465 -13.71 -21.05 -8.85
N ARG B 466 -12.39 -21.02 -8.65
CA ARG B 466 -11.84 -21.10 -7.30
C ARG B 466 -12.27 -19.90 -6.43
N LEU B 467 -12.15 -18.68 -6.96
CA LEU B 467 -12.59 -17.54 -6.16
C LEU B 467 -14.06 -17.67 -5.81
N GLU B 468 -14.89 -18.03 -6.77
CA GLU B 468 -16.32 -18.25 -6.53
C GLU B 468 -16.54 -19.28 -5.41
N ASN B 469 -15.83 -20.42 -5.49
CA ASN B 469 -15.97 -21.44 -4.46
C ASN B 469 -15.52 -20.93 -3.08
N LEU B 470 -14.56 -20.01 -3.01
CA LEU B 470 -14.25 -19.39 -1.72
C LEU B 470 -15.30 -18.40 -1.26
N GLY B 471 -16.23 -17.96 -2.11
CA GLY B 471 -17.26 -17.03 -1.66
C GLY B 471 -17.29 -15.66 -2.31
N LEU B 472 -16.67 -15.52 -3.48
CA LEU B 472 -16.60 -14.20 -4.13
C LEU B 472 -17.98 -13.52 -4.21
N SER B 473 -18.98 -14.25 -4.76
CA SER B 473 -20.31 -13.67 -4.93
C SER B 473 -20.89 -13.18 -3.60
N LYS B 474 -20.72 -13.94 -2.53
CA LYS B 474 -21.16 -13.46 -1.24
C LYS B 474 -20.42 -12.23 -0.76
N ALA B 475 -19.09 -12.23 -0.86
CA ALA B 475 -18.31 -11.05 -0.50
C ALA B 475 -18.75 -9.84 -1.30
N GLU B 476 -19.08 -10.02 -2.59
CA GLU B 476 -19.61 -8.94 -3.39
C GLU B 476 -20.95 -8.40 -2.86
N GLN B 477 -21.78 -9.32 -2.37
CA GLN B 477 -23.08 -8.88 -1.85
C GLN B 477 -22.92 -8.18 -0.50
N ILE B 478 -22.04 -8.68 0.38
CA ILE B 478 -21.76 -7.94 1.60
C ILE B 478 -21.23 -6.55 1.27
N GLN B 479 -20.28 -6.45 0.32
CA GLN B 479 -19.65 -5.15 0.03
C GLN B 479 -20.62 -4.15 -0.56
N ASN B 480 -21.55 -4.61 -1.40
CA ASN B 480 -22.49 -3.69 -2.02
C ASN B 480 -23.65 -3.32 -1.10
N GLU B 481 -23.90 -4.12 -0.05
CA GLU B 481 -24.84 -3.75 1.00
C GLU B 481 -24.26 -2.69 1.95
N ALA B 482 -23.05 -2.97 2.46
CA ALA B 482 -22.33 -2.08 3.37
C ALA B 482 -21.95 -0.75 2.71
N PHE B 483 -22.18 -0.64 1.41
CA PHE B 483 -21.89 0.56 0.62
C PHE B 483 -23.15 1.42 0.49
N PRO C 10 -53.51 25.24 11.69
CA PRO C 10 -52.65 26.25 11.07
C PRO C 10 -52.27 27.39 12.06
N LYS C 11 -51.15 27.26 12.79
CA LYS C 11 -50.87 28.18 13.88
C LYS C 11 -50.17 29.42 13.33
N GLU C 12 -50.81 30.59 13.50
CA GLU C 12 -50.19 31.85 13.08
C GLU C 12 -48.93 32.08 13.91
N THR C 13 -47.78 32.19 13.25
CA THR C 13 -46.48 32.38 13.91
C THR C 13 -45.80 33.60 13.29
N THR C 14 -45.56 34.63 14.10
CA THR C 14 -44.91 35.81 13.56
C THR C 14 -43.39 35.61 13.44
N ILE C 15 -42.83 36.24 12.43
CA ILE C 15 -41.41 36.14 12.17
C ILE C 15 -40.98 37.49 11.63
N PHE C 16 -39.76 37.94 11.99
CA PHE C 16 -39.07 38.97 11.21
C PHE C 16 -38.09 38.21 10.30
N ALA C 17 -38.27 38.26 8.97
CA ALA C 17 -37.28 37.60 8.09
C ALA C 17 -37.09 38.37 6.78
N MET C 18 -35.84 38.67 6.47
CA MET C 18 -35.46 39.27 5.21
C MET C 18 -34.23 38.57 4.71
N HIS C 19 -34.02 38.70 3.40
CA HIS C 19 -32.81 38.16 2.80
C HIS C 19 -32.64 38.74 1.42
N LEU C 20 -31.41 39.18 1.07
CA LEU C 20 -31.13 39.75 -0.26
C LEU C 20 -32.12 40.88 -0.58
N GLY C 21 -32.42 41.69 0.44
CA GLY C 21 -33.26 42.86 0.24
C GLY C 21 -34.77 42.59 0.18
N LYS C 22 -35.24 41.35 0.44
CA LYS C 22 -36.66 41.03 0.28
C LYS C 22 -37.25 40.40 1.55
N ALA C 23 -38.36 40.94 2.08
CA ALA C 23 -39.10 40.27 3.19
C ALA C 23 -39.64 38.91 2.74
N LEU C 24 -39.45 37.89 3.58
CA LEU C 24 -39.92 36.56 3.24
C LEU C 24 -41.42 36.56 2.92
N ASP C 25 -41.77 35.96 1.76
CA ASP C 25 -43.16 35.81 1.35
C ASP C 25 -43.55 34.36 1.65
N PRO C 26 -44.37 34.13 2.67
CA PRO C 26 -44.69 32.76 3.07
C PRO C 26 -45.58 32.02 2.07
N ASN C 27 -46.00 32.65 0.96
CA ASN C 27 -46.68 32.01 -0.17
C ASN C 27 -45.74 31.43 -1.22
N LEU C 28 -44.43 31.59 -1.08
CA LEU C 28 -43.59 30.96 -2.08
C LEU C 28 -43.74 29.44 -1.99
N PRO C 29 -43.64 28.72 -3.11
CA PRO C 29 -43.91 27.27 -3.08
C PRO C 29 -43.20 26.53 -1.93
N VAL C 30 -41.93 26.85 -1.60
CA VAL C 30 -41.21 26.14 -0.53
C VAL C 30 -41.90 26.33 0.83
N PHE C 31 -42.41 27.51 1.11
CA PHE C 31 -43.02 27.76 2.41
C PHE C 31 -44.49 27.33 2.49
N VAL C 32 -45.16 27.26 1.35
CA VAL C 32 -46.44 26.54 1.29
C VAL C 32 -46.27 25.09 1.71
N LYS C 33 -45.26 24.40 1.15
CA LYS C 33 -45.03 23.02 1.56
C LYS C 33 -44.62 22.97 3.02
N ALA C 34 -43.74 23.88 3.46
CA ALA C 34 -43.35 23.82 4.86
C ALA C 34 -44.55 24.05 5.76
N GLU C 35 -45.43 24.99 5.39
CA GLU C 35 -46.62 25.21 6.20
C GLU C 35 -47.47 23.94 6.34
N LYS C 36 -47.68 23.23 5.23
CA LYS C 36 -48.47 21.98 5.22
C LYS C 36 -47.82 20.85 6.04
N ASP C 37 -46.50 20.72 5.98
CA ASP C 37 -45.85 19.63 6.71
C ASP C 37 -45.79 19.90 8.21
N THR C 38 -45.74 21.18 8.63
CA THR C 38 -45.45 21.53 10.03
C THR C 38 -46.61 22.11 10.81
N ASN C 39 -47.65 22.57 10.11
CA ASN C 39 -48.78 23.33 10.65
C ASN C 39 -48.38 24.69 11.17
N ILE C 40 -47.18 25.20 10.84
CA ILE C 40 -46.70 26.52 11.25
C ILE C 40 -46.96 27.51 10.12
N LYS C 41 -47.79 28.49 10.38
CA LYS C 41 -48.13 29.49 9.37
C LYS C 41 -47.37 30.78 9.68
N LEU C 42 -46.31 31.03 8.93
CA LEU C 42 -45.53 32.23 9.16
C LEU C 42 -46.25 33.49 8.71
N VAL C 43 -46.16 34.52 9.54
CA VAL C 43 -46.58 35.89 9.22
C VAL C 43 -45.41 36.83 9.43
N ASN C 44 -44.94 37.46 8.34
CA ASN C 44 -43.79 38.36 8.43
C ASN C 44 -44.22 39.68 9.05
N VAL C 45 -43.41 40.18 9.98
CA VAL C 45 -43.61 41.51 10.51
C VAL C 45 -42.80 42.57 9.78
N ALA C 46 -41.88 42.15 8.91
CA ALA C 46 -41.21 43.01 7.95
C ALA C 46 -42.19 43.18 6.82
N SER C 47 -42.40 44.42 6.35
CA SER C 47 -43.42 44.53 5.29
C SER C 47 -42.77 44.51 3.91
N GLN C 48 -43.60 44.34 2.87
CA GLN C 48 -43.07 44.07 1.55
C GLN C 48 -42.34 45.27 0.98
N ASN C 49 -42.55 46.46 1.52
CA ASN C 49 -41.83 47.63 1.02
C ASN C 49 -40.50 47.85 1.76
N GLN C 50 -40.16 47.04 2.78
CA GLN C 50 -38.84 47.20 3.42
C GLN C 50 -37.77 46.42 2.67
N THR C 51 -36.60 47.03 2.50
CA THR C 51 -35.52 46.35 1.78
C THR C 51 -34.17 46.51 2.43
N ASP C 52 -34.01 47.44 3.38
CA ASP C 52 -32.78 47.59 4.13
C ASP C 52 -32.90 46.71 5.37
N GLN C 53 -32.28 45.51 5.34
CA GLN C 53 -32.47 44.54 6.42
C GLN C 53 -32.00 45.10 7.78
N ILE C 54 -30.91 45.88 7.76
CA ILE C 54 -30.36 46.40 9.01
C ILE C 54 -31.27 47.46 9.61
N GLN C 55 -31.76 48.41 8.80
CA GLN C 55 -32.69 49.39 9.37
C GLN C 55 -34.01 48.73 9.75
N ALA C 56 -34.44 47.72 9.01
CA ALA C 56 -35.70 47.06 9.38
C ALA C 56 -35.54 46.28 10.69
N TYR C 57 -34.44 45.52 10.83
CA TYR C 57 -34.14 44.86 12.10
C TYR C 57 -34.09 45.86 13.26
N ASN C 58 -33.31 46.95 13.13
CA ASN C 58 -33.23 47.91 14.24
C ASN C 58 -34.61 48.50 14.59
N LEU C 59 -35.42 48.82 13.58
CA LEU C 59 -36.78 49.29 13.82
C LEU C 59 -37.62 48.24 14.55
N MET C 60 -37.58 46.99 14.09
CA MET C 60 -38.35 45.90 14.69
C MET C 60 -38.12 45.82 16.19
N LEU C 61 -36.87 46.03 16.61
CA LEU C 61 -36.54 45.96 18.03
C LEU C 61 -37.32 46.98 18.87
N THR C 62 -37.71 48.13 18.30
CA THR C 62 -38.48 49.16 19.01
C THR C 62 -39.98 49.04 18.87
N GLU C 63 -40.50 48.07 18.12
CA GLU C 63 -41.91 48.12 17.78
C GLU C 63 -42.80 47.41 18.80
N GLY C 64 -42.30 47.13 19.99
CA GLY C 64 -43.14 46.44 20.92
C GLY C 64 -42.67 45.02 21.12
N LYS C 65 -43.58 44.10 21.36
CA LYS C 65 -43.13 42.74 21.63
C LYS C 65 -42.39 42.21 20.41
N LEU C 66 -41.43 41.34 20.65
CA LEU C 66 -40.71 40.71 19.56
C LEU C 66 -41.60 39.71 18.82
N PRO C 67 -41.40 39.51 17.50
CA PRO C 67 -42.06 38.38 16.84
C PRO C 67 -41.60 37.06 17.47
N ASP C 68 -42.38 36.00 17.23
CA ASP C 68 -42.08 34.67 17.76
C ASP C 68 -40.69 34.18 17.33
N ILE C 69 -40.33 34.35 16.05
CA ILE C 69 -39.04 33.99 15.49
C ILE C 69 -38.38 35.27 14.94
N VAL C 70 -37.10 35.48 15.28
CA VAL C 70 -36.30 36.59 14.82
C VAL C 70 -35.17 36.01 13.97
N SER C 71 -35.17 36.31 12.69
CA SER C 71 -34.11 35.93 11.76
C SER C 71 -33.29 37.16 11.37
N TYR C 72 -31.98 37.01 11.24
CA TYR C 72 -31.16 38.19 10.91
C TYR C 72 -29.83 37.76 10.34
N GLU C 73 -29.33 38.56 9.39
CA GLU C 73 -28.07 38.19 8.74
C GLU C 73 -26.86 38.46 9.63
N LEU C 74 -26.94 39.43 10.57
CA LEU C 74 -25.77 39.82 11.35
C LEU C 74 -25.84 39.02 12.65
N SER C 75 -25.15 37.87 12.67
CA SER C 75 -25.33 36.98 13.83
C SER C 75 -24.74 37.56 15.11
N ALA C 76 -23.70 38.37 15.07
CA ALA C 76 -23.23 38.97 16.32
C ALA C 76 -24.31 39.81 17.00
N ASP C 77 -25.04 40.58 16.21
CA ASP C 77 -26.15 41.37 16.75
C ASP C 77 -27.27 40.47 17.24
N LEU C 78 -27.55 39.41 16.50
CA LEU C 78 -28.56 38.45 16.92
C LEU C 78 -28.19 37.81 18.28
N GLU C 79 -26.91 37.38 18.44
CA GLU C 79 -26.47 36.80 19.71
C GLU C 79 -26.56 37.81 20.86
N ASN C 80 -26.28 39.09 20.60
CA ASN C 80 -26.47 40.13 21.61
C ASN C 80 -27.94 40.22 22.05
N LEU C 81 -28.86 40.06 21.12
CA LEU C 81 -30.25 40.06 21.52
C LEU C 81 -30.56 38.87 22.47
N GLY C 82 -29.93 37.73 22.23
CA GLY C 82 -30.07 36.65 23.19
C GLY C 82 -29.47 37.03 24.55
N ILE C 83 -28.22 37.52 24.54
CA ILE C 83 -27.53 37.87 25.77
C ILE C 83 -28.40 38.81 26.59
N GLU C 84 -29.09 39.72 25.92
CA GLU C 84 -29.89 40.72 26.63
C GLU C 84 -31.26 40.19 26.98
N GLY C 85 -31.62 38.97 26.57
CA GLY C 85 -32.88 38.40 27.02
C GLY C 85 -34.00 38.44 26.02
N GLY C 86 -33.75 38.99 24.81
CA GLY C 86 -34.75 39.06 23.76
C GLY C 86 -35.01 37.72 23.07
N LEU C 87 -33.98 36.88 22.94
CA LEU C 87 -34.08 35.51 22.46
C LEU C 87 -33.79 34.55 23.60
N ILE C 88 -34.45 33.39 23.58
CA ILE C 88 -34.21 32.43 24.69
C ILE C 88 -33.11 31.43 24.36
N PRO C 89 -32.43 30.89 25.37
CA PRO C 89 -31.52 29.75 25.16
C PRO C 89 -32.28 28.59 24.58
N LEU C 90 -31.66 27.93 23.60
CA LEU C 90 -32.28 26.84 22.90
C LEU C 90 -31.71 25.45 23.24
N GLU C 91 -30.61 25.38 23.99
CA GLU C 91 -29.86 24.12 24.05
C GLU C 91 -30.67 23.01 24.72
N ASP C 92 -31.48 23.37 25.75
CA ASP C 92 -32.34 22.41 26.42
C ASP C 92 -33.50 22.01 25.51
N LEU C 93 -34.11 22.99 24.80
CA LEU C 93 -35.15 22.63 23.83
C LEU C 93 -34.62 21.72 22.73
N ILE C 94 -33.40 21.95 22.27
CA ILE C 94 -32.83 21.06 21.25
C ILE C 94 -32.65 19.65 21.83
N ASN C 95 -32.06 19.58 23.02
CA ASN C 95 -31.77 18.30 23.69
C ASN C 95 -33.03 17.48 23.87
N GLN C 96 -34.14 18.14 24.21
CA GLN C 96 -35.39 17.45 24.55
C GLN C 96 -36.35 17.27 23.36
N HIS C 97 -36.31 18.16 22.35
CA HIS C 97 -37.33 18.14 21.32
C HIS C 97 -36.79 18.35 19.91
N ALA C 98 -35.50 18.37 19.70
CA ALA C 98 -35.00 18.64 18.35
C ALA C 98 -33.99 17.57 17.95
N PRO C 99 -34.46 16.33 17.69
CA PRO C 99 -33.51 15.23 17.40
C PRO C 99 -32.71 15.42 16.13
N ASN C 100 -33.27 16.07 15.11
CA ASN C 100 -32.50 16.26 13.88
C ASN C 100 -31.32 17.21 14.10
N LEU C 101 -31.56 18.33 14.84
CA LEU C 101 -30.50 19.25 15.18
C LEU C 101 -29.49 18.64 16.13
N LYS C 102 -29.97 17.94 17.16
CA LYS C 102 -29.08 17.29 18.09
C LYS C 102 -28.13 16.36 17.33
N LYS C 103 -28.65 15.58 16.40
CA LYS C 103 -27.78 14.72 15.59
C LYS C 103 -26.78 15.54 14.73
N PHE C 104 -27.28 16.58 14.02
CA PHE C 104 -26.40 17.42 13.21
C PHE C 104 -25.24 18.00 14.04
N PHE C 105 -25.52 18.44 15.27
CA PHE C 105 -24.49 18.97 16.17
C PHE C 105 -23.49 17.88 16.62
N GLU C 106 -23.98 16.66 16.89
CA GLU C 106 -23.10 15.54 17.26
C GLU C 106 -22.13 15.21 16.15
N GLU C 107 -22.61 15.16 14.90
CA GLU C 107 -21.77 14.93 13.74
C GLU C 107 -20.92 16.11 13.29
N ASN C 108 -21.18 17.33 13.77
CA ASN C 108 -20.47 18.53 13.31
C ASN C 108 -20.17 19.42 14.48
N PRO C 109 -19.21 19.04 15.33
CA PRO C 109 -18.96 19.87 16.51
C PRO C 109 -18.49 21.26 16.19
N ARG C 110 -17.82 21.42 15.04
CA ARG C 110 -17.46 22.74 14.56
C ARG C 110 -18.69 23.64 14.46
N TYR C 111 -19.73 23.12 13.82
CA TYR C 111 -20.98 23.82 13.67
C TYR C 111 -21.68 24.03 15.00
N LYS C 112 -21.54 23.09 15.96
CA LYS C 112 -22.13 23.34 17.27
C LYS C 112 -21.41 24.49 17.98
N LYS C 113 -20.05 24.53 17.91
CA LYS C 113 -19.29 25.70 18.41
C LYS C 113 -19.81 26.98 17.80
N ASP C 114 -20.08 26.97 16.48
CA ASP C 114 -20.59 28.17 15.82
C ASP C 114 -21.89 28.65 16.45
N ALA C 115 -22.73 27.76 16.95
CA ALA C 115 -24.01 28.16 17.51
C ALA C 115 -23.92 28.55 18.99
N VAL C 116 -22.85 28.21 19.67
CA VAL C 116 -22.76 28.43 21.10
C VAL C 116 -22.14 29.79 21.34
N ALA C 117 -22.82 30.64 22.13
CA ALA C 117 -22.39 31.97 22.52
C ALA C 117 -21.39 31.88 23.68
N VAL C 118 -20.83 33.05 24.04
CA VAL C 118 -19.75 33.06 25.03
C VAL C 118 -20.23 32.56 26.38
N ASP C 119 -21.51 32.78 26.72
CA ASP C 119 -22.01 32.37 28.04
C ASP C 119 -22.43 30.90 28.12
N GLY C 120 -22.16 30.11 27.07
CA GLY C 120 -22.54 28.72 27.01
C GLY C 120 -23.95 28.40 26.50
N HIS C 121 -24.79 29.42 26.24
CA HIS C 121 -26.14 29.19 25.70
C HIS C 121 -26.14 29.22 24.16
N ILE C 122 -27.11 28.54 23.56
CA ILE C 122 -27.34 28.66 22.12
C ILE C 122 -28.52 29.60 21.96
N TYR C 123 -28.31 30.74 21.31
CA TYR C 123 -29.42 31.68 21.11
C TYR C 123 -29.99 31.63 19.71
N MET C 124 -29.32 30.97 18.78
CA MET C 124 -29.76 30.96 17.40
C MET C 124 -29.24 29.70 16.72
N ILE C 125 -30.02 29.21 15.76
CA ILE C 125 -29.53 28.23 14.79
C ILE C 125 -29.00 29.01 13.60
N PRO C 126 -27.69 28.98 13.32
CA PRO C 126 -27.14 29.65 12.12
C PRO C 126 -27.69 29.07 10.82
N ASN C 127 -27.58 29.84 9.75
CA ASN C 127 -27.74 29.29 8.40
C ASN C 127 -26.38 28.81 7.89
N TYR C 128 -26.22 27.49 7.84
CA TYR C 128 -24.94 26.89 7.59
C TYR C 128 -24.73 26.71 6.10
N TYR C 129 -23.56 27.13 5.61
CA TYR C 129 -23.15 26.66 4.29
C TYR C 129 -22.67 25.23 4.43
N ASP C 130 -22.50 24.56 3.30
CA ASP C 130 -21.96 23.20 3.33
C ASP C 130 -20.44 23.28 3.20
N TYR C 131 -19.85 23.89 4.24
CA TYR C 131 -18.47 24.35 4.17
C TYR C 131 -17.48 23.22 3.95
N PHE C 132 -17.71 22.04 4.52
CA PHE C 132 -16.69 21.02 4.28
C PHE C 132 -16.81 20.33 2.92
N ASN C 133 -17.81 20.65 2.10
CA ASN C 133 -17.80 20.21 0.72
C ASN C 133 -17.46 21.30 -0.31
N ILE C 134 -17.84 22.55 -0.11
CA ILE C 134 -17.42 23.65 -0.97
C ILE C 134 -17.07 24.81 -0.05
N LYS C 135 -15.81 25.23 -0.03
CA LYS C 135 -15.38 26.36 0.79
C LYS C 135 -14.90 27.59 0.00
N VAL C 136 -14.91 27.59 -1.33
CA VAL C 136 -14.62 28.84 -2.06
C VAL C 136 -15.92 29.59 -2.19
N SER C 137 -15.82 30.88 -2.51
CA SER C 137 -16.99 31.72 -2.73
C SER C 137 -16.81 32.52 -4.02
N GLN C 138 -16.25 33.73 -3.95
CA GLN C 138 -16.17 34.59 -5.13
C GLN C 138 -14.86 34.40 -5.88
N GLY C 139 -14.92 34.67 -7.18
CA GLY C 139 -13.73 34.56 -8.02
C GLY C 139 -13.72 35.70 -9.01
N TYR C 140 -12.57 35.90 -9.66
CA TYR C 140 -12.46 36.98 -10.64
C TYR C 140 -12.81 36.42 -12.02
N PHE C 141 -13.53 37.21 -12.79
CA PHE C 141 -13.96 36.77 -14.11
C PHE C 141 -13.70 37.85 -15.14
N ILE C 142 -13.37 37.44 -16.38
CA ILE C 142 -13.12 38.43 -17.42
C ILE C 142 -13.69 37.96 -18.75
N ARG C 143 -14.05 38.90 -19.60
CA ARG C 143 -14.56 38.55 -20.92
C ARG C 143 -13.44 38.09 -21.85
N GLN C 144 -13.21 36.76 -21.87
CA GLN C 144 -12.22 36.17 -22.76
C GLN C 144 -12.52 36.46 -24.23
N ASP C 145 -13.80 36.46 -24.62
CA ASP C 145 -14.14 36.83 -26.00
C ASP C 145 -13.78 38.30 -26.29
N TRP C 146 -13.86 39.20 -25.32
CA TRP C 146 -13.41 40.56 -25.60
C TRP C 146 -11.88 40.66 -25.69
N LEU C 147 -11.15 39.94 -24.83
CA LEU C 147 -9.69 39.92 -24.92
C LEU C 147 -9.26 39.48 -26.32
N GLU C 148 -9.85 38.37 -26.81
CA GLU C 148 -9.53 37.77 -28.11
C GLU C 148 -9.92 38.71 -29.21
N LYS C 149 -11.08 39.38 -29.08
CA LYS C 149 -11.46 40.38 -30.08
C LYS C 149 -10.47 41.54 -30.14
N LEU C 150 -9.94 41.96 -29.02
CA LEU C 150 -9.05 43.10 -29.09
C LEU C 150 -7.59 42.67 -29.21
N GLY C 151 -7.32 41.38 -29.37
CA GLY C 151 -5.95 40.94 -29.49
C GLY C 151 -5.12 41.00 -28.23
N LEU C 152 -5.75 40.92 -27.05
CA LEU C 152 -5.07 41.13 -25.77
C LEU C 152 -4.92 39.80 -25.04
N LYS C 153 -3.81 39.64 -24.33
CA LYS C 153 -3.70 38.47 -23.48
C LYS C 153 -4.38 38.75 -22.13
N GLU C 154 -4.67 37.67 -21.43
CA GLU C 154 -5.28 37.80 -20.11
C GLU C 154 -4.39 38.65 -19.19
N PRO C 155 -4.92 39.73 -18.56
CA PRO C 155 -4.12 40.45 -17.56
C PRO C 155 -3.83 39.57 -16.35
N ARG C 156 -2.60 39.69 -15.80
CA ARG C 156 -2.20 38.89 -14.66
C ARG C 156 -1.80 39.72 -13.43
N THR C 157 -1.69 41.05 -13.55
CA THR C 157 -1.48 41.97 -12.45
C THR C 157 -2.57 43.03 -12.44
N VAL C 158 -2.63 43.76 -11.33
CA VAL C 158 -3.60 44.84 -11.22
C VAL C 158 -3.30 45.94 -12.23
N ASP C 159 -2.01 46.22 -12.45
CA ASP C 159 -1.64 47.23 -13.44
C ASP C 159 -2.06 46.80 -14.84
N GLU C 160 -1.87 45.51 -15.17
CA GLU C 160 -2.36 45.00 -16.46
C GLU C 160 -3.88 45.02 -16.54
N LEU C 161 -4.56 44.73 -15.41
CA LEU C 161 -6.01 44.82 -15.45
C LEU C 161 -6.44 46.26 -15.78
N TYR C 162 -5.81 47.26 -15.12
CA TYR C 162 -6.06 48.68 -15.45
C TYR C 162 -6.04 48.93 -16.94
N THR C 163 -4.93 48.54 -17.60
CA THR C 163 -4.79 48.82 -19.02
C THR C 163 -5.85 48.06 -19.82
N THR C 164 -6.17 46.83 -19.42
CA THR C 164 -7.19 46.06 -20.13
C THR C 164 -8.58 46.69 -19.98
N LEU C 165 -8.95 47.11 -18.78
CA LEU C 165 -10.25 47.76 -18.58
C LEU C 165 -10.35 49.04 -19.40
N LYS C 166 -9.25 49.81 -19.45
CA LYS C 166 -9.23 51.00 -20.31
C LYS C 166 -9.48 50.64 -21.78
N ALA C 167 -8.87 49.56 -22.26
CA ALA C 167 -9.17 49.10 -23.62
C ALA C 167 -10.64 48.70 -23.78
N PHE C 168 -11.21 48.00 -22.78
CA PHE C 168 -12.64 47.70 -22.83
C PHE C 168 -13.49 48.97 -22.92
N ARG C 169 -13.12 50.00 -22.16
CA ARG C 169 -13.88 51.24 -22.14
C ARG C 169 -13.75 51.98 -23.47
N GLU C 170 -12.56 51.96 -24.08
CA GLU C 170 -12.25 52.87 -25.19
C GLU C 170 -12.33 52.25 -26.59
N LYS C 171 -12.27 50.92 -26.76
CA LYS C 171 -12.14 50.32 -28.09
C LYS C 171 -13.35 49.48 -28.49
N ASP C 172 -14.53 49.77 -27.93
CA ASP C 172 -15.80 49.25 -28.43
C ASP C 172 -15.83 47.73 -28.67
N PRO C 173 -15.45 46.93 -27.68
CA PRO C 173 -15.43 45.46 -27.91
C PRO C 173 -16.80 44.82 -28.16
N ASN C 174 -17.94 45.43 -27.76
CA ASN C 174 -19.23 44.82 -28.13
C ASN C 174 -19.71 45.19 -29.52
N GLY C 175 -18.94 46.02 -30.24
CA GLY C 175 -19.15 46.20 -31.65
C GLY C 175 -20.31 47.08 -32.02
N ASN C 176 -20.88 47.84 -31.10
CA ASN C 176 -22.09 48.57 -31.41
C ASN C 176 -21.83 50.04 -31.71
N GLY C 177 -20.57 50.45 -31.82
CA GLY C 177 -20.24 51.82 -32.12
C GLY C 177 -20.58 52.82 -31.04
N LYS C 178 -20.90 52.35 -29.82
CA LYS C 178 -21.14 53.25 -28.71
C LYS C 178 -20.15 52.99 -27.58
N LYS C 179 -19.86 54.07 -26.85
CA LYS C 179 -19.00 54.00 -25.69
C LYS C 179 -19.87 53.66 -24.45
N ASP C 180 -20.37 52.42 -24.45
CA ASP C 180 -21.30 51.99 -23.43
C ASP C 180 -20.73 50.89 -22.57
N GLU C 181 -19.51 50.42 -22.87
CA GLU C 181 -18.95 49.32 -22.07
C GLU C 181 -18.80 49.73 -20.60
N VAL C 182 -19.09 48.77 -19.71
CA VAL C 182 -18.92 48.88 -18.25
C VAL C 182 -17.83 47.86 -17.90
N PRO C 183 -16.53 48.26 -17.88
CA PRO C 183 -15.49 47.23 -17.89
C PRO C 183 -15.49 46.31 -16.67
N PHE C 184 -15.59 46.86 -15.48
CA PHE C 184 -15.62 46.07 -14.26
C PHE C 184 -16.87 46.48 -13.52
N PHE C 185 -17.62 45.51 -13.02
CA PHE C 185 -18.87 45.78 -12.32
C PHE C 185 -18.94 44.82 -11.14
N VAL C 186 -19.84 45.09 -10.22
CA VAL C 186 -20.00 44.27 -9.04
C VAL C 186 -21.48 43.97 -8.86
N ARG C 187 -21.80 43.19 -7.82
CA ARG C 187 -23.18 42.80 -7.52
C ARG C 187 -23.30 42.67 -5.99
N ALA C 188 -24.13 43.50 -5.39
CA ALA C 188 -24.16 43.63 -3.95
C ALA C 188 -25.40 44.43 -3.59
N ASN C 189 -25.83 44.39 -2.33
CA ASN C 189 -26.99 45.24 -2.03
C ASN C 189 -26.76 46.20 -0.88
N ASN C 190 -25.52 46.39 -0.42
CA ASN C 190 -25.27 47.53 0.45
C ASN C 190 -23.83 47.99 0.21
N VAL C 191 -23.46 49.09 0.85
CA VAL C 191 -22.14 49.67 0.60
C VAL C 191 -21.01 48.70 0.95
N ARG C 192 -21.10 48.03 2.11
CA ARG C 192 -20.04 47.09 2.47
C ARG C 192 -19.88 46.00 1.44
N LYS C 193 -20.97 45.45 0.92
CA LYS C 193 -20.81 44.37 -0.05
C LYS C 193 -20.27 44.91 -1.38
N VAL C 194 -20.58 46.17 -1.75
CA VAL C 194 -19.90 46.74 -2.92
C VAL C 194 -18.40 46.86 -2.66
N LEU C 195 -18.01 47.44 -1.52
CA LEU C 195 -16.57 47.56 -1.23
C LEU C 195 -15.89 46.19 -1.23
N THR C 196 -16.58 45.17 -0.68
CA THR C 196 -16.01 43.82 -0.65
C THR C 196 -15.56 43.35 -2.04
N SER C 197 -16.34 43.62 -3.06
CA SER C 197 -15.98 43.14 -4.39
C SER C 197 -15.12 44.12 -5.18
N LEU C 198 -14.70 45.24 -4.57
CA LEU C 198 -13.81 46.20 -5.22
C LEU C 198 -12.41 46.23 -4.62
N VAL C 199 -12.31 46.18 -3.29
CA VAL C 199 -11.03 46.43 -2.65
C VAL C 199 -10.17 45.16 -2.59
N ASP C 200 -10.78 43.98 -2.74
CA ASP C 200 -10.00 42.75 -2.73
C ASP C 200 -9.04 42.69 -3.93
N LEU C 201 -9.38 43.39 -5.03
CA LEU C 201 -8.50 43.48 -6.20
C LEU C 201 -7.11 43.93 -5.79
N PHE C 202 -7.05 44.88 -4.83
CA PHE C 202 -5.85 45.55 -4.33
C PHE C 202 -5.33 44.95 -3.04
N LYS C 203 -5.78 43.78 -2.67
CA LYS C 203 -5.30 43.06 -1.49
C LYS C 203 -5.68 43.81 -0.23
N ALA C 204 -6.79 44.53 -0.27
CA ALA C 204 -7.27 45.27 0.88
C ALA C 204 -8.53 44.60 1.43
N SER C 205 -9.04 45.09 2.57
CA SER C 205 -10.28 44.52 3.12
C SER C 205 -11.11 45.62 3.78
N PRO C 206 -12.45 45.57 3.68
CA PRO C 206 -13.30 46.55 4.38
C PRO C 206 -13.68 46.09 5.78
N ILE C 207 -13.17 44.95 6.21
CA ILE C 207 -13.59 44.40 7.50
C ILE C 207 -12.34 44.03 8.29
N TRP C 208 -12.47 43.25 9.35
CA TRP C 208 -11.32 42.76 10.09
C TRP C 208 -10.73 41.55 9.39
N TYR C 209 -9.39 41.42 9.49
CA TYR C 209 -8.67 40.29 8.92
C TYR C 209 -7.52 39.90 9.84
N GLU C 210 -7.05 38.67 9.67
CA GLU C 210 -5.94 38.13 10.46
C GLU C 210 -4.68 38.01 9.60
N GLU C 211 -3.55 38.43 10.15
CA GLU C 211 -2.25 38.16 9.53
C GLU C 211 -1.25 37.95 10.66
N ASN C 212 -0.78 36.70 10.82
CA ASN C 212 0.16 36.34 11.89
C ASN C 212 -0.47 36.53 13.28
N GLY C 213 -1.56 35.80 13.53
CA GLY C 213 -2.17 35.81 14.85
C GLY C 213 -2.73 37.17 15.26
N MET C 214 -2.36 38.20 14.49
CA MET C 214 -2.80 39.59 14.60
C MET C 214 -4.15 39.81 13.92
N VAL C 215 -5.12 40.42 14.61
CA VAL C 215 -6.35 40.91 13.97
C VAL C 215 -6.25 42.43 13.77
N LYS C 216 -6.53 42.87 12.55
CA LYS C 216 -6.37 44.27 12.14
C LYS C 216 -7.62 44.71 11.38
N TYR C 217 -7.89 46.01 11.44
CA TYR C 217 -9.05 46.59 10.78
C TYR C 217 -8.63 47.00 9.38
N GLY C 218 -9.11 46.28 8.37
CA GLY C 218 -8.79 46.59 6.99
C GLY C 218 -8.85 48.07 6.61
N PRO C 219 -9.96 48.76 6.90
CA PRO C 219 -10.08 50.18 6.39
C PRO C 219 -9.08 51.17 7.00
N ALA C 220 -8.31 50.79 8.03
CA ALA C 220 -7.27 51.65 8.60
C ALA C 220 -5.88 51.39 8.07
N GLN C 221 -5.71 50.48 7.11
CA GLN C 221 -4.41 50.11 6.57
C GLN C 221 -4.07 50.89 5.33
N LYS C 222 -2.76 51.05 5.11
CA LYS C 222 -2.34 51.76 3.90
C LYS C 222 -2.74 51.03 2.64
N GLU C 223 -2.91 49.70 2.69
CA GLU C 223 -3.32 49.03 1.44
C GLU C 223 -4.76 49.37 1.10
N PHE C 224 -5.59 49.66 2.09
CA PHE C 224 -6.92 50.17 1.82
C PHE C 224 -6.85 51.57 1.21
N LYS C 225 -5.99 52.43 1.75
CA LYS C 225 -5.86 53.76 1.15
C LYS C 225 -5.48 53.66 -0.31
N HIS C 226 -4.53 52.78 -0.65
CA HIS C 226 -4.16 52.60 -2.04
C HIS C 226 -5.33 52.04 -2.82
N ALA C 227 -6.03 51.07 -2.27
CA ALA C 227 -7.20 50.54 -2.98
C ALA C 227 -8.18 51.66 -3.33
N ILE C 228 -8.51 52.51 -2.38
CA ILE C 228 -9.49 53.55 -2.65
C ILE C 228 -8.94 54.55 -3.66
N LYS C 229 -7.65 54.93 -3.54
CA LYS C 229 -7.10 55.94 -4.41
C LYS C 229 -7.13 55.47 -5.87
N GLU C 230 -6.80 54.19 -6.09
CA GLU C 230 -6.86 53.60 -7.42
C GLU C 230 -8.32 53.50 -7.91
N LEU C 231 -9.20 53.03 -7.04
CA LEU C 231 -10.61 52.89 -7.41
C LEU C 231 -11.17 54.25 -7.83
N SER C 232 -10.78 55.31 -7.12
CA SER C 232 -11.22 56.65 -7.48
C SER C 232 -10.71 57.06 -8.86
N LYS C 233 -9.47 56.71 -9.19
CA LYS C 233 -8.94 57.00 -10.54
C LYS C 233 -9.63 56.13 -11.57
N TRP C 234 -9.84 54.82 -11.29
CA TRP C 234 -10.52 54.02 -12.29
C TRP C 234 -11.95 54.48 -12.44
N TYR C 235 -12.57 54.94 -11.34
CA TYR C 235 -13.95 55.44 -11.43
C TYR C 235 -14.01 56.64 -12.36
N LYS C 236 -13.13 57.61 -12.16
CA LYS C 236 -13.12 58.79 -13.03
C LYS C 236 -12.94 58.43 -14.49
N GLU C 237 -12.16 57.40 -14.79
CA GLU C 237 -11.92 56.99 -16.18
C GLU C 237 -13.01 56.08 -16.72
N GLY C 238 -14.06 55.83 -15.94
CA GLY C 238 -15.10 54.96 -16.45
C GLY C 238 -14.74 53.48 -16.52
N LEU C 239 -13.74 53.04 -15.77
CA LEU C 239 -13.33 51.63 -15.82
C LEU C 239 -14.13 50.77 -14.84
N ILE C 240 -14.61 51.35 -13.74
CA ILE C 240 -15.58 50.67 -12.87
C ILE C 240 -16.94 51.35 -13.06
N ASP C 241 -17.98 50.53 -13.08
CA ASP C 241 -19.36 50.94 -13.24
C ASP C 241 -19.66 52.25 -12.50
N GLU C 242 -20.08 53.26 -13.26
CA GLU C 242 -20.43 54.51 -12.60
C GLU C 242 -21.54 54.27 -11.56
N GLU C 243 -22.32 53.20 -11.73
CA GLU C 243 -23.41 52.90 -10.79
C GLU C 243 -23.03 51.84 -9.75
N ILE C 244 -21.73 51.67 -9.44
CA ILE C 244 -21.31 50.59 -8.52
C ILE C 244 -22.20 50.57 -7.26
N PHE C 245 -22.45 51.74 -6.65
CA PHE C 245 -23.15 51.75 -5.33
C PHE C 245 -24.66 51.77 -5.44
N THR C 246 -25.22 51.99 -6.63
CA THR C 246 -26.67 52.07 -6.67
C THR C 246 -27.32 51.00 -7.51
N ARG C 247 -26.58 50.28 -8.35
CA ARG C 247 -27.23 49.40 -9.29
C ARG C 247 -27.94 48.21 -8.63
N GLY C 248 -27.51 47.76 -7.46
CA GLY C 248 -28.26 46.69 -6.79
C GLY C 248 -28.03 45.31 -7.39
N LEU C 249 -28.83 44.36 -6.91
CA LEU C 249 -28.56 42.95 -7.10
C LEU C 249 -28.82 42.50 -8.54
N GLU C 250 -29.45 43.35 -9.37
CA GLU C 250 -29.67 43.00 -10.77
C GLU C 250 -28.52 43.46 -11.68
N SER C 251 -27.48 44.11 -11.14
CA SER C 251 -26.35 44.60 -11.91
C SER C 251 -25.82 43.56 -12.89
N ARG C 252 -25.43 42.38 -12.40
CA ARG C 252 -24.75 41.37 -13.21
C ARG C 252 -25.63 40.88 -14.36
N ASP C 253 -26.86 40.49 -14.04
CA ASP C 253 -27.78 40.06 -15.10
C ASP C 253 -28.00 41.14 -16.15
N TYR C 254 -28.25 42.38 -15.71
CA TYR C 254 -28.44 43.45 -16.68
C TYR C 254 -27.18 43.67 -17.53
N LEU C 255 -26.00 43.77 -16.90
CA LEU C 255 -24.81 44.15 -17.67
C LEU C 255 -24.34 43.03 -18.56
N LEU C 256 -24.48 41.78 -18.13
CA LEU C 256 -24.06 40.67 -18.96
C LEU C 256 -25.05 40.43 -20.10
N SER C 257 -26.36 40.39 -19.79
CA SER C 257 -27.36 40.06 -20.81
C SER C 257 -27.39 41.11 -21.90
N ASN C 258 -27.05 42.37 -21.58
CA ASN C 258 -26.96 43.45 -22.57
C ASN C 258 -25.54 43.68 -23.15
N ASN C 259 -24.60 42.75 -22.95
CA ASN C 259 -23.25 42.84 -23.53
C ASN C 259 -22.52 44.13 -23.16
N LEU C 260 -22.66 44.58 -21.91
CA LEU C 260 -21.94 45.77 -21.46
C LEU C 260 -20.77 45.44 -20.52
N GLY C 261 -20.88 44.36 -19.74
CA GLY C 261 -19.95 44.07 -18.66
C GLY C 261 -18.72 43.29 -19.11
N GLY C 262 -17.54 43.74 -18.67
CA GLY C 262 -16.31 43.12 -19.13
C GLY C 262 -15.62 42.21 -18.11
N ALA C 263 -15.86 42.42 -16.81
CA ALA C 263 -15.08 41.71 -15.79
C ALA C 263 -15.83 41.87 -14.47
N THR C 264 -15.63 40.96 -13.51
CA THR C 264 -16.33 41.13 -12.24
C THR C 264 -15.60 40.33 -11.16
N ASP C 265 -16.10 40.44 -9.93
CA ASP C 265 -15.61 39.64 -8.81
C ASP C 265 -16.86 39.11 -8.12
N ASP C 266 -17.14 37.81 -8.21
CA ASP C 266 -18.47 37.33 -7.84
C ASP C 266 -18.46 35.82 -7.61
N TRP C 267 -19.55 35.30 -7.04
CA TRP C 267 -19.60 33.89 -6.67
C TRP C 267 -19.36 33.00 -7.89
N ILE C 268 -18.58 31.98 -7.73
CA ILE C 268 -18.08 31.26 -8.90
C ILE C 268 -19.21 30.55 -9.60
N ALA C 269 -20.06 29.81 -8.87
CA ALA C 269 -21.02 28.95 -9.58
C ALA C 269 -22.02 29.78 -10.35
N SER C 270 -22.67 30.76 -9.70
CA SER C 270 -23.68 31.50 -10.43
C SER C 270 -23.07 32.35 -11.53
N THR C 271 -21.86 32.91 -11.33
CA THR C 271 -21.23 33.68 -12.41
C THR C 271 -20.85 32.77 -13.57
N SER C 272 -20.46 31.53 -13.26
CA SER C 272 -20.12 30.56 -14.28
C SER C 272 -21.32 30.13 -15.11
N SER C 273 -22.55 30.38 -14.62
CA SER C 273 -23.80 30.02 -15.31
C SER C 273 -24.03 30.83 -16.59
N TYR C 274 -23.41 32.03 -16.73
CA TYR C 274 -23.84 32.94 -17.81
C TYR C 274 -23.37 32.47 -19.20
N ASN C 275 -22.27 31.73 -19.31
CA ASN C 275 -21.85 31.28 -20.65
C ASN C 275 -22.93 30.41 -21.33
N ARG C 276 -23.41 29.37 -20.64
CA ARG C 276 -24.53 28.60 -21.21
C ARG C 276 -25.75 29.49 -21.41
N ASN C 277 -26.02 30.37 -20.48
CA ASN C 277 -27.26 31.12 -20.45
C ASN C 277 -27.38 32.12 -21.60
N LEU C 278 -26.30 32.85 -21.95
CA LEU C 278 -26.33 33.85 -23.02
C LEU C 278 -25.70 33.33 -24.33
N ALA C 279 -25.49 32.01 -24.47
CA ALA C 279 -24.70 31.54 -25.60
C ALA C 279 -25.36 31.89 -26.93
N ASP C 280 -26.70 31.88 -26.98
CA ASP C 280 -27.42 32.30 -28.18
C ASP C 280 -27.63 33.80 -28.22
N LYS C 281 -27.98 34.40 -27.06
CA LYS C 281 -28.18 35.85 -27.05
C LYS C 281 -26.93 36.62 -27.52
N ILE C 282 -25.75 36.20 -27.07
CA ILE C 282 -24.48 36.88 -27.38
C ILE C 282 -23.52 35.84 -27.93
N PRO C 283 -23.49 35.65 -29.24
CA PRO C 283 -22.62 34.62 -29.85
C PRO C 283 -21.17 34.82 -29.43
N GLY C 284 -20.54 33.73 -28.95
CA GLY C 284 -19.16 33.78 -28.52
C GLY C 284 -18.92 34.25 -27.08
N PHE C 285 -19.96 34.69 -26.37
CA PHE C 285 -19.82 35.16 -24.99
C PHE C 285 -18.96 34.20 -24.15
N ASN C 286 -17.88 34.71 -23.53
CA ASN C 286 -17.05 33.81 -22.69
C ASN C 286 -16.56 34.60 -21.47
N LEU C 287 -17.36 34.55 -20.39
CA LEU C 287 -17.01 35.21 -19.12
C LEU C 287 -16.29 34.15 -18.29
N LYS C 288 -14.97 34.33 -18.11
CA LYS C 288 -14.05 33.26 -17.76
C LYS C 288 -13.38 33.54 -16.42
N LEU C 289 -13.30 32.51 -15.61
CA LEU C 289 -12.65 32.57 -14.31
C LEU C 289 -11.15 32.68 -14.46
N VAL C 290 -10.53 33.59 -13.71
CA VAL C 290 -9.06 33.74 -13.66
C VAL C 290 -8.59 33.75 -12.21
N LEU C 291 -7.33 33.38 -12.01
CA LEU C 291 -6.80 33.49 -10.64
C LEU C 291 -6.74 34.98 -10.27
N PRO C 292 -6.87 35.31 -8.98
CA PRO C 292 -6.83 36.72 -8.60
C PRO C 292 -5.61 37.39 -9.22
N TYR C 293 -5.80 38.60 -9.74
CA TYR C 293 -4.69 39.32 -10.32
C TYR C 293 -3.63 39.56 -9.25
N GLU C 294 -2.35 39.44 -9.65
CA GLU C 294 -1.26 39.61 -8.70
C GLU C 294 -0.98 41.08 -8.48
N LEU C 295 -0.61 41.43 -7.25
CA LEU C 295 -0.08 42.74 -6.91
C LEU C 295 1.30 42.54 -6.34
N ASN C 296 2.35 42.88 -7.11
CA ASN C 296 3.75 42.70 -6.69
C ASN C 296 3.97 41.32 -6.08
N GLY C 297 3.51 40.32 -6.80
CA GLY C 297 3.73 38.97 -6.37
C GLY C 297 2.70 38.43 -5.40
N ASN C 298 1.78 39.27 -4.91
CA ASN C 298 0.76 38.77 -3.96
C ASN C 298 -0.38 38.17 -4.79
N ALA C 299 -0.54 36.86 -4.70
CA ALA C 299 -1.52 36.10 -5.48
C ALA C 299 -2.84 35.83 -4.74
N LYS C 300 -2.99 36.29 -3.51
CA LYS C 300 -4.10 35.86 -2.65
C LYS C 300 -5.36 36.70 -2.82
N THR C 301 -6.49 36.06 -2.57
CA THR C 301 -7.76 36.72 -2.37
C THR C 301 -8.31 36.39 -0.98
N ARG C 302 -9.00 37.37 -0.37
CA ARG C 302 -9.68 37.11 0.90
C ARG C 302 -11.15 36.68 0.76
N HIS C 303 -11.64 36.41 -0.45
CA HIS C 303 -12.96 35.81 -0.63
C HIS C 303 -12.88 34.32 -0.28
N ALA C 304 -13.55 33.92 0.81
CA ALA C 304 -13.67 32.52 1.21
C ALA C 304 -15.08 32.35 1.79
N ARG C 305 -15.67 31.17 1.57
CA ARG C 305 -16.95 30.89 2.18
C ARG C 305 -16.76 30.78 3.69
N THR C 306 -17.71 31.30 4.45
CA THR C 306 -17.73 31.08 5.89
C THR C 306 -18.49 29.79 6.18
N THR C 307 -18.40 29.34 7.45
CA THR C 307 -19.17 28.13 7.80
C THR C 307 -20.65 28.46 7.89
N TYR C 308 -21.02 29.72 8.16
CA TYR C 308 -22.44 30.07 8.24
C TYR C 308 -22.62 31.55 7.92
N LEU C 309 -23.88 31.94 7.73
CA LEU C 309 -24.27 33.34 7.54
C LEU C 309 -25.57 33.57 8.31
N GLY C 310 -25.56 34.47 9.33
CA GLY C 310 -26.81 34.82 9.97
C GLY C 310 -27.43 33.66 10.77
N GLY C 311 -28.69 33.79 11.14
CA GLY C 311 -29.34 32.74 11.90
C GLY C 311 -30.73 33.15 12.30
N TRP C 312 -31.39 32.29 13.10
CA TRP C 312 -32.69 32.65 13.65
C TRP C 312 -32.87 32.07 15.05
N GLY C 313 -33.69 32.75 15.84
CA GLY C 313 -33.89 32.36 17.22
C GLY C 313 -35.36 32.48 17.56
N ILE C 314 -35.67 32.12 18.79
CA ILE C 314 -37.03 32.15 19.32
C ILE C 314 -37.09 33.25 20.37
N SER C 315 -38.06 34.16 20.25
CA SER C 315 -38.00 35.31 21.15
C SER C 315 -38.66 34.97 22.50
N LYS C 316 -38.32 35.77 23.50
CA LYS C 316 -38.94 35.72 24.82
C LYS C 316 -40.46 35.88 24.74
N ASP C 317 -40.98 36.47 23.67
CA ASP C 317 -42.42 36.66 23.60
C ASP C 317 -43.12 35.50 22.91
N ALA C 318 -42.38 34.54 22.39
CA ALA C 318 -43.03 33.38 21.77
C ALA C 318 -43.75 32.57 22.84
N LYS C 319 -45.03 32.25 22.62
CA LYS C 319 -45.81 31.58 23.65
C LYS C 319 -45.58 30.07 23.68
N ASP C 320 -45.24 29.47 22.56
CA ASP C 320 -45.10 28.01 22.48
C ASP C 320 -43.71 27.70 21.93
N PRO C 321 -42.65 27.89 22.73
CA PRO C 321 -41.28 27.65 22.19
C PRO C 321 -40.99 26.20 21.86
N VAL C 322 -41.69 25.25 22.47
CA VAL C 322 -41.50 23.84 22.13
C VAL C 322 -41.97 23.55 20.69
N SER C 323 -43.13 24.10 20.31
CA SER C 323 -43.57 24.02 18.90
C SER C 323 -42.61 24.69 17.93
N LEU C 324 -41.97 25.76 18.35
CA LEU C 324 -41.06 26.42 17.41
C LEU C 324 -39.72 25.69 17.28
N ILE C 325 -39.18 25.10 18.36
CA ILE C 325 -37.94 24.31 18.18
C ILE C 325 -38.22 23.10 17.28
N LYS C 326 -39.45 22.56 17.31
CA LYS C 326 -39.79 21.48 16.38
C LYS C 326 -39.80 21.98 14.96
N TYR C 327 -40.27 23.21 14.75
CA TYR C 327 -40.24 23.81 13.44
C TYR C 327 -38.81 24.01 12.94
N PHE C 328 -37.93 24.62 13.76
CA PHE C 328 -36.50 24.68 13.41
C PHE C 328 -35.96 23.29 13.05
N ASP C 329 -36.38 22.27 13.81
CA ASP C 329 -35.82 20.93 13.60
C ASP C 329 -36.32 20.33 12.29
N TYR C 330 -37.51 20.73 11.87
CA TYR C 330 -38.02 20.20 10.62
C TYR C 330 -37.07 20.46 9.48
N TRP C 331 -36.35 21.61 9.52
CA TRP C 331 -35.53 21.97 8.38
C TRP C 331 -34.27 21.12 8.28
N TYR C 332 -34.00 20.33 9.33
CA TYR C 332 -32.89 19.39 9.46
C TYR C 332 -33.36 17.94 9.34
N SER C 333 -34.64 17.72 9.12
CA SER C 333 -35.08 16.41 8.62
C SER C 333 -34.58 16.22 7.19
N VAL C 334 -34.51 14.96 6.77
CA VAL C 334 -34.05 14.70 5.40
C VAL C 334 -34.90 15.47 4.41
N GLU C 335 -36.22 15.47 4.60
CA GLU C 335 -37.13 16.10 3.65
C GLU C 335 -37.13 17.61 3.78
N GLY C 336 -37.00 18.13 5.00
CA GLY C 336 -37.00 19.58 5.15
C GLY C 336 -35.72 20.20 4.60
N ARG C 337 -34.57 19.54 4.83
CA ARG C 337 -33.32 20.06 4.27
C ARG C 337 -33.30 19.93 2.74
N ARG C 338 -33.83 18.82 2.19
CA ARG C 338 -33.93 18.73 0.74
C ARG C 338 -34.82 19.85 0.21
N LEU C 339 -35.94 20.10 0.89
CA LEU C 339 -36.85 21.17 0.49
C LEU C 339 -36.18 22.54 0.50
N TRP C 340 -35.53 22.88 1.62
CA TRP C 340 -34.93 24.21 1.68
C TRP C 340 -33.95 24.38 0.53
N ASN C 341 -33.22 23.30 0.20
CA ASN C 341 -32.10 23.40 -0.74
C ASN C 341 -32.52 23.30 -2.19
N PHE C 342 -33.52 22.46 -2.51
CA PHE C 342 -33.79 22.04 -3.89
C PHE C 342 -35.14 22.52 -4.43
N GLY C 343 -36.03 23.01 -3.58
CA GLY C 343 -37.34 23.45 -4.04
C GLY C 343 -38.30 22.26 -4.04
N ILE C 344 -39.25 22.20 -5.00
CA ILE C 344 -40.41 21.28 -4.97
C ILE C 344 -40.20 20.09 -5.92
N GLU C 345 -40.34 18.87 -5.36
CA GLU C 345 -40.25 17.62 -6.13
C GLU C 345 -41.32 17.58 -7.22
N GLY C 346 -40.94 17.06 -8.40
CA GLY C 346 -41.77 17.09 -9.59
C GLY C 346 -41.84 18.44 -10.26
N SER C 347 -41.16 19.46 -9.73
CA SER C 347 -41.07 20.76 -10.38
C SER C 347 -39.62 21.24 -10.58
N GLU C 348 -38.84 21.34 -9.48
CA GLU C 348 -37.43 21.78 -9.57
C GLU C 348 -36.48 20.59 -9.75
N TYR C 349 -36.88 19.42 -9.27
CA TYR C 349 -36.06 18.21 -9.37
C TYR C 349 -36.98 17.01 -9.47
N THR C 350 -36.40 15.86 -9.82
CA THR C 350 -37.07 14.59 -9.64
C THR C 350 -36.05 13.70 -8.97
N LEU C 351 -36.54 12.67 -8.30
CA LEU C 351 -35.64 11.68 -7.72
C LEU C 351 -35.23 10.69 -8.80
N VAL C 352 -33.94 10.59 -9.00
CA VAL C 352 -33.38 9.64 -9.93
C VAL C 352 -32.42 8.87 -9.08
N ASP C 353 -32.76 7.60 -8.83
CA ASP C 353 -31.93 6.75 -8.01
C ASP C 353 -31.83 7.26 -6.56
N GLY C 354 -32.94 7.85 -6.06
CA GLY C 354 -33.02 8.37 -4.72
C GLY C 354 -32.36 9.71 -4.47
N LYS C 355 -31.78 10.33 -5.50
CA LYS C 355 -31.08 11.63 -5.39
C LYS C 355 -31.72 12.66 -6.31
N PRO C 356 -31.84 13.91 -5.86
CA PRO C 356 -32.42 14.95 -6.73
C PRO C 356 -31.59 15.14 -7.99
N VAL C 357 -32.28 15.28 -9.10
CA VAL C 357 -31.72 15.71 -10.36
C VAL C 357 -32.58 16.88 -10.80
N PHE C 358 -31.96 18.06 -10.99
CA PHE C 358 -32.75 19.23 -11.36
C PHE C 358 -33.40 19.03 -12.71
N THR C 359 -34.52 19.72 -12.91
CA THR C 359 -35.28 19.63 -14.15
C THR C 359 -34.80 20.69 -15.12
N ASP C 360 -35.37 20.68 -16.34
CA ASP C 360 -35.03 21.73 -17.30
C ASP C 360 -35.54 23.09 -16.83
N LYS C 361 -36.59 23.16 -16.00
CA LYS C 361 -37.05 24.47 -15.53
C LYS C 361 -35.93 25.23 -14.82
N VAL C 362 -35.05 24.48 -14.17
CA VAL C 362 -33.90 25.01 -13.43
C VAL C 362 -32.63 25.04 -14.28
N LEU C 363 -32.32 23.95 -15.03
CA LEU C 363 -31.00 23.81 -15.65
C LEU C 363 -30.91 24.57 -16.98
N LYS C 364 -32.02 24.60 -17.76
CA LYS C 364 -32.12 25.30 -19.08
C LYS C 364 -33.44 26.07 -19.05
N ASN C 365 -33.50 27.13 -18.24
CA ASN C 365 -34.81 27.72 -17.96
C ASN C 365 -35.46 28.25 -19.26
N PRO C 366 -36.71 27.77 -19.62
CA PRO C 366 -37.44 28.26 -20.82
C PRO C 366 -37.63 29.77 -20.99
N ASP C 367 -37.47 30.57 -19.93
CA ASP C 367 -37.50 32.02 -20.05
C ASP C 367 -36.12 32.61 -19.81
N GLY C 368 -35.07 31.81 -19.96
CA GLY C 368 -33.72 32.36 -19.96
C GLY C 368 -33.14 32.75 -18.62
N LYS C 369 -33.64 32.18 -17.53
CA LYS C 369 -33.23 32.48 -16.17
C LYS C 369 -32.03 31.60 -15.77
N THR C 370 -31.18 32.15 -14.89
CA THR C 370 -30.08 31.41 -14.26
C THR C 370 -30.59 30.34 -13.29
N PRO C 371 -29.86 29.25 -13.09
CA PRO C 371 -30.37 28.22 -12.17
C PRO C 371 -30.61 28.72 -10.74
N LEU C 372 -29.68 29.50 -10.17
CA LEU C 372 -29.87 29.99 -8.80
C LEU C 372 -31.04 30.97 -8.72
N ALA C 373 -31.23 31.83 -9.73
CA ALA C 373 -32.36 32.76 -9.69
C ALA C 373 -33.70 32.02 -9.64
N VAL C 374 -33.81 30.90 -10.37
CA VAL C 374 -35.05 30.14 -10.41
C VAL C 374 -35.33 29.56 -9.03
N LEU C 375 -34.33 28.88 -8.45
CA LEU C 375 -34.48 28.30 -7.12
C LEU C 375 -34.90 29.36 -6.10
N ARG C 376 -34.29 30.56 -6.16
CA ARG C 376 -34.68 31.59 -5.18
C ARG C 376 -36.10 32.07 -5.44
N GLU C 377 -36.54 32.07 -6.72
CA GLU C 377 -37.92 32.50 -7.02
C GLU C 377 -38.96 31.52 -6.45
N VAL C 378 -38.64 30.23 -6.25
CA VAL C 378 -39.58 29.31 -5.62
C VAL C 378 -39.39 29.18 -4.12
N GLY C 379 -38.47 29.95 -3.54
CA GLY C 379 -38.25 30.02 -2.12
C GLY C 379 -37.12 29.16 -1.60
N ALA C 380 -36.41 28.41 -2.46
CA ALA C 380 -35.25 27.68 -1.95
C ALA C 380 -34.09 28.63 -1.68
N GLN C 381 -33.16 28.19 -0.83
CA GLN C 381 -31.95 28.92 -0.48
C GLN C 381 -32.27 30.19 0.28
N TYR C 382 -33.45 30.24 0.93
CA TYR C 382 -33.83 31.47 1.64
C TYR C 382 -33.14 31.51 3.01
N ARG C 383 -32.22 32.44 3.19
CA ARG C 383 -31.41 32.45 4.41
C ARG C 383 -32.27 32.54 5.66
N LEU C 384 -32.19 31.50 6.50
CA LEU C 384 -32.92 31.42 7.77
C LEU C 384 -31.99 30.85 8.83
N GLY C 385 -32.23 29.58 9.23
CA GLY C 385 -31.30 28.86 10.09
C GLY C 385 -31.17 27.41 9.67
N ALA C 386 -31.00 27.16 8.37
CA ALA C 386 -30.96 25.85 7.77
C ALA C 386 -29.54 25.43 7.40
N PHE C 387 -29.41 24.21 6.89
CA PHE C 387 -28.12 23.61 6.58
C PHE C 387 -28.08 23.37 5.09
N GLN C 388 -27.30 24.19 4.37
CA GLN C 388 -27.20 24.04 2.92
C GLN C 388 -26.59 22.66 2.57
N ASP C 389 -26.99 22.11 1.44
CA ASP C 389 -26.47 20.82 0.95
C ASP C 389 -25.69 21.09 -0.35
N ALA C 390 -24.36 20.89 -0.31
CA ALA C 390 -23.54 21.17 -1.50
C ALA C 390 -24.02 20.40 -2.74
N GLN C 391 -24.68 19.24 -2.54
CA GLN C 391 -25.23 18.54 -3.70
C GLN C 391 -26.23 19.40 -4.46
N TYR C 392 -26.88 20.37 -3.82
CA TYR C 392 -27.75 21.28 -4.55
C TYR C 392 -26.92 22.11 -5.51
N GLU C 393 -25.80 22.60 -5.00
CA GLU C 393 -24.94 23.46 -5.79
C GLU C 393 -24.27 22.68 -6.91
N LEU C 394 -23.74 21.48 -6.58
CA LEU C 394 -23.18 20.61 -7.62
C LEU C 394 -24.23 20.22 -8.66
N GLY C 395 -25.53 20.28 -8.29
CA GLY C 395 -26.59 19.87 -9.23
C GLY C 395 -26.88 20.85 -10.36
N TRP C 396 -26.57 22.14 -10.18
CA TRP C 396 -26.69 23.10 -11.30
C TRP C 396 -25.38 23.77 -11.72
N ALA C 397 -24.32 23.68 -10.94
CA ALA C 397 -23.07 24.29 -11.34
C ALA C 397 -22.57 23.68 -12.64
N SER C 398 -22.04 24.54 -13.53
CA SER C 398 -21.52 24.09 -14.82
C SER C 398 -20.23 23.29 -14.64
N GLU C 399 -19.78 22.61 -15.70
CA GLU C 399 -18.48 21.95 -15.58
C GLU C 399 -17.38 22.97 -15.27
N SER C 400 -17.47 24.17 -15.89
CA SER C 400 -16.44 25.18 -15.72
C SER C 400 -16.43 25.72 -14.29
N ALA C 401 -17.63 25.86 -13.66
CA ALA C 401 -17.67 26.21 -12.25
C ALA C 401 -17.01 25.14 -11.38
N LYS C 402 -17.36 23.86 -11.60
CA LYS C 402 -16.78 22.82 -10.77
C LYS C 402 -15.26 22.74 -10.94
N ALA C 403 -14.78 22.84 -12.18
CA ALA C 403 -13.33 22.94 -12.35
C ALA C 403 -12.79 24.23 -11.69
N GLY C 404 -13.59 25.30 -11.67
CA GLY C 404 -13.17 26.55 -11.05
C GLY C 404 -12.89 26.44 -9.56
N TYR C 405 -13.77 25.74 -8.82
CA TYR C 405 -13.49 25.48 -7.40
C TYR C 405 -12.12 24.90 -7.23
N LYS C 406 -11.86 23.87 -7.97
CA LYS C 406 -10.61 23.15 -7.86
C LYS C 406 -9.45 24.04 -8.30
N TYR C 407 -9.67 24.88 -9.31
CA TYR C 407 -8.64 25.83 -9.78
C TYR C 407 -8.21 26.73 -8.62
N TYR C 408 -9.17 27.26 -7.86
CA TYR C 408 -8.83 28.14 -6.75
C TYR C 408 -8.28 27.38 -5.56
N MET C 409 -8.83 26.21 -5.26
CA MET C 409 -8.26 25.41 -4.19
C MET C 409 -6.83 24.96 -4.55
N ASP C 410 -6.65 24.33 -5.72
CA ASP C 410 -5.34 23.74 -6.10
C ASP C 410 -4.23 24.78 -6.21
N ASN C 411 -4.57 26.05 -6.44
CA ASN C 411 -3.55 27.09 -6.56
C ASN C 411 -3.32 27.80 -5.27
N ASP C 412 -4.06 27.43 -4.21
CA ASP C 412 -3.81 27.98 -2.88
C ASP C 412 -3.85 29.53 -2.86
N VAL C 413 -4.80 30.13 -3.63
CA VAL C 413 -4.93 31.59 -3.63
C VAL C 413 -5.92 32.11 -2.58
N VAL C 414 -6.70 31.23 -1.92
CA VAL C 414 -7.76 31.67 -0.99
C VAL C 414 -7.24 31.77 0.44
N LEU C 415 -7.48 32.90 1.10
CA LEU C 415 -7.21 33.03 2.54
C LEU C 415 -8.46 32.76 3.36
N ASP C 416 -8.31 31.97 4.43
CA ASP C 416 -9.46 31.68 5.31
C ASP C 416 -10.03 32.99 5.86
N GLU C 417 -11.36 33.06 5.89
CA GLU C 417 -12.05 34.20 6.48
C GLU C 417 -11.81 34.16 7.99
N LEU C 418 -11.73 35.34 8.60
CA LEU C 418 -11.60 35.42 10.07
C LEU C 418 -12.92 35.00 10.71
N PRO C 419 -12.99 33.88 11.44
CA PRO C 419 -14.29 33.43 11.99
C PRO C 419 -14.79 34.40 13.05
N ILE C 420 -15.95 35.01 12.78
CA ILE C 420 -16.66 35.97 13.65
C ILE C 420 -16.58 35.58 15.14
N LEU C 421 -15.89 36.42 15.94
CA LEU C 421 -15.41 36.11 17.30
C LEU C 421 -16.45 36.46 18.38
N LYS C 422 -16.37 35.77 19.52
CA LYS C 422 -17.36 35.88 20.58
C LYS C 422 -16.70 36.39 21.86
N TYR C 423 -17.34 37.36 22.50
CA TYR C 423 -16.75 38.13 23.59
C TYR C 423 -17.64 38.04 24.83
N THR C 424 -17.03 38.23 26.01
CA THR C 424 -17.78 38.39 27.26
C THR C 424 -18.84 39.48 27.14
N LYS C 425 -19.91 39.34 27.92
CA LYS C 425 -21.11 40.18 27.92
C LYS C 425 -20.94 41.64 27.46
N GLU C 426 -19.89 42.30 27.95
CA GLU C 426 -19.78 43.75 27.82
C GLU C 426 -18.65 44.21 26.91
N LYS C 427 -17.65 43.36 26.64
CA LYS C 427 -16.84 43.60 25.45
C LYS C 427 -17.68 43.42 24.19
N SER C 428 -18.60 42.47 24.19
CA SER C 428 -19.48 42.27 23.06
C SER C 428 -20.25 43.55 22.75
N LYS C 429 -21.08 44.03 23.69
CA LYS C 429 -21.82 45.25 23.37
C LYS C 429 -20.89 46.46 23.22
N GLU C 430 -19.63 46.38 23.67
CA GLU C 430 -18.69 47.48 23.45
C GLU C 430 -18.02 47.37 22.07
N PHE C 431 -17.50 46.19 21.71
CA PHE C 431 -16.94 45.98 20.38
C PHE C 431 -17.93 46.33 19.26
N VAL C 432 -19.11 45.73 19.28
CA VAL C 432 -20.01 45.93 18.15
C VAL C 432 -20.43 47.40 18.10
N SER C 433 -20.46 48.09 19.25
CA SER C 433 -20.73 49.52 19.21
C SER C 433 -19.61 50.30 18.48
N ILE C 434 -18.34 50.06 18.83
CA ILE C 434 -17.22 50.69 18.12
C ILE C 434 -17.19 50.22 16.66
N ASP C 435 -17.33 48.90 16.46
CA ASP C 435 -17.33 48.28 15.13
C ASP C 435 -18.39 48.90 14.26
N THR C 436 -19.61 49.08 14.80
CA THR C 436 -20.67 49.68 14.00
C THR C 436 -20.44 51.17 13.76
N ALA C 437 -19.94 51.90 14.76
CA ALA C 437 -19.66 53.30 14.48
C ALA C 437 -18.52 53.44 13.45
N MET C 438 -17.50 52.57 13.49
CA MET C 438 -16.45 52.66 12.45
C MET C 438 -16.99 52.33 11.06
N ARG C 439 -17.89 51.35 10.98
CA ARG C 439 -18.44 50.98 9.68
C ARG C 439 -19.10 52.18 8.99
N ALA C 440 -19.84 53.01 9.74
CA ALA C 440 -20.50 54.16 9.16
C ALA C 440 -19.49 55.17 8.63
N VAL C 441 -18.37 55.34 9.35
CA VAL C 441 -17.37 56.30 8.89
C VAL C 441 -16.68 55.80 7.62
N VAL C 442 -16.31 54.52 7.61
CA VAL C 442 -15.67 53.92 6.45
C VAL C 442 -16.56 54.04 5.22
N GLU C 443 -17.83 53.67 5.37
CA GLU C 443 -18.72 53.68 4.24
C GLU C 443 -19.02 55.09 3.79
N GLU C 444 -19.06 56.07 4.71
CA GLU C 444 -19.23 57.46 4.28
C GLU C 444 -18.03 57.92 3.46
N LYS C 445 -16.82 57.80 4.02
CA LYS C 445 -15.66 58.37 3.35
C LYS C 445 -15.26 57.59 2.11
N ALA C 446 -15.40 56.25 2.13
CA ALA C 446 -15.04 55.46 0.95
C ALA C 446 -15.86 55.84 -0.25
N GLN C 447 -17.15 56.01 -0.05
CA GLN C 447 -18.00 56.45 -1.15
C GLN C 447 -17.55 57.82 -1.64
N GLN C 448 -17.33 58.76 -0.70
CA GLN C 448 -16.96 60.10 -1.15
C GLN C 448 -15.62 60.10 -1.92
N TRP C 449 -14.65 59.31 -1.45
CA TRP C 449 -13.34 59.26 -2.12
C TRP C 449 -13.44 58.65 -3.51
N ILE C 450 -14.16 57.53 -3.62
CA ILE C 450 -14.22 56.82 -4.88
C ILE C 450 -15.00 57.63 -5.88
N LEU C 451 -16.09 58.27 -5.42
CA LEU C 451 -16.94 59.05 -6.34
C LEU C 451 -16.37 60.42 -6.68
N GLY C 452 -15.35 60.87 -5.97
CA GLY C 452 -14.66 62.09 -6.27
C GLY C 452 -15.10 63.29 -5.48
N SER C 453 -15.98 63.13 -4.51
CA SER C 453 -16.45 64.29 -3.76
C SER C 453 -15.55 64.58 -2.59
N GLY C 454 -14.56 63.72 -2.40
CA GLY C 454 -13.54 63.92 -1.41
C GLY C 454 -12.24 63.48 -2.05
N ASP C 455 -11.16 63.91 -1.40
CA ASP C 455 -9.78 63.72 -1.87
C ASP C 455 -9.03 62.92 -0.81
N ILE C 456 -8.74 61.66 -1.11
CA ILE C 456 -8.28 60.80 -0.01
C ILE C 456 -6.93 61.27 0.51
N ASP C 457 -6.11 61.86 -0.35
CA ASP C 457 -4.77 62.29 0.08
C ASP C 457 -4.85 63.38 1.14
N LYS C 458 -5.81 64.31 1.02
CA LYS C 458 -5.90 65.36 2.02
C LYS C 458 -6.65 64.93 3.28
N GLU C 459 -7.54 63.93 3.18
CA GLU C 459 -8.46 63.67 4.28
C GLU C 459 -8.10 62.42 5.05
N TRP C 460 -7.15 61.61 4.55
CA TRP C 460 -6.87 60.30 5.15
C TRP C 460 -6.48 60.44 6.63
N ASP C 461 -5.56 61.37 6.94
CA ASP C 461 -5.07 61.52 8.33
C ASP C 461 -6.21 61.86 9.31
N ALA C 462 -7.13 62.74 8.93
CA ALA C 462 -8.26 63.06 9.83
C ALA C 462 -9.17 61.84 10.02
N TYR C 463 -9.42 61.10 8.96
CA TYR C 463 -10.18 59.86 9.01
C TYR C 463 -9.57 58.86 9.98
N ILE C 464 -8.25 58.62 9.92
CA ILE C 464 -7.65 57.70 10.91
C ILE C 464 -7.87 58.22 12.32
N LYS C 465 -7.68 59.53 12.53
CA LYS C 465 -7.93 60.11 13.85
C LYS C 465 -9.37 59.89 14.30
N ARG C 466 -10.33 60.14 13.42
CA ARG C 466 -11.72 59.87 13.79
C ARG C 466 -11.89 58.43 14.24
N LEU C 467 -11.37 57.48 13.47
CA LEU C 467 -11.51 56.08 13.88
C LEU C 467 -10.89 55.83 15.26
N GLU C 468 -9.65 56.30 15.49
CA GLU C 468 -9.01 56.11 16.78
C GLU C 468 -9.89 56.63 17.91
N ASN C 469 -10.46 57.83 17.70
CA ASN C 469 -11.38 58.53 18.60
C ASN C 469 -12.67 57.76 18.81
N LEU C 470 -13.08 56.96 17.83
CA LEU C 470 -14.18 56.00 18.07
C LEU C 470 -13.75 54.81 18.91
N GLY C 471 -12.47 54.54 19.07
CA GLY C 471 -12.05 53.40 19.86
C GLY C 471 -11.36 52.32 19.06
N LEU C 472 -10.85 52.63 17.90
CA LEU C 472 -10.20 51.63 17.05
C LEU C 472 -9.17 50.83 17.84
N SER C 473 -8.29 51.54 18.55
CA SER C 473 -7.29 50.89 19.39
C SER C 473 -7.92 49.91 20.36
N LYS C 474 -9.03 50.31 20.96
CA LYS C 474 -9.66 49.41 21.91
C LYS C 474 -10.27 48.20 21.20
N ALA C 475 -11.07 48.44 20.14
CA ALA C 475 -11.70 47.30 19.45
C ALA C 475 -10.63 46.37 18.96
N GLU C 476 -9.51 46.92 18.45
CA GLU C 476 -8.39 46.09 18.06
C GLU C 476 -7.90 45.26 19.25
N GLN C 477 -7.88 45.85 20.45
CA GLN C 477 -7.46 45.08 21.61
C GLN C 477 -8.51 44.04 22.00
N ILE C 478 -9.78 44.43 21.98
CA ILE C 478 -10.83 43.41 22.19
C ILE C 478 -10.71 42.27 21.18
N GLN C 479 -10.39 42.61 19.93
CA GLN C 479 -10.31 41.62 18.85
C GLN C 479 -9.20 40.62 19.05
N ASN C 480 -8.08 41.03 19.61
CA ASN C 480 -6.94 40.12 19.78
C ASN C 480 -7.05 39.26 21.05
N GLU C 481 -7.87 39.69 22.04
CA GLU C 481 -8.18 38.87 23.20
C GLU C 481 -9.15 37.74 22.85
N ALA C 482 -10.21 38.05 22.10
CA ALA C 482 -11.16 37.02 21.63
C ALA C 482 -10.53 36.04 20.64
N PHE C 483 -9.34 36.34 20.12
CA PHE C 483 -8.66 35.49 19.15
C PHE C 483 -7.71 34.51 19.87
#